data_7PW6
#
_entry.id   7PW6
#
_cell.length_a   1.00
_cell.length_b   1.00
_cell.length_c   1.00
_cell.angle_alpha   90.00
_cell.angle_beta   90.00
_cell.angle_gamma   90.00
#
_symmetry.space_group_name_H-M   'P 1'
#
loop_
_entity.id
_entity.type
_entity.pdbx_description
1 polymer 'Serine/threonine-protein kinase SMG1,Serine/threonine-protein kinase SMG1,Serine/threonine-protein kinase SMG1,Serine/threonine-protein kinase SMG1,Serine/threonine-protein kinase SMG1,Serine/threonine-protein kinase SMG1,Serine/threonine-protein kinase SMG1'
2 non-polymer 'INOSITOL HEXAKISPHOSPHATE'
3 non-polymer 1-[4-[4-[2-[[4-chloranyl-3-(diethylsulfamoyl)phenyl]amino]pyrimidin-4-yl]pyridin-2-yl]phenyl]-3-methyl-urea
#
_entity_poly.entity_id   1
_entity_poly.type   'polypeptide(L)'
_entity_poly.pdbx_seq_one_letter_code
;ANTLVEDVNICLQACSSLHALSSSLPDDLLQRCVDVCRVQLVHSGTRIRQAFGKLLKSIPLDVVLSNNNHTEIQEISLAL
RSHMSKAPSNTFHPQDFSDVISFILYGNSHRTGKDNWLERLFYSCQRLDKRDQSTIPRNLLKTDAVLWQWAIWEAAQFTV
LSKLRTPLGRAQDTFQTIEGIIRSLAAHTLNPDQDVSQWTTADNDEGHGNNQLRLVLLLQYLENLEKLMYNAYEGCANAL
TSPPKVIRTFFYTNRQTCQDWLTRIRLSIMRVGLLAGQPAVTVRHGFDLLTEMKTTSLSQGNELEVTIMMVVEALCELHC
PEAIQGIAVWSSSIVGKNLLWINSVAQQAEGRFEKASVEYQEHLCAMTGVDCCISSFDKSVLTLANAGRNSASPKHSLNG
ESRKTVLSKPTDSSPEVINYLGNKACECYISIADWAAVQEWQNSIHDLKKSTSSTSLNLKADFNYIKSLSSFESGKFVEC
TEQLELLPGENINLLAGGSKEKINMKKLLPNMLSPDPRELQKSIEVQLLRSSVCLATALNPIEQDQKWQSITENVVKYLK
QTSRIAIGPLRLSTLTVSQSLPVLSTLQLYCSSALENTVSNRLSTEDCLIPLFSEALRSCKQHDVRPWMQALRYTMYQNQ
LLEKIKEQTVPIRSHLMELGLTAAKFARKRGNVSLATRLLAQCSEVQLGKTTTAQDLVQHFKKLSTQGQVDEKWGPELDI
EKTKLLYTAGQSTHAMEMLSSCAISFCKSVKAEYAVAKSILTLAKWIQAEWKEISGQLKQVYRAQHQQNFTGLSTLSKNI
LTLIELPSVNTMEEEYPRIESESTVHIGVGEPDFILGQLYHLSSVQAPEVAKSWAALASWAYRWGRKVVDNAS(UNK)
(UNK)(UNK)(UNK)(UNK)(UNK)(UNK)(UNK)(UNK)(UNK)(UNK)(UNK)(UNK)(UNK)(UNK)(UNK)(UNK)
(UNK)(UNK)(UNK)(UNK)(UNK)(UNK)(UNK)(UNK)(UNK)(UNK)(UNK)(UNK)(UNK)(UNK)(UNK)(UNK)
(UNK)(UNK)(UNK)(UNK)(UNK)(UNK)(UNK)(UNK)(UNK)(UNK)(UNK)(UNK)(UNK)(UNK)(UNK)(UNK)
(UNK)(UNK)(UNK)(UNK)(UNK)(UNK)(UNK)(UNK)(UNK)(UNK)(UNK)(UNK)(UNK)(UNK)(UNK)(UNK)
(UNK)(UNK)(UNK)(UNK)(UNK)(UNK)(UNK)(UNK)(UNK)(UNK)(UNK)(UNK)(UNK)(UNK)(UNK)(UNK)
(UNK)(UNK)(UNK)(UNK)(UNK)(UNK)(UNK)EGVIKVWRKVVDRIFSLYKLSCSAYFTFLKLNAGQIPLDEDDPRL
HLSHRVEQSTDDMIVMATLRLLRLLVKHAGELRQYLEHGLETTPTAPWRGIIPQLFSRLNHPEVYVRQSICNLLCRVAQD
SPHLILYPAIVGTISLSSESQASGNKFSTAIPTLLGNIQGEELLVSECEGGSPPASQDSNKDEPKSGLNEDQAMMQDCYS
KIVDKLSSANPTMVLQVQMLVAELRRVTVLWDELWLGVLLQQHMYVL(UNK)(UNK)(UNK)(UNK)(UNK)(UNK)
(UNK)(UNK)(UNK)(UNK)(UNK)(UNK)(UNK)(UNK)(UNK)(UNK)(UNK)(UNK)(UNK)(UNK)(UNK)(UNK)
(UNK)(UNK)(UNK)(UNK)(UNK)(UNK)(UNK)(UNK)(UNK)(UNK)(UNK)(UNK)(UNK)(UNK)(UNK)(UNK)
(UNK)(UNK)(UNK)(UNK)(UNK)(UNK)(UNK)(UNK)(UNK)(UNK)(UNK)(UNK)(UNK)(UNK)(UNK)(UNK)
(UNK)(UNK)PHEKWFQDNYGDAIENALEKLK(UNK)(UNK)(UNK)(UNK)(UNK)(UNK)(UNK)(UNK)(UNK)
(UNK)(UNK)(UNK)(UNK)(UNK)(UNK)(UNK)(UNK)(UNK)(UNK)(UNK)(UNK)(UNK)(UNK)(UNK)(UNK)
(UNK)(UNK)(UNK)(UNK)(UNK)(UNK)YILRLEEISPWLAAMTNTEIALPGEVSARDTVTIHSVGGTITILPTKTKP
KKLLFLGSDGKSYPYLFKGLEDLHLDERIMQFLSIVNTMFATINRQETPRFHARHYSVTPLGTRSGLIQWVDGATPLFGL
YKRWQQREAALQAQKAQDSYQTPQNPGIVPRPSELYYSKIGPALKTVGLSLDVSRRDWPLHVMKAVLEELMEATPPNLLA
KELWSSCTTPDEWWRVTQSYARSTAVMSMVGYIIGLGDRHLDNVLIDMTTGEVVHIDYNVCFEKGKSLRVPEKVPFRMTQ
NIETALGVTGVEGVFRLSCEQVLHIMRRGRETLLTLLEAFVYDPLVDWTAGGEAGFAGAVYGGGGQQAESKQSKREMERE
ITRSLFSSRVAEIKVNWFKNRDEMLVVLPKLDGSLDEYLSLQEQLTDVEKLQGKLLEEIEFLEGAEGVDHPSHTLQHRYS
EHTQLQTQQRAVQEAIQVKLNEFEQWITHYQAAFNNLEATQLASLLQEISTQMDLGPPSYVPATAFLQNAGQAHLISQCE
QLEGEVGALLQQRRSVLRGCLEQLHHYATVALQYPKAIFQKHRIEQWKTWMEELICNTTVERCQELYRKYEMQYAPQPPP
TVCQFITATEMTLQRYAADINSRLIRQVERLKQEAVTVPVCEDQLKEIERCIKVFLHENGEEGSLSLASVIISALCTLTR
RNLMMEGAASSAGEQLVDLTSRDGAWFLEELCSMSGNVTCLVQLLKQCHLVPQDLDIPNPMEASETVHLANGVYTSLQEL
NSNFRQIIFPEALRCLMKGEYTLESMLHELDGLIEQTTDGVPLQTLVESLQAYLRNAAMGLEEETHAHYIDVARLLHAQY
GELIQPRNGSVDETPKMSAGQMLLVAFDGMFAQVETAFSLLVEKLNKMEIPIAWRKIDIIREARSTQVNFFDDDNHRQVL
EEIFFLKRLQTIKEFFRLCGTFSKTLSGSSSLEDQNTVNGPVQIVNVKTLFRNSCFSEDQMAKPIKAFTADFVRQLLIGL
PNQALGLTLCSFISALGVDIIAQVEAKDFGAESKVSVDDLCKKAVEHNIQIGKFSQLVMNRATVLASSYDTAWKKHDLVR
RLETSISSCKTSLQRVQLHIAMFQWQHEDLLINRPQAMSVTPPPRSAILTSMKKKLHTLSQIETSIATVQEKLAALESSI
EQRLKWAGGANPALAPVLQDFEATIAERRNLVLKESQRASQVTFLCSNIIHFESLRTRTAEALNLDAALFELIKRCQQMC
SFASQFNSSVSELELRLLQRVDTGLEHPIGSSEWLLSAHKQLTQDMSTQRAIQTEKEQQIETVCETIQNLVDNIKTVLTG
HNRQLGDVKHLLKAMAKDEEAALADGEDVPYENSVRQFLGEYKSWQDNIQTVLFTLVQAMGQVRSQEHVEMLQEITPTLK
ELKTQSQSIYNNLVSFASPLVTDATNECSSPTSSATYQPSFAAAVRSNTGQKTQPDVMSQNARKLIQKNLATSADTPPST
VPGTGKSVACSPKKAVRDPKTGKAVQERNSYAVSVWKRVKAKLEGRDVDPNRRMSVAEQVDYVIKEATNLDNLAQLYEGW
TAWV
;
_entity_poly.pdbx_strand_id   A
#
loop_
_chem_comp.id
_chem_comp.type
_chem_comp.name
_chem_comp.formula
88C non-polymer 1-[4-[4-[2-[[4-chloranyl-3-(diethylsulfamoyl)phenyl]amino]pyrimidin-4-yl]pyridin-2-yl]phenyl]-3-methyl-urea 'C27 H28 Cl N7 O3 S'
IHP non-polymer 'INOSITOL HEXAKISPHOSPHATE' 'C6 H18 O24 P6'
#
# COMPACT_ATOMS: atom_id res chain seq x y z
N ALA A 1 3.02 6.62 -27.77
CA ALA A 1 2.57 5.62 -28.74
C ALA A 1 3.56 5.49 -29.87
N ASN A 2 4.11 6.62 -30.32
CA ASN A 2 5.07 6.61 -31.42
C ASN A 2 6.34 5.85 -31.03
N THR A 3 6.71 5.88 -29.76
CA THR A 3 7.90 5.19 -29.30
C THR A 3 7.58 3.72 -29.04
N LEU A 4 8.63 2.94 -28.82
CA LEU A 4 8.52 1.50 -28.56
C LEU A 4 7.78 0.79 -29.68
N VAL A 5 8.20 1.08 -30.92
CA VAL A 5 7.60 0.49 -32.11
C VAL A 5 8.68 -0.33 -32.83
N GLU A 6 8.22 -1.14 -33.79
CA GLU A 6 9.15 -1.97 -34.55
C GLU A 6 10.13 -1.12 -35.36
N ASP A 7 9.64 -0.06 -35.99
CA ASP A 7 10.50 0.81 -36.78
C ASP A 7 11.41 1.62 -35.88
N VAL A 8 12.66 1.77 -36.30
CA VAL A 8 13.64 2.54 -35.54
C VAL A 8 13.49 4.02 -35.82
N PRO A 26 3.84 17.66 -17.48
CA PRO A 26 3.20 17.25 -16.23
C PRO A 26 3.76 15.94 -15.69
N ASP A 27 3.52 15.66 -14.41
CA ASP A 27 4.02 14.43 -13.80
C ASP A 27 3.40 13.20 -14.44
N ASP A 28 2.14 13.29 -14.89
CA ASP A 28 1.49 12.14 -15.51
C ASP A 28 2.24 11.70 -16.75
N LEU A 29 2.63 12.65 -17.60
CA LEU A 29 3.36 12.29 -18.82
C LEU A 29 4.81 11.94 -18.50
N LEU A 30 5.41 12.62 -17.52
CA LEU A 30 6.79 12.35 -17.16
C LEU A 30 6.95 10.92 -16.65
N GLN A 31 5.97 10.41 -15.90
CA GLN A 31 6.09 9.04 -15.39
C GLN A 31 6.14 8.05 -16.55
N ARG A 32 5.26 8.23 -17.54
CA ARG A 32 5.26 7.33 -18.68
C ARG A 32 6.56 7.46 -19.45
N CYS A 33 7.09 8.70 -19.55
CA CYS A 33 8.34 8.90 -20.27
C CYS A 33 9.47 8.16 -19.56
N VAL A 34 9.47 8.20 -18.23
CA VAL A 34 10.50 7.51 -17.45
C VAL A 34 10.40 6.01 -17.69
N ASP A 35 9.18 5.48 -17.68
CA ASP A 35 9.01 4.04 -17.90
C ASP A 35 9.51 3.64 -19.28
N VAL A 36 9.18 4.45 -20.30
CA VAL A 36 9.60 4.16 -21.67
C VAL A 36 11.12 4.20 -21.76
N CYS A 37 11.75 5.20 -21.12
CA CYS A 37 13.20 5.30 -21.16
C CYS A 37 13.83 4.10 -20.48
N ARG A 38 13.26 3.67 -19.36
CA ARG A 38 13.79 2.51 -18.64
C ARG A 38 13.75 1.27 -19.51
N VAL A 39 12.62 1.05 -20.20
CA VAL A 39 12.51 -0.12 -21.07
C VAL A 39 13.48 -0.02 -22.23
N GLN A 40 13.59 1.16 -22.84
CA GLN A 40 14.49 1.36 -23.96
C GLN A 40 15.96 1.46 -23.55
N LEU A 41 16.25 1.51 -22.25
CA LEU A 41 17.65 1.60 -21.82
C LEU A 41 18.45 0.41 -22.32
N VAL A 42 17.82 -0.77 -22.38
CA VAL A 42 18.49 -1.97 -22.84
C VAL A 42 17.88 -2.34 -24.20
N HIS A 43 18.49 -1.83 -25.26
CA HIS A 43 18.04 -2.07 -26.63
C HIS A 43 19.20 -2.61 -27.46
N SER A 44 18.85 -3.36 -28.50
CA SER A 44 19.88 -3.94 -29.37
C SER A 44 20.68 -2.85 -30.06
N GLY A 45 20.01 -1.81 -30.55
CA GLY A 45 20.69 -0.73 -31.23
C GLY A 45 21.32 0.26 -30.24
N THR A 46 22.58 0.61 -30.51
CA THR A 46 23.29 1.55 -29.64
C THR A 46 22.72 2.96 -29.75
N ARG A 47 22.27 3.35 -30.93
CA ARG A 47 21.71 4.69 -31.11
C ARG A 47 20.48 4.90 -30.24
N ILE A 48 19.60 3.91 -30.16
CA ILE A 48 18.40 4.05 -29.34
C ILE A 48 18.77 4.25 -27.88
N ARG A 49 19.71 3.45 -27.38
CA ARG A 49 20.12 3.58 -25.99
C ARG A 49 20.73 4.95 -25.72
N GLN A 50 21.61 5.40 -26.62
CA GLN A 50 22.23 6.72 -26.44
C GLN A 50 21.20 7.83 -26.50
N ALA A 51 20.21 7.72 -27.39
CA ALA A 51 19.20 8.75 -27.51
C ALA A 51 18.31 8.81 -26.26
N PHE A 52 17.84 7.66 -25.79
CA PHE A 52 16.99 7.66 -24.61
C PHE A 52 17.75 8.01 -23.33
N GLY A 53 19.06 7.78 -23.28
CA GLY A 53 19.80 8.12 -22.08
C GLY A 53 19.77 9.61 -21.82
N LYS A 54 19.90 10.41 -22.89
CA LYS A 54 19.88 11.86 -22.74
C LYS A 54 18.51 12.32 -22.26
N LEU A 55 17.44 11.71 -22.80
CA LEU A 55 16.10 12.10 -22.38
C LEU A 55 15.89 11.76 -20.91
N LEU A 56 16.40 10.61 -20.48
CA LEU A 56 16.24 10.21 -19.09
C LEU A 56 17.01 11.16 -18.17
N LYS A 57 18.18 11.62 -18.62
CA LYS A 57 18.99 12.53 -17.82
C LYS A 57 18.35 13.91 -17.68
N SER A 58 17.39 14.25 -18.53
CA SER A 58 16.72 15.55 -18.49
C SER A 58 15.50 15.57 -17.58
N ILE A 59 15.17 14.45 -16.94
CA ILE A 59 14.01 14.37 -16.06
C ILE A 59 14.48 14.56 -14.62
N PRO A 60 13.79 15.36 -13.82
CA PRO A 60 14.22 15.57 -12.43
C PRO A 60 14.18 14.28 -11.62
N LEU A 61 15.03 14.24 -10.58
CA LEU A 61 15.10 13.08 -9.71
C LEU A 61 13.81 12.85 -8.94
N ASP A 62 13.02 13.91 -8.71
CA ASP A 62 11.77 13.77 -7.98
C ASP A 62 10.77 12.88 -8.71
N VAL A 63 10.92 12.70 -10.02
CA VAL A 63 10.02 11.86 -10.80
C VAL A 63 10.68 10.52 -11.09
N VAL A 64 11.99 10.55 -11.31
CA VAL A 64 12.73 9.32 -11.60
C VAL A 64 12.77 8.41 -10.38
N LEU A 65 12.95 8.98 -9.18
CA LEU A 65 13.00 8.20 -7.96
C LEU A 65 11.64 7.98 -7.32
N SER A 66 10.56 8.40 -7.96
CA SER A 66 9.24 8.22 -7.40
C SER A 66 8.86 6.73 -7.36
N ASN A 67 7.96 6.40 -6.43
CA ASN A 67 7.50 5.02 -6.25
C ASN A 67 6.27 4.70 -7.08
N ASN A 68 6.06 5.39 -8.19
CA ASN A 68 4.90 5.12 -9.04
C ASN A 68 5.07 3.82 -9.79
N ASN A 69 3.93 3.22 -10.16
CA ASN A 69 3.93 1.97 -10.89
C ASN A 69 4.35 2.17 -12.33
N HIS A 70 5.08 1.18 -12.87
CA HIS A 70 5.57 1.21 -14.25
C HIS A 70 4.89 0.09 -15.02
N THR A 71 3.93 0.46 -15.87
CA THR A 71 3.21 -0.55 -16.66
C THR A 71 4.09 -1.15 -17.74
N GLU A 72 5.10 -0.40 -18.21
CA GLU A 72 5.99 -0.92 -19.24
C GLU A 72 6.70 -2.18 -18.77
N ILE A 73 7.21 -2.17 -17.53
CA ILE A 73 7.89 -3.35 -17.02
C ILE A 73 6.87 -4.45 -16.76
N GLN A 74 5.63 -4.06 -16.42
CA GLN A 74 4.58 -5.03 -16.17
C GLN A 74 4.29 -5.82 -17.43
N GLU A 75 4.31 -5.16 -18.59
CA GLU A 75 4.03 -5.85 -19.84
C GLU A 75 5.06 -6.95 -20.07
N ILE A 76 6.34 -6.65 -19.80
CA ILE A 76 7.39 -7.64 -19.98
C ILE A 76 7.19 -8.79 -19.00
N SER A 77 6.81 -8.46 -17.77
CA SER A 77 6.59 -9.50 -16.77
C SER A 77 5.47 -10.43 -17.21
N LEU A 78 4.38 -9.85 -17.73
CA LEU A 78 3.26 -10.68 -18.19
C LEU A 78 3.66 -11.55 -19.36
N ALA A 79 4.44 -11.00 -20.30
CA ALA A 79 4.87 -11.79 -21.45
C ALA A 79 5.71 -12.97 -20.99
N LEU A 80 6.64 -12.73 -20.06
CA LEU A 80 7.48 -13.81 -19.56
C LEU A 80 6.65 -14.84 -18.82
N ARG A 81 5.69 -14.39 -18.00
CA ARG A 81 4.84 -15.32 -17.27
C ARG A 81 4.05 -16.20 -18.23
N SER A 82 3.51 -15.59 -19.29
CA SER A 82 2.75 -16.35 -20.26
C SER A 82 3.63 -17.38 -20.96
N HIS A 83 4.89 -17.01 -21.22
CA HIS A 83 5.78 -17.96 -21.88
C HIS A 83 6.12 -19.14 -20.97
N MET A 84 6.38 -18.88 -19.69
CA MET A 84 6.70 -19.98 -18.78
C MET A 84 5.49 -20.87 -18.51
N SER A 85 4.31 -20.27 -18.36
CA SER A 85 3.11 -21.06 -18.11
C SER A 85 2.76 -21.97 -19.28
N LYS A 86 3.24 -21.67 -20.48
CA LYS A 86 2.96 -22.48 -21.64
C LYS A 86 3.72 -23.82 -21.55
N ALA A 87 3.22 -24.80 -22.29
CA ALA A 87 3.84 -26.12 -22.30
C ALA A 87 5.24 -26.05 -22.90
N PRO A 88 6.14 -26.94 -22.49
CA PRO A 88 7.50 -26.91 -23.05
C PRO A 88 7.49 -27.14 -24.55
N SER A 89 8.40 -26.43 -25.23
CA SER A 89 8.54 -26.53 -26.68
C SER A 89 9.54 -27.60 -27.11
N ASN A 90 10.59 -27.79 -26.31
CA ASN A 90 11.66 -28.77 -26.55
C ASN A 90 12.42 -28.49 -27.83
N THR A 91 12.46 -27.26 -28.29
CA THR A 91 13.17 -26.89 -29.51
C THR A 91 14.61 -26.43 -29.26
N PHE A 92 14.99 -26.25 -28.00
CA PHE A 92 16.35 -25.82 -27.68
C PHE A 92 17.33 -26.94 -27.96
N HIS A 93 18.27 -26.70 -28.86
CA HIS A 93 19.27 -27.68 -29.25
C HIS A 93 20.47 -27.63 -28.31
N PRO A 94 21.24 -28.71 -28.24
CA PRO A 94 22.41 -28.72 -27.34
C PRO A 94 23.42 -27.63 -27.64
N GLN A 95 23.59 -27.27 -28.92
CA GLN A 95 24.55 -26.22 -29.26
C GLN A 95 24.15 -24.88 -28.66
N ASP A 96 22.85 -24.57 -28.67
CA ASP A 96 22.39 -23.31 -28.10
C ASP A 96 22.71 -23.26 -26.61
N PHE A 97 22.44 -24.35 -25.90
CA PHE A 97 22.72 -24.40 -24.48
C PHE A 97 24.22 -24.29 -24.23
N SER A 98 25.02 -24.94 -25.08
CA SER A 98 26.46 -24.88 -24.92
C SER A 98 26.96 -23.45 -25.08
N ASP A 99 26.43 -22.72 -26.06
CA ASP A 99 26.84 -21.34 -26.27
C ASP A 99 26.42 -20.46 -25.10
N VAL A 100 25.20 -20.63 -24.62
CA VAL A 100 24.72 -19.81 -23.50
C VAL A 100 25.57 -20.05 -22.26
N ILE A 101 25.84 -21.32 -21.95
CA ILE A 101 26.66 -21.64 -20.79
C ILE A 101 28.09 -21.17 -20.99
N SER A 102 28.62 -21.26 -22.21
CA SER A 102 29.97 -20.81 -22.47
C SER A 102 30.09 -19.32 -22.20
N PHE A 103 29.07 -18.55 -22.60
CA PHE A 103 29.12 -17.12 -22.36
C PHE A 103 28.93 -16.78 -20.90
N ILE A 104 28.07 -17.53 -20.19
CA ILE A 104 27.83 -17.25 -18.78
C ILE A 104 29.03 -17.63 -17.88
N LEU A 105 29.67 -18.77 -18.13
CA LEU A 105 30.80 -19.21 -17.33
C LEU A 105 32.18 -18.79 -17.85
N TYR A 106 32.30 -18.40 -19.11
CA TYR A 106 33.59 -18.01 -19.64
C TYR A 106 33.61 -16.66 -20.34
N GLY A 107 32.46 -16.08 -20.68
CA GLY A 107 32.41 -14.80 -21.35
C GLY A 107 32.43 -14.86 -22.85
N ASN A 108 32.80 -16.00 -23.43
CA ASN A 108 32.85 -16.16 -24.88
C ASN A 108 31.54 -16.75 -25.38
N SER A 109 30.91 -16.07 -26.32
CA SER A 109 29.64 -16.53 -26.89
C SER A 109 29.80 -17.35 -28.15
N HIS A 110 30.91 -17.21 -28.86
CA HIS A 110 31.21 -17.94 -30.10
C HIS A 110 30.21 -17.63 -31.21
N ARG A 111 29.48 -16.52 -31.10
CA ARG A 111 28.49 -16.15 -32.10
C ARG A 111 28.59 -14.65 -32.34
N THR A 112 28.84 -14.26 -33.58
CA THR A 112 28.96 -12.85 -33.94
C THR A 112 27.66 -12.32 -34.52
N ASN A 116 22.99 -8.85 -32.09
CA ASN A 116 21.69 -9.25 -32.60
C ASN A 116 21.61 -10.77 -32.76
N TRP A 117 22.53 -11.48 -32.11
CA TRP A 117 22.52 -12.94 -32.19
C TRP A 117 21.41 -13.56 -31.35
N LEU A 118 21.02 -12.90 -30.26
CA LEU A 118 19.95 -13.43 -29.41
C LEU A 118 18.64 -13.52 -30.19
N GLU A 119 18.34 -12.48 -30.99
CA GLU A 119 17.12 -12.47 -31.77
C GLU A 119 17.14 -13.60 -32.79
N ARG A 120 18.30 -13.82 -33.42
CA ARG A 120 18.40 -14.89 -34.41
C ARG A 120 18.17 -16.23 -33.75
N LEU A 121 18.74 -16.43 -32.55
CA LEU A 121 18.57 -17.70 -31.86
C LEU A 121 17.10 -17.91 -31.50
N PHE A 122 16.44 -16.85 -31.02
CA PHE A 122 15.03 -16.96 -30.66
C PHE A 122 14.19 -17.33 -31.88
N TYR A 123 14.45 -16.66 -33.01
CA TYR A 123 13.69 -16.96 -34.22
C TYR A 123 13.93 -18.38 -34.69
N SER A 124 15.18 -18.85 -34.59
CA SER A 124 15.48 -20.20 -35.03
C SER A 124 14.81 -21.24 -34.13
N CYS A 125 14.66 -20.94 -32.84
CA CYS A 125 14.02 -21.89 -31.93
C CYS A 125 12.52 -21.98 -32.12
N GLN A 126 11.87 -20.92 -32.61
CA GLN A 126 10.42 -20.95 -32.81
C GLN A 126 10.04 -21.89 -33.96
N ARG A 127 8.77 -22.27 -33.96
CA ARG A 127 8.21 -23.16 -34.98
C ARG A 127 6.91 -22.57 -35.48
N LEU A 128 6.73 -22.58 -36.80
CA LEU A 128 5.51 -22.04 -37.39
C LEU A 128 4.32 -22.99 -37.21
N ASP A 129 4.58 -24.30 -37.30
CA ASP A 129 3.51 -25.28 -37.15
C ASP A 129 2.87 -25.19 -35.76
N LYS A 130 3.70 -25.09 -34.72
CA LYS A 130 3.19 -25.00 -33.36
C LYS A 130 2.70 -23.59 -33.04
N THR A 135 4.45 -16.60 -28.21
CA THR A 135 3.51 -15.56 -28.62
C THR A 135 3.89 -14.20 -28.02
N ILE A 136 5.19 -14.02 -27.79
CA ILE A 136 5.72 -12.78 -27.23
C ILE A 136 5.49 -11.66 -28.23
N PRO A 137 5.09 -10.47 -27.79
CA PRO A 137 4.86 -9.36 -28.74
C PRO A 137 6.11 -9.06 -29.55
N ARG A 138 5.91 -8.73 -30.83
CA ARG A 138 7.02 -8.42 -31.71
C ARG A 138 7.78 -7.17 -31.26
N ASN A 139 7.07 -6.14 -30.82
CA ASN A 139 7.73 -4.91 -30.37
C ASN A 139 8.68 -5.16 -29.21
N LEU A 140 8.47 -6.22 -28.44
CA LEU A 140 9.32 -6.54 -27.29
C LEU A 140 10.50 -7.43 -27.68
N LEU A 141 10.62 -7.81 -28.95
CA LEU A 141 11.72 -8.65 -29.39
C LEU A 141 13.03 -7.88 -29.55
N LYS A 142 12.99 -6.55 -29.45
CA LYS A 142 14.18 -5.73 -29.59
C LYS A 142 14.84 -5.42 -28.25
N THR A 143 14.30 -5.95 -27.15
CA THR A 143 14.83 -5.73 -25.82
C THR A 143 15.73 -6.89 -25.46
N ASP A 144 16.97 -6.60 -25.05
CA ASP A 144 17.90 -7.65 -24.68
C ASP A 144 17.51 -8.34 -23.37
N ALA A 145 16.81 -7.65 -22.48
CA ALA A 145 16.40 -8.26 -21.21
C ALA A 145 15.45 -9.41 -21.44
N VAL A 146 14.44 -9.21 -22.29
CA VAL A 146 13.47 -10.25 -22.58
C VAL A 146 14.15 -11.45 -23.22
N LEU A 147 15.04 -11.19 -24.18
CA LEU A 147 15.75 -12.28 -24.84
C LEU A 147 16.62 -13.05 -23.86
N TRP A 148 17.31 -12.34 -22.96
CA TRP A 148 18.15 -13.03 -21.99
C TRP A 148 17.32 -13.89 -21.05
N GLN A 149 16.20 -13.35 -20.57
CA GLN A 149 15.35 -14.13 -19.67
C GLN A 149 14.81 -15.36 -20.38
N TRP A 150 14.39 -15.20 -21.63
CA TRP A 150 13.85 -16.33 -22.39
C TRP A 150 14.92 -17.39 -22.59
N ALA A 151 16.15 -16.95 -22.90
CA ALA A 151 17.24 -17.91 -23.11
C ALA A 151 17.55 -18.66 -21.82
N ILE A 152 17.57 -17.96 -20.69
CA ILE A 152 17.87 -18.61 -19.42
C ILE A 152 16.80 -19.65 -19.10
N TRP A 153 15.53 -19.27 -19.26
CA TRP A 153 14.45 -20.22 -18.96
C TRP A 153 14.50 -21.41 -19.90
N GLU A 154 14.79 -21.17 -21.18
CA GLU A 154 14.88 -22.27 -22.14
C GLU A 154 16.02 -23.20 -21.77
N ALA A 155 17.16 -22.64 -21.35
CA ALA A 155 18.29 -23.47 -20.97
C ALA A 155 17.93 -24.32 -19.76
N ALA A 156 17.24 -23.74 -18.80
CA ALA A 156 16.84 -24.50 -17.61
C ALA A 156 15.91 -25.63 -18.01
N GLN A 157 14.96 -25.34 -18.91
CA GLN A 157 14.01 -26.35 -19.36
C GLN A 157 14.76 -27.49 -20.05
N PHE A 158 15.75 -27.15 -20.87
CA PHE A 158 16.53 -28.18 -21.56
C PHE A 158 17.31 -29.03 -20.58
N THR A 159 17.92 -28.40 -19.58
CA THR A 159 18.70 -29.14 -18.59
C THR A 159 17.82 -30.10 -17.79
N VAL A 160 16.64 -29.64 -17.37
CA VAL A 160 15.75 -30.50 -16.59
C VAL A 160 15.15 -31.61 -17.45
N LEU A 161 14.68 -31.27 -18.65
CA LEU A 161 14.09 -32.26 -19.54
C LEU A 161 15.08 -33.30 -20.06
N SER A 162 16.37 -33.07 -19.89
CA SER A 162 17.40 -34.00 -20.35
C SER A 162 17.94 -34.88 -19.23
N LYS A 163 17.28 -34.87 -18.06
CA LYS A 163 17.70 -35.68 -16.91
C LYS A 163 19.12 -35.32 -16.47
N LEU A 164 19.48 -34.03 -16.59
CA LEU A 164 20.78 -33.48 -16.23
C LEU A 164 21.90 -34.01 -17.10
N ARG A 165 21.58 -34.54 -18.29
CA ARG A 165 22.57 -35.07 -19.22
C ARG A 165 22.99 -34.02 -20.24
N THR A 166 23.39 -32.85 -19.74
CA THR A 166 23.82 -31.75 -20.59
C THR A 166 25.22 -32.00 -21.14
N PRO A 167 25.64 -31.27 -22.18
CA PRO A 167 26.98 -31.47 -22.73
C PRO A 167 28.12 -31.17 -21.77
N LEU A 168 27.82 -30.69 -20.57
CA LEU A 168 28.87 -30.37 -19.58
C LEU A 168 29.43 -31.62 -18.92
N GLY A 169 28.88 -32.79 -19.22
CA GLY A 169 29.34 -34.04 -18.65
C GLY A 169 28.17 -34.90 -18.21
N ARG A 170 28.35 -35.67 -17.15
CA ARG A 170 27.29 -36.53 -16.65
C ARG A 170 26.35 -35.70 -15.78
N ALA A 171 25.42 -36.37 -15.08
CA ALA A 171 24.49 -35.65 -14.22
C ALA A 171 25.20 -35.04 -13.03
N GLN A 172 26.29 -35.65 -12.58
CA GLN A 172 27.06 -35.15 -11.45
C GLN A 172 28.11 -34.13 -11.86
N ASP A 173 28.64 -34.25 -13.08
CA ASP A 173 29.65 -33.32 -13.57
C ASP A 173 29.14 -31.88 -13.51
N THR A 174 27.87 -31.67 -13.91
CA THR A 174 27.32 -30.32 -13.87
C THR A 174 27.27 -29.83 -12.43
N PHE A 175 26.87 -30.69 -11.51
CA PHE A 175 26.80 -30.29 -10.12
C PHE A 175 28.17 -29.85 -9.63
N GLN A 176 29.21 -30.62 -9.95
CA GLN A 176 30.54 -30.21 -9.50
C GLN A 176 30.99 -28.93 -10.19
N THR A 177 30.61 -28.72 -11.45
CA THR A 177 31.02 -27.49 -12.15
C THR A 177 30.44 -26.25 -11.47
N ILE A 178 29.11 -26.22 -11.34
CA ILE A 178 28.50 -25.05 -10.69
C ILE A 178 28.93 -24.95 -9.24
N GLU A 179 29.11 -26.09 -8.56
CA GLU A 179 29.52 -26.06 -7.17
C GLU A 179 30.91 -25.42 -7.02
N GLY A 180 31.84 -25.81 -7.89
CA GLY A 180 33.18 -25.24 -7.82
C GLY A 180 33.17 -23.76 -8.13
N ILE A 181 32.40 -23.35 -9.14
CA ILE A 181 32.35 -21.93 -9.48
C ILE A 181 31.77 -21.12 -8.32
N ILE A 182 30.70 -21.61 -7.72
CA ILE A 182 30.07 -20.91 -6.60
C ILE A 182 31.02 -20.86 -5.41
N ARG A 183 31.72 -21.97 -5.13
CA ARG A 183 32.65 -21.99 -4.02
C ARG A 183 33.78 -20.99 -4.23
N SER A 184 34.29 -20.91 -5.47
CA SER A 184 35.37 -19.97 -5.75
C SER A 184 34.89 -18.55 -5.56
N LEU A 185 33.67 -18.25 -6.02
CA LEU A 185 33.13 -16.90 -5.86
C LEU A 185 32.96 -16.58 -4.39
N ALA A 186 32.48 -17.54 -3.59
CA ALA A 186 32.29 -17.29 -2.16
C ALA A 186 33.63 -17.05 -1.49
N ALA A 187 34.65 -17.83 -1.86
CA ALA A 187 35.97 -17.66 -1.27
C ALA A 187 36.49 -16.27 -1.60
N HIS A 188 36.27 -15.81 -2.83
CA HIS A 188 36.73 -14.47 -3.20
C HIS A 188 35.97 -13.43 -2.40
N THR A 189 34.69 -13.69 -2.14
CA THR A 189 33.89 -12.74 -1.37
C THR A 189 34.46 -12.60 0.03
N LEU A 190 34.87 -13.72 0.63
CA LEU A 190 35.42 -13.67 1.98
C LEU A 190 36.80 -13.00 1.97
N ASN A 191 37.61 -13.31 0.97
CA ASN A 191 38.96 -12.75 0.83
C ASN A 191 39.04 -12.08 -0.54
N PRO A 192 38.86 -10.76 -0.62
CA PRO A 192 38.92 -10.07 -1.92
C PRO A 192 40.27 -10.11 -2.62
N ASP A 193 41.26 -10.81 -2.08
CA ASP A 193 42.59 -10.89 -2.68
C ASP A 193 42.78 -12.16 -3.52
N GLN A 194 41.73 -12.95 -3.72
CA GLN A 194 41.87 -14.17 -4.51
C GLN A 194 41.99 -13.89 -6.00
N ASP A 195 41.19 -12.95 -6.51
CA ASP A 195 41.19 -12.58 -7.93
C ASP A 195 40.90 -13.78 -8.82
N VAL A 196 39.66 -14.28 -8.69
CA VAL A 196 39.22 -15.42 -9.47
C VAL A 196 39.30 -15.11 -10.96
N SER A 197 39.86 -16.03 -11.73
CA SER A 197 39.99 -15.85 -13.16
C SER A 197 38.63 -15.90 -13.84
N GLN A 198 38.51 -15.15 -14.94
CA GLN A 198 37.32 -15.00 -15.78
C GLN A 198 36.19 -14.28 -15.06
N TRP A 199 36.43 -13.71 -13.88
CA TRP A 199 35.40 -13.00 -13.14
C TRP A 199 35.84 -11.65 -12.59
N THR A 200 37.14 -11.43 -12.38
CA THR A 200 37.64 -10.16 -11.86
C THR A 200 38.61 -9.47 -12.79
N THR A 201 38.84 -10.01 -13.99
CA THR A 201 39.76 -9.42 -14.95
C THR A 201 39.02 -9.11 -16.25
N ALA A 202 39.26 -7.91 -16.79
CA ALA A 202 38.63 -7.48 -18.03
C ALA A 202 39.65 -6.74 -18.87
N ASP A 203 39.48 -6.80 -20.19
CA ASP A 203 40.39 -6.13 -21.10
C ASP A 203 40.03 -4.68 -21.34
N ASN A 204 38.83 -4.26 -20.95
CA ASN A 204 38.38 -2.89 -21.13
C ASN A 204 37.23 -2.62 -20.18
N ASP A 205 36.55 -1.49 -20.39
CA ASP A 205 35.42 -1.13 -19.54
C ASP A 205 34.18 -1.95 -19.82
N GLU A 206 34.07 -2.57 -21.00
CA GLU A 206 32.89 -3.37 -21.33
C GLU A 206 32.92 -4.71 -20.60
N GLY A 207 34.10 -5.32 -20.50
CA GLY A 207 34.21 -6.60 -19.82
C GLY A 207 33.80 -6.53 -18.36
N HIS A 208 34.08 -5.41 -17.70
CA HIS A 208 33.71 -5.27 -16.30
C HIS A 208 32.19 -5.36 -16.14
N GLY A 209 31.45 -4.67 -17.00
CA GLY A 209 30.00 -4.72 -16.91
C GLY A 209 29.48 -6.09 -17.29
N ASN A 210 30.13 -6.71 -18.29
CA ASN A 210 29.72 -8.03 -18.72
C ASN A 210 29.88 -9.03 -17.59
N ASN A 211 30.87 -8.85 -16.73
CA ASN A 211 31.08 -9.77 -15.61
C ASN A 211 29.87 -9.76 -14.69
N GLN A 212 29.39 -8.56 -14.35
CA GLN A 212 28.23 -8.45 -13.47
C GLN A 212 27.00 -9.05 -14.15
N LEU A 213 26.85 -8.80 -15.45
CA LEU A 213 25.70 -9.34 -16.17
C LEU A 213 25.73 -10.86 -16.13
N ARG A 214 26.92 -11.45 -16.35
CA ARG A 214 27.05 -12.90 -16.34
C ARG A 214 26.73 -13.47 -14.96
N LEU A 215 27.17 -12.79 -13.90
CA LEU A 215 26.90 -13.26 -12.56
C LEU A 215 25.39 -13.26 -12.28
N VAL A 216 24.71 -12.21 -12.71
CA VAL A 216 23.26 -12.14 -12.49
C VAL A 216 22.58 -13.26 -13.27
N LEU A 217 23.05 -13.51 -14.50
CA LEU A 217 22.45 -14.57 -15.31
C LEU A 217 22.64 -15.92 -14.64
N LEU A 218 23.82 -16.14 -14.04
CA LEU A 218 24.08 -17.41 -13.37
C LEU A 218 23.12 -17.60 -12.20
N LEU A 219 22.91 -16.55 -11.41
CA LEU A 219 22.00 -16.67 -10.28
C LEU A 219 20.59 -16.99 -10.76
N GLN A 220 20.16 -16.32 -11.83
CA GLN A 220 18.83 -16.57 -12.38
C GLN A 220 18.70 -18.01 -12.87
N TYR A 221 19.76 -18.52 -13.51
CA TYR A 221 19.74 -19.88 -14.01
C TYR A 221 19.58 -20.87 -12.86
N LEU A 222 20.30 -20.62 -11.76
CA LEU A 222 20.19 -21.52 -10.62
C LEU A 222 18.77 -21.50 -10.05
N GLU A 223 18.18 -20.31 -9.93
CA GLU A 223 16.81 -20.23 -9.40
C GLU A 223 15.83 -20.98 -10.30
N ASN A 224 15.96 -20.80 -11.61
CA ASN A 224 15.06 -21.48 -12.55
C ASN A 224 15.23 -22.99 -12.45
N LEU A 225 16.48 -23.45 -12.31
CA LEU A 225 16.73 -24.88 -12.20
C LEU A 225 16.05 -25.45 -10.97
N GLU A 226 16.15 -24.73 -9.84
CA GLU A 226 15.51 -25.22 -8.62
C GLU A 226 13.99 -25.28 -8.79
N LYS A 227 13.41 -24.25 -9.40
CA LYS A 227 11.96 -24.24 -9.61
C LYS A 227 11.53 -25.41 -10.47
N LEU A 228 12.25 -25.66 -11.56
CA LEU A 228 11.90 -26.77 -12.45
C LEU A 228 12.04 -28.10 -11.75
N MET A 229 13.10 -28.29 -10.95
CA MET A 229 13.25 -29.56 -10.26
C MET A 229 12.09 -29.78 -9.30
N TYR A 230 11.70 -28.72 -8.57
CA TYR A 230 10.59 -28.87 -7.63
C TYR A 230 9.32 -29.26 -8.37
N ASN A 231 9.06 -28.62 -9.51
CA ASN A 231 7.87 -28.95 -10.27
C ASN A 231 7.94 -30.38 -10.79
N ALA A 232 9.15 -30.86 -11.09
CA ALA A 232 9.32 -32.22 -11.59
C ALA A 232 9.04 -33.26 -10.53
N TYR A 233 9.49 -33.04 -9.29
CA TYR A 233 9.22 -34.06 -8.27
C TYR A 233 7.94 -33.83 -7.47
N GLU A 234 7.40 -32.61 -7.43
CA GLU A 234 6.18 -32.36 -6.66
C GLU A 234 5.01 -31.97 -7.55
N GLY A 235 5.13 -30.90 -8.32
CA GLY A 235 4.06 -30.45 -9.19
C GLY A 235 3.46 -29.13 -8.71
N CYS A 236 2.80 -28.46 -9.64
CA CYS A 236 2.16 -27.17 -9.39
C CYS A 236 0.64 -27.29 -9.65
N ALA A 237 -0.04 -26.15 -9.60
CA ALA A 237 -1.48 -26.08 -9.82
C ALA A 237 -1.77 -24.87 -10.70
N ASN A 238 -2.16 -25.12 -11.95
CA ASN A 238 -2.50 -24.17 -13.00
C ASN A 238 -1.41 -23.14 -13.29
N ALA A 239 -0.21 -23.30 -12.74
CA ALA A 239 0.87 -22.35 -12.98
C ALA A 239 1.83 -22.84 -14.06
N LEU A 240 2.31 -24.07 -13.91
CA LEU A 240 3.24 -24.67 -14.87
C LEU A 240 2.70 -26.03 -15.27
N THR A 241 2.94 -26.40 -16.53
CA THR A 241 2.48 -27.68 -17.03
C THR A 241 3.29 -28.82 -16.44
N SER A 242 2.62 -29.93 -16.15
CA SER A 242 3.28 -31.08 -15.57
C SER A 242 4.20 -31.72 -16.60
N PRO A 243 5.42 -32.11 -16.22
CA PRO A 243 6.34 -32.74 -17.18
C PRO A 243 5.90 -34.15 -17.50
N PRO A 244 6.49 -34.80 -18.51
CA PRO A 244 6.12 -36.17 -18.86
C PRO A 244 6.26 -37.16 -17.70
N LYS A 245 5.72 -38.36 -17.87
CA LYS A 245 5.79 -39.38 -16.83
C LYS A 245 7.23 -39.81 -16.56
N VAL A 246 8.08 -39.89 -17.58
CA VAL A 246 9.46 -40.30 -17.37
C VAL A 246 10.20 -39.28 -16.51
N ILE A 247 10.00 -37.99 -16.78
CA ILE A 247 10.68 -36.96 -16.00
C ILE A 247 10.22 -37.00 -14.55
N ARG A 248 8.92 -37.12 -14.32
CA ARG A 248 8.41 -37.17 -12.96
C ARG A 248 8.94 -38.40 -12.23
N THR A 249 8.94 -39.55 -12.90
CA THR A 249 9.43 -40.77 -12.28
C THR A 249 10.91 -40.68 -11.93
N PHE A 250 11.72 -40.08 -12.81
CA PHE A 250 13.14 -39.96 -12.52
C PHE A 250 13.41 -38.97 -11.38
N PHE A 251 12.72 -37.83 -11.38
CA PHE A 251 12.94 -36.86 -10.32
C PHE A 251 12.29 -37.25 -9.00
N TYR A 252 11.36 -38.19 -8.99
CA TYR A 252 10.72 -38.59 -7.73
C TYR A 252 11.64 -39.46 -6.91
N THR A 253 12.38 -40.37 -7.55
CA THR A 253 13.30 -41.25 -6.85
C THR A 253 14.63 -40.61 -6.52
N ASN A 254 14.95 -39.47 -7.14
CA ASN A 254 16.21 -38.77 -6.91
C ASN A 254 16.01 -37.41 -6.23
N ARG A 255 14.86 -37.17 -5.60
CA ARG A 255 14.63 -35.89 -4.95
C ARG A 255 15.55 -35.70 -3.74
N GLN A 256 15.92 -36.80 -3.06
CA GLN A 256 16.79 -36.69 -1.90
C GLN A 256 18.16 -36.14 -2.28
N THR A 257 18.74 -36.65 -3.38
CA THR A 257 20.05 -36.18 -3.81
C THR A 257 20.01 -34.71 -4.17
N CYS A 258 18.97 -34.29 -4.91
CA CYS A 258 18.86 -32.89 -5.30
C CYS A 258 18.71 -32.00 -4.07
N GLN A 259 17.87 -32.42 -3.12
CA GLN A 259 17.69 -31.61 -1.91
C GLN A 259 18.99 -31.51 -1.13
N ASP A 260 19.73 -32.62 -1.04
CA ASP A 260 21.00 -32.59 -0.32
C ASP A 260 21.99 -31.64 -0.99
N TRP A 261 22.07 -31.69 -2.32
CA TRP A 261 23.00 -30.82 -3.03
C TRP A 261 22.63 -29.36 -2.82
N LEU A 262 21.32 -29.04 -2.92
CA LEU A 262 20.89 -27.66 -2.74
C LEU A 262 21.20 -27.19 -1.32
N THR A 263 20.99 -28.06 -0.33
CA THR A 263 21.27 -27.67 1.05
C THR A 263 22.75 -27.46 1.28
N ARG A 264 23.59 -28.29 0.63
CA ARG A 264 25.04 -28.15 0.79
C ARG A 264 25.56 -26.87 0.15
N ILE A 265 24.99 -26.47 -0.99
CA ILE A 265 25.46 -25.24 -1.66
C ILE A 265 24.70 -23.99 -1.24
N ARG A 266 23.64 -24.12 -0.43
CA ARG A 266 22.88 -22.95 -0.01
C ARG A 266 23.73 -21.95 0.77
N LEU A 267 24.73 -22.43 1.51
CA LEU A 267 25.56 -21.51 2.28
C LEU A 267 26.37 -20.60 1.37
N SER A 268 26.95 -21.16 0.29
CA SER A 268 27.74 -20.36 -0.62
C SER A 268 26.87 -19.53 -1.56
N ILE A 269 25.65 -20.00 -1.87
CA ILE A 269 24.78 -19.24 -2.76
C ILE A 269 24.46 -17.88 -2.15
N MET A 270 24.25 -17.85 -0.84
CA MET A 270 23.94 -16.58 -0.16
C MET A 270 25.09 -15.60 -0.31
N ARG A 271 26.33 -16.06 -0.13
CA ARG A 271 27.49 -15.18 -0.25
C ARG A 271 27.60 -14.67 -1.68
N VAL A 272 27.42 -15.56 -2.65
CA VAL A 272 27.52 -15.15 -4.05
C VAL A 272 26.45 -14.10 -4.35
N GLY A 273 25.24 -14.29 -3.81
CA GLY A 273 24.17 -13.34 -4.05
C GLY A 273 24.49 -11.99 -3.43
N LEU A 274 25.09 -11.99 -2.24
CA LEU A 274 25.42 -10.73 -1.59
C LEU A 274 26.50 -9.99 -2.37
N LEU A 275 27.43 -10.74 -2.97
CA LEU A 275 28.50 -10.12 -3.74
C LEU A 275 27.96 -9.44 -4.99
N ALA A 276 26.98 -10.06 -5.64
CA ALA A 276 26.36 -9.54 -6.86
C ALA A 276 25.34 -8.43 -6.60
N GLY A 277 25.14 -8.03 -5.35
CA GLY A 277 24.18 -6.98 -5.08
C GLY A 277 22.75 -7.41 -5.37
N GLN A 278 22.43 -8.66 -5.08
CA GLN A 278 21.10 -9.22 -5.31
C GLN A 278 20.63 -9.80 -3.98
N PRO A 279 20.15 -8.94 -3.07
CA PRO A 279 19.70 -9.44 -1.76
C PRO A 279 18.51 -10.38 -1.83
N ALA A 280 17.72 -10.35 -2.91
CA ALA A 280 16.57 -11.25 -2.99
C ALA A 280 16.99 -12.72 -3.04
N VAL A 281 18.03 -13.03 -3.80
CA VAL A 281 18.51 -14.40 -3.92
C VAL A 281 18.96 -14.93 -2.56
N THR A 282 19.81 -14.16 -1.86
CA THR A 282 20.29 -14.59 -0.56
C THR A 282 19.16 -14.66 0.47
N VAL A 283 18.20 -13.74 0.40
CA VAL A 283 17.10 -13.77 1.37
C VAL A 283 16.26 -15.04 1.18
N ARG A 284 15.93 -15.36 -0.08
CA ARG A 284 15.15 -16.56 -0.34
C ARG A 284 15.91 -17.81 0.08
N HIS A 285 17.19 -17.88 -0.25
CA HIS A 285 17.97 -19.05 0.12
C HIS A 285 18.10 -19.16 1.63
N GLY A 286 18.22 -18.03 2.33
CA GLY A 286 18.32 -18.07 3.77
C GLY A 286 17.04 -18.57 4.38
N PHE A 287 15.90 -18.13 3.85
CA PHE A 287 14.62 -18.58 4.38
C PHE A 287 14.47 -20.08 4.18
N ASP A 288 14.85 -20.57 2.99
CA ASP A 288 14.75 -22.00 2.72
C ASP A 288 15.66 -22.79 3.64
N LEU A 289 16.89 -22.29 3.86
CA LEU A 289 17.83 -22.99 4.74
C LEU A 289 17.30 -23.03 6.17
N LEU A 290 16.73 -21.92 6.63
CA LEU A 290 16.19 -21.88 7.98
C LEU A 290 15.03 -22.86 8.12
N THR A 291 14.17 -22.93 7.11
CA THR A 291 13.04 -23.84 7.17
C THR A 291 13.51 -25.29 7.18
N GLU A 292 14.53 -25.61 6.37
CA GLU A 292 15.05 -26.96 6.31
C GLU A 292 15.66 -27.42 7.63
N MET A 293 16.11 -26.49 8.46
CA MET A 293 16.72 -26.84 9.76
C MET A 293 15.61 -27.21 10.75
N LYS A 294 14.98 -28.35 10.49
CA LYS A 294 13.90 -28.84 11.34
C LYS A 294 14.40 -29.66 12.52
N THR A 295 15.69 -29.98 12.57
CA THR A 295 16.25 -30.77 13.66
C THR A 295 17.08 -29.89 14.60
N ASN A 302 26.90 -24.91 14.02
CA ASN A 302 27.38 -23.56 14.31
C ASN A 302 27.15 -22.63 13.12
N GLU A 303 26.26 -23.04 12.22
CA GLU A 303 25.95 -22.26 11.02
C GLU A 303 24.68 -21.43 11.18
N LEU A 304 24.01 -21.49 12.34
CA LEU A 304 22.80 -20.70 12.53
C LEU A 304 23.10 -19.23 12.73
N GLU A 305 24.15 -18.91 13.50
CA GLU A 305 24.50 -17.52 13.74
C GLU A 305 24.90 -16.81 12.45
N VAL A 306 25.77 -17.44 11.65
CA VAL A 306 26.20 -16.82 10.40
C VAL A 306 25.03 -16.67 9.44
N THR A 307 24.14 -17.68 9.39
CA THR A 307 22.99 -17.59 8.50
C THR A 307 22.07 -16.45 8.90
N ILE A 308 21.78 -16.31 10.19
CA ILE A 308 20.91 -15.24 10.65
C ILE A 308 21.54 -13.89 10.39
N MET A 309 22.84 -13.76 10.67
CA MET A 309 23.55 -12.50 10.45
C MET A 309 23.52 -12.09 8.98
N MET A 310 23.78 -13.06 8.10
CA MET A 310 23.79 -12.78 6.67
C MET A 310 22.39 -12.40 6.17
N VAL A 311 21.36 -13.10 6.66
CA VAL A 311 20.01 -12.77 6.22
C VAL A 311 19.65 -11.36 6.68
N VAL A 312 20.08 -11.01 7.89
CA VAL A 312 19.80 -9.68 8.42
C VAL A 312 20.49 -8.64 7.56
N GLU A 313 21.73 -8.92 7.14
CA GLU A 313 22.46 -7.97 6.31
C GLU A 313 21.73 -7.77 4.98
N ALA A 314 21.26 -8.87 4.38
CA ALA A 314 20.56 -8.76 3.11
C ALA A 314 19.28 -7.94 3.27
N LEU A 315 18.54 -8.19 4.35
CA LEU A 315 17.31 -7.43 4.59
C LEU A 315 17.63 -5.96 4.77
N CYS A 316 18.73 -5.67 5.46
CA CYS A 316 19.11 -4.27 5.67
C CYS A 316 19.38 -3.62 4.33
N GLU A 317 20.01 -4.39 3.42
CA GLU A 317 20.30 -3.86 2.11
C GLU A 317 19.01 -3.61 1.33
N LEU A 318 17.98 -4.42 1.60
CA LEU A 318 16.69 -4.28 0.93
C LEU A 318 15.78 -3.26 1.61
N HIS A 319 16.21 -2.68 2.73
CA HIS A 319 15.43 -1.69 3.47
C HIS A 319 14.10 -2.26 3.94
N CYS A 320 14.19 -3.32 4.75
CA CYS A 320 13.02 -4.00 5.30
C CYS A 320 13.21 -4.23 6.80
N PRO A 321 13.07 -3.17 7.61
CA PRO A 321 13.24 -3.35 9.06
C PRO A 321 12.22 -4.29 9.70
N GLU A 322 11.01 -4.36 9.14
CA GLU A 322 9.98 -5.24 9.70
C GLU A 322 10.43 -6.69 9.66
N ALA A 323 11.02 -7.12 8.55
CA ALA A 323 11.48 -8.50 8.45
C ALA A 323 12.58 -8.77 9.46
N ILE A 324 13.47 -7.81 9.68
CA ILE A 324 14.55 -7.99 10.64
C ILE A 324 13.97 -8.14 12.03
N GLN A 325 12.99 -7.32 12.37
CA GLN A 325 12.37 -7.41 13.70
C GLN A 325 11.69 -8.75 13.86
N GLY A 326 11.01 -9.22 12.81
CA GLY A 326 10.33 -10.50 12.88
C GLY A 326 11.31 -11.63 13.10
N ILE A 327 12.45 -11.60 12.40
CA ILE A 327 13.44 -12.64 12.56
C ILE A 327 14.03 -12.59 13.97
N ALA A 328 14.22 -11.39 14.50
CA ALA A 328 14.77 -11.28 15.85
C ALA A 328 13.82 -11.91 16.86
N VAL A 329 12.53 -11.62 16.72
CA VAL A 329 11.54 -12.18 17.64
C VAL A 329 11.48 -13.69 17.48
N TRP A 330 11.53 -14.18 16.24
CA TRP A 330 11.48 -15.61 15.98
C TRP A 330 12.69 -16.33 16.57
N SER A 331 13.87 -15.73 16.44
CA SER A 331 15.09 -16.34 16.98
C SER A 331 15.17 -16.21 18.49
N SER A 332 14.42 -15.29 19.09
CA SER A 332 14.47 -15.12 20.54
C SER A 332 13.96 -16.37 21.27
N SER A 333 13.26 -17.27 20.58
CA SER A 333 12.73 -18.48 21.16
C SER A 333 13.67 -19.67 20.98
N ILE A 334 14.86 -19.45 20.44
CA ILE A 334 15.82 -20.53 20.22
C ILE A 334 17.13 -20.22 20.95
N ASN A 338 21.61 -13.48 23.44
CA ASN A 338 22.56 -14.11 22.51
C ASN A 338 22.44 -13.50 21.12
N LEU A 339 21.24 -13.06 20.77
CA LEU A 339 20.95 -12.45 19.47
C LEU A 339 20.15 -11.17 19.66
N LEU A 340 20.51 -10.39 20.67
CA LEU A 340 19.83 -9.13 20.96
C LEU A 340 20.30 -7.99 20.08
N TRP A 341 21.40 -8.15 19.35
CA TRP A 341 21.92 -7.10 18.49
C TRP A 341 21.17 -6.99 17.18
N ILE A 342 20.40 -8.01 16.80
CA ILE A 342 19.65 -7.98 15.55
C ILE A 342 18.76 -6.75 15.49
N ASN A 343 18.03 -6.46 16.57
CA ASN A 343 17.16 -5.30 16.59
C ASN A 343 17.93 -4.02 16.27
N SER A 344 19.16 -3.91 16.78
CA SER A 344 19.95 -2.73 16.51
C SER A 344 20.16 -2.55 15.02
N VAL A 345 20.44 -3.64 14.30
CA VAL A 345 20.65 -3.54 12.86
C VAL A 345 19.39 -3.02 12.20
N ALA A 346 18.22 -3.42 12.72
CA ALA A 346 16.96 -2.96 12.15
C ALA A 346 16.91 -1.44 12.14
N GLN A 347 17.44 -0.81 13.18
CA GLN A 347 17.43 0.65 13.24
C GLN A 347 18.16 1.23 12.04
N GLN A 348 19.33 0.66 11.71
CA GLN A 348 20.09 1.16 10.58
C GLN A 348 19.30 0.97 9.27
N ALA A 349 18.46 -0.06 9.22
CA ALA A 349 17.67 -0.30 8.02
C ALA A 349 16.57 0.72 7.87
N GLU A 350 16.23 1.44 8.94
CA GLU A 350 15.18 2.45 8.93
C GLU A 350 15.72 3.84 8.60
N GLY A 351 17.04 3.98 8.49
CA GLY A 351 17.66 5.25 8.18
C GLY A 351 18.27 5.96 9.37
N ARG A 352 18.21 5.36 10.56
CA ARG A 352 18.77 5.95 11.77
C ARG A 352 20.21 5.49 11.88
N PHE A 353 21.15 6.42 11.74
CA PHE A 353 22.58 6.11 11.82
C PHE A 353 23.21 6.40 13.17
N GLU A 354 22.86 7.51 13.83
CA GLU A 354 23.47 7.80 15.12
C GLU A 354 23.11 6.74 16.16
N LYS A 355 21.82 6.43 16.28
CA LYS A 355 21.38 5.42 17.24
C LYS A 355 21.97 4.06 16.92
N ALA A 356 22.03 3.71 15.63
CA ALA A 356 22.58 2.41 15.25
C ALA A 356 24.04 2.29 15.67
N SER A 357 24.84 3.34 15.43
CA SER A 357 26.25 3.30 15.81
C SER A 357 26.40 3.22 17.32
N VAL A 358 25.58 3.99 18.06
CA VAL A 358 25.68 3.95 19.52
C VAL A 358 25.35 2.55 20.03
N GLU A 359 24.29 1.94 19.48
CA GLU A 359 23.90 0.61 19.92
C GLU A 359 24.99 -0.40 19.57
N TYR A 360 25.63 -0.25 18.39
CA TYR A 360 26.68 -1.17 18.01
C TYR A 360 27.84 -1.08 18.99
N GLN A 361 28.21 0.15 19.36
CA GLN A 361 29.30 0.34 20.31
C GLN A 361 28.96 -0.27 21.66
N GLU A 362 27.72 -0.07 22.12
CA GLU A 362 27.33 -0.64 23.42
C GLU A 362 27.38 -2.16 23.38
N HIS A 363 26.89 -2.76 22.29
CA HIS A 363 26.91 -4.21 22.17
C HIS A 363 28.33 -4.73 22.15
N LEU A 364 29.22 -4.06 21.42
CA LEU A 364 30.61 -4.51 21.36
C LEU A 364 31.27 -4.40 22.72
N CYS A 365 31.00 -3.31 23.44
CA CYS A 365 31.59 -3.13 24.76
C CYS A 365 31.10 -4.20 25.73
N ALA A 366 29.81 -4.54 25.67
CA ALA A 366 29.26 -5.55 26.56
C ALA A 366 29.69 -6.96 26.17
N MET A 367 30.00 -7.20 24.90
CA MET A 367 30.42 -8.52 24.45
C MET A 367 31.91 -8.77 24.61
N THR A 368 32.74 -7.72 24.56
CA THR A 368 34.18 -7.87 24.71
C THR A 368 34.66 -7.80 26.14
N GLY A 369 34.03 -6.98 26.99
CA GLY A 369 34.42 -6.86 28.38
C GLY A 369 35.25 -5.63 28.69
N VAL A 370 35.63 -4.84 27.70
CA VAL A 370 36.43 -3.64 27.89
C VAL A 370 35.72 -2.48 27.21
N ASP A 371 36.02 -1.26 27.66
CA ASP A 371 35.42 -0.08 27.08
C ASP A 371 35.80 0.09 25.62
N CYS A 372 34.80 0.40 24.79
CA CYS A 372 35.02 0.58 23.36
C CYS A 372 34.25 1.76 22.80
N CYS A 373 33.53 2.51 23.65
CA CYS A 373 32.78 3.65 23.18
C CYS A 373 33.70 4.80 22.76
N ILE A 374 33.16 5.68 21.92
CA ILE A 374 33.89 6.84 21.42
C ILE A 374 33.02 8.07 21.62
N SER A 375 33.66 9.24 21.50
CA SER A 375 32.94 10.50 21.68
C SER A 375 31.84 10.64 20.64
N SER A 376 30.67 11.05 21.10
CA SER A 376 29.50 11.24 20.24
C SER A 376 28.52 12.16 20.95
N PHE A 377 27.33 12.28 20.37
CA PHE A 377 26.29 13.12 20.95
C PHE A 377 25.77 12.51 22.25
N ASP A 378 25.12 13.34 23.06
CA ASP A 378 24.58 12.89 24.33
C ASP A 378 23.60 11.74 24.13
N LYS A 379 23.85 10.63 24.84
CA LYS A 379 22.98 9.47 24.72
C LYS A 379 21.57 9.77 25.23
N SER A 380 21.47 10.51 26.34
CA SER A 380 20.16 10.84 26.89
C SER A 380 19.31 11.60 25.87
N VAL A 381 19.94 12.39 25.01
CA VAL A 381 19.22 13.14 24.00
C VAL A 381 19.06 12.34 22.72
N LEU A 382 20.07 11.54 22.34
CA LEU A 382 19.97 10.74 21.12
C LEU A 382 18.85 9.71 21.22
N THR A 383 18.75 9.03 22.37
CA THR A 383 17.69 8.03 22.52
C THR A 383 16.32 8.69 22.52
N LEU A 384 16.20 9.87 23.13
CA LEU A 384 14.93 10.56 23.18
C LEU A 384 14.52 11.05 21.79
N ALA A 385 15.49 11.43 20.97
CA ALA A 385 15.19 11.91 19.62
C ALA A 385 14.54 10.81 18.78
N ASN A 386 15.04 9.59 18.87
CA ASN A 386 14.49 8.48 18.09
C ASN A 386 14.18 7.28 18.98
N SER A 413 28.89 -14.11 21.88
CA SER A 413 30.30 -13.75 21.80
C SER A 413 31.04 -14.67 20.84
N SER A 414 31.18 -14.23 19.60
CA SER A 414 31.86 -14.99 18.56
C SER A 414 32.82 -14.07 17.81
N PRO A 415 33.90 -14.63 17.27
CA PRO A 415 34.87 -13.80 16.53
C PRO A 415 34.30 -13.15 15.29
N GLU A 416 33.18 -13.65 14.76
CA GLU A 416 32.58 -13.08 13.57
C GLU A 416 31.55 -11.99 13.90
N VAL A 417 30.83 -12.16 15.00
CA VAL A 417 29.82 -11.16 15.39
C VAL A 417 30.49 -9.83 15.72
N ILE A 418 31.62 -9.87 16.44
CA ILE A 418 32.31 -8.64 16.79
C ILE A 418 32.80 -7.92 15.53
N ASN A 419 33.36 -8.68 14.59
CA ASN A 419 33.83 -8.08 13.35
C ASN A 419 32.67 -7.47 12.57
N TYR A 420 31.54 -8.17 12.53
CA TYR A 420 30.38 -7.66 11.82
C TYR A 420 29.90 -6.36 12.43
N LEU A 421 29.82 -6.32 13.76
CA LEU A 421 29.36 -5.10 14.43
C LEU A 421 30.32 -3.94 14.18
N GLY A 422 31.63 -4.21 14.23
CA GLY A 422 32.60 -3.15 13.99
C GLY A 422 32.50 -2.61 12.58
N ASN A 423 32.38 -3.51 11.60
CA ASN A 423 32.26 -3.08 10.21
C ASN A 423 30.98 -2.29 9.99
N LYS A 424 29.88 -2.74 10.63
CA LYS A 424 28.62 -2.02 10.47
C LYS A 424 28.73 -0.62 11.05
N ALA A 425 29.40 -0.48 12.20
CA ALA A 425 29.55 0.83 12.81
C ALA A 425 30.39 1.74 11.92
N CYS A 426 31.47 1.20 11.35
CA CYS A 426 32.33 2.00 10.48
C CYS A 426 31.56 2.46 9.24
N GLU A 427 30.81 1.55 8.62
CA GLU A 427 30.04 1.92 7.43
C GLU A 427 28.97 2.93 7.78
N CYS A 428 28.36 2.77 8.97
CA CYS A 428 27.33 3.69 9.41
C CYS A 428 27.90 5.09 9.59
N TYR A 429 29.11 5.18 10.15
CA TYR A 429 29.74 6.49 10.34
C TYR A 429 30.12 7.10 9.01
N ILE A 430 30.53 6.26 8.05
CA ILE A 430 30.92 6.76 6.74
C ILE A 430 29.69 7.27 5.97
N SER A 431 28.53 6.64 6.17
CA SER A 431 27.31 7.06 5.49
C SER A 431 26.95 8.50 5.80
N ILE A 432 27.05 8.91 7.07
CA ILE A 432 26.70 10.28 7.44
C ILE A 432 27.80 11.27 7.14
N ALA A 433 28.91 10.82 6.54
CA ALA A 433 30.05 11.68 6.19
C ALA A 433 30.65 12.37 7.41
N ASP A 434 31.12 11.55 8.35
CA ASP A 434 31.72 12.02 9.60
C ASP A 434 33.16 11.51 9.59
N TRP A 435 34.05 12.30 8.99
CA TRP A 435 35.46 11.93 8.92
C TRP A 435 36.11 11.87 10.29
N ALA A 436 35.83 12.85 11.15
CA ALA A 436 36.41 12.84 12.48
C ALA A 436 35.98 11.60 13.26
N ALA A 437 34.68 11.26 13.15
CA ALA A 437 34.18 10.09 13.85
C ALA A 437 34.82 8.83 13.30
N VAL A 438 35.05 8.79 11.98
CA VAL A 438 35.67 7.61 11.37
C VAL A 438 37.08 7.44 11.90
N GLN A 439 37.84 8.53 11.96
CA GLN A 439 39.22 8.44 12.45
C GLN A 439 39.23 8.00 13.92
N GLU A 440 38.35 8.57 14.73
CA GLU A 440 38.29 8.19 16.14
C GLU A 440 37.92 6.73 16.29
N TRP A 441 36.98 6.25 15.45
CA TRP A 441 36.55 4.86 15.52
C TRP A 441 37.71 3.96 15.13
N GLN A 442 38.49 4.35 14.12
CA GLN A 442 39.61 3.54 13.69
C GLN A 442 40.62 3.42 14.83
N ASN A 443 40.89 4.53 15.51
CA ASN A 443 41.83 4.51 16.63
C ASN A 443 41.32 3.60 17.73
N SER A 444 40.02 3.68 18.03
CA SER A 444 39.44 2.85 19.08
C SER A 444 39.54 1.38 18.72
N ILE A 445 39.25 1.03 17.47
CA ILE A 445 39.33 -0.36 17.05
C ILE A 445 40.76 -0.86 17.15
N HIS A 446 41.73 -0.05 16.71
CA HIS A 446 43.12 -0.47 16.78
C HIS A 446 43.53 -0.69 18.23
N ASP A 447 43.13 0.22 19.13
CA ASP A 447 43.48 0.07 20.54
C ASP A 447 42.86 -1.19 21.13
N LEU A 448 41.59 -1.44 20.81
CA LEU A 448 40.91 -2.62 21.32
C LEU A 448 41.57 -3.89 20.82
N LYS A 449 41.92 -3.93 19.53
CA LYS A 449 42.56 -5.12 18.97
C LYS A 449 43.92 -5.35 19.61
N LYS A 450 44.68 -4.28 19.85
CA LYS A 450 46.00 -4.42 20.46
C LYS A 450 45.89 -4.86 21.91
N SER A 451 44.87 -4.37 22.63
CA SER A 451 44.69 -4.74 24.04
C SER A 451 43.98 -6.08 24.23
N THR A 452 43.39 -6.64 23.19
CA THR A 452 42.70 -7.91 23.32
C THR A 452 43.25 -9.01 22.42
N SER A 453 44.18 -8.71 21.52
CA SER A 453 44.77 -9.69 20.62
C SER A 453 43.69 -10.46 19.85
N SER A 454 42.75 -9.69 19.30
CA SER A 454 41.65 -10.29 18.53
C SER A 454 42.17 -11.05 17.32
N THR A 455 43.12 -10.45 16.59
CA THR A 455 43.74 -11.00 15.39
C THR A 455 42.76 -11.16 14.24
N SER A 456 41.49 -10.80 14.43
CA SER A 456 40.47 -10.92 13.39
C SER A 456 39.58 -9.69 13.29
N LEU A 457 39.65 -8.75 14.23
CA LEU A 457 38.84 -7.53 14.20
C LEU A 457 39.54 -6.51 13.33
N ASN A 458 39.14 -6.44 12.05
CA ASN A 458 39.72 -5.51 11.11
C ASN A 458 38.60 -4.80 10.35
N LEU A 459 38.85 -3.54 10.00
CA LEU A 459 37.87 -2.74 9.26
C LEU A 459 38.17 -2.84 7.77
N LYS A 460 37.22 -3.40 7.02
CA LYS A 460 37.38 -3.56 5.57
C LYS A 460 36.88 -2.31 4.85
N ALA A 461 37.62 -1.22 5.06
CA ALA A 461 37.30 0.07 4.45
C ALA A 461 38.59 0.75 4.05
N ASP A 462 38.68 1.17 2.79
CA ASP A 462 39.87 1.84 2.29
C ASP A 462 39.99 3.19 2.98
N PHE A 463 41.02 3.34 3.82
CA PHE A 463 41.20 4.60 4.52
C PHE A 463 41.75 5.69 3.61
N ASN A 464 42.49 5.30 2.56
CA ASN A 464 43.03 6.31 1.65
C ASN A 464 41.88 7.03 0.95
N TYR A 465 40.84 6.30 0.58
CA TYR A 465 39.69 6.90 -0.09
C TYR A 465 38.99 7.86 0.86
N ILE A 466 38.90 7.48 2.15
CA ILE A 466 38.26 8.34 3.13
C ILE A 466 39.06 9.63 3.29
N LYS A 467 40.39 9.51 3.35
CA LYS A 467 41.23 10.69 3.49
C LYS A 467 41.08 11.59 2.27
N SER A 468 40.97 10.98 1.09
CA SER A 468 40.82 11.76 -0.14
C SER A 468 39.52 12.55 -0.10
N LEU A 469 38.43 11.88 0.31
CA LEU A 469 37.14 12.56 0.39
C LEU A 469 37.19 13.68 1.42
N SER A 470 37.87 13.43 2.54
CA SER A 470 37.98 14.43 3.59
C SER A 470 38.72 15.66 3.08
N SER A 471 39.82 15.44 2.37
CA SER A 471 40.59 16.56 1.83
C SER A 471 39.81 17.32 0.77
N PHE A 472 39.07 16.59 -0.07
CA PHE A 472 38.28 17.24 -1.12
C PHE A 472 37.18 18.10 -0.52
N GLU A 473 36.43 17.56 0.43
CA GLU A 473 35.34 18.32 1.04
C GLU A 473 35.84 19.43 1.96
N SER A 474 37.14 19.44 2.30
CA SER A 474 37.69 20.47 3.16
C SER A 474 38.27 21.66 2.39
N GLY A 475 38.22 21.64 1.07
CA GLY A 475 38.75 22.71 0.26
C GLY A 475 40.21 22.61 -0.10
N LYS A 476 40.91 21.60 0.41
CA LYS A 476 42.33 21.40 0.12
C LYS A 476 42.44 20.51 -1.11
N PHE A 477 43.00 21.06 -2.20
CA PHE A 477 43.15 20.29 -3.42
C PHE A 477 44.55 19.69 -3.58
N VAL A 478 45.58 20.32 -3.03
CA VAL A 478 46.93 19.76 -3.16
C VAL A 478 47.01 18.45 -2.41
N GLU A 479 46.55 18.44 -1.16
CA GLU A 479 46.59 17.21 -0.37
C GLU A 479 45.67 16.17 -0.99
N CYS A 480 44.55 16.62 -1.55
CA CYS A 480 43.61 15.70 -2.19
C CYS A 480 44.28 15.01 -3.36
N THR A 481 45.02 15.77 -4.17
CA THR A 481 45.70 15.18 -5.32
C THR A 481 46.77 14.22 -4.86
N GLU A 482 47.50 14.59 -3.80
CA GLU A 482 48.56 13.72 -3.29
C GLU A 482 47.96 12.40 -2.82
N GLN A 483 46.80 12.45 -2.17
CA GLN A 483 46.16 11.23 -1.69
C GLN A 483 45.60 10.42 -2.85
N LEU A 484 45.03 11.11 -3.85
CA LEU A 484 44.47 10.44 -5.01
C LEU A 484 45.52 9.72 -5.84
N GLU A 485 46.77 10.21 -5.80
CA GLU A 485 47.83 9.57 -6.56
C GLU A 485 48.10 8.14 -6.12
N LEU A 486 47.72 7.79 -4.89
CA LEU A 486 47.93 6.44 -4.37
C LEU A 486 46.76 5.49 -4.66
N LEU A 487 45.64 6.01 -5.15
CA LEU A 487 44.50 5.16 -5.44
C LEU A 487 44.70 4.43 -6.78
N PRO A 488 44.12 3.25 -6.94
CA PRO A 488 44.28 2.51 -8.19
C PRO A 488 43.45 3.14 -9.31
N GLY A 489 43.79 2.74 -10.53
CA GLY A 489 43.12 3.24 -11.72
C GLY A 489 44.05 4.08 -12.58
N GLU A 490 43.44 4.75 -13.56
CA GLU A 490 44.19 5.59 -14.47
C GLU A 490 44.80 6.77 -13.73
N ASN A 491 45.92 7.27 -14.24
CA ASN A 491 46.60 8.40 -13.62
C ASN A 491 45.77 9.68 -13.76
N ILE A 492 46.11 10.67 -12.95
CA ILE A 492 45.41 11.94 -12.97
C ILE A 492 45.62 12.61 -14.34
N ASN A 493 44.59 13.35 -14.78
CA ASN A 493 44.65 14.04 -16.06
C ASN A 493 45.83 15.00 -16.10
N LEU A 494 46.43 15.12 -17.28
CA LEU A 494 47.58 16.00 -17.48
C LEU A 494 47.13 17.35 -18.04
N ASN A 504 43.52 5.14 -24.27
CA ASN A 504 43.65 5.57 -22.87
C ASN A 504 42.29 5.92 -22.28
N MET A 505 41.36 6.34 -23.14
CA MET A 505 40.02 6.70 -22.70
C MET A 505 39.04 5.54 -22.76
N LYS A 506 39.32 4.52 -23.58
CA LYS A 506 38.42 3.38 -23.69
C LYS A 506 38.61 2.38 -22.55
N LYS A 507 39.71 2.48 -21.80
CA LYS A 507 40.01 1.58 -20.69
C LYS A 507 40.40 2.43 -19.48
N LEU A 508 39.40 2.86 -18.71
CA LEU A 508 39.64 3.68 -17.53
C LEU A 508 39.67 2.88 -16.24
N LEU A 509 38.81 1.87 -16.11
CA LEU A 509 38.77 1.07 -14.92
C LEU A 509 40.05 0.22 -14.82
N PRO A 510 40.54 -0.01 -13.61
CA PRO A 510 41.75 -0.82 -13.44
C PRO A 510 41.42 -2.31 -13.46
N ASN A 511 42.49 -3.11 -13.55
CA ASN A 511 42.33 -4.56 -13.58
C ASN A 511 42.12 -5.08 -12.17
N MET A 512 41.88 -6.39 -12.07
CA MET A 512 41.64 -7.08 -10.79
C MET A 512 40.46 -6.49 -10.04
N LEU A 513 39.53 -5.86 -10.73
CA LEU A 513 38.37 -5.26 -10.10
C LEU A 513 37.29 -6.31 -9.90
N SER A 514 36.80 -6.44 -8.67
CA SER A 514 35.77 -7.40 -8.35
C SER A 514 34.42 -6.97 -8.90
N PRO A 515 33.51 -7.91 -9.15
CA PRO A 515 32.19 -7.56 -9.68
C PRO A 515 31.23 -6.97 -8.66
N ASP A 516 31.72 -6.59 -7.50
CA ASP A 516 30.86 -6.00 -6.47
C ASP A 516 30.48 -4.58 -6.87
N PRO A 517 29.20 -4.22 -6.86
CA PRO A 517 28.83 -2.85 -7.23
C PRO A 517 29.49 -1.79 -6.37
N ARG A 518 29.86 -2.14 -5.13
CA ARG A 518 30.52 -1.16 -4.26
C ARG A 518 31.83 -0.71 -4.87
N GLU A 519 32.59 -1.64 -5.43
CA GLU A 519 33.87 -1.29 -6.05
C GLU A 519 33.65 -0.34 -7.22
N LEU A 520 32.60 -0.60 -8.01
CA LEU A 520 32.31 0.25 -9.16
C LEU A 520 31.95 1.65 -8.68
N GLN A 521 31.16 1.74 -7.60
CA GLN A 521 30.78 3.04 -7.08
C GLN A 521 32.01 3.80 -6.61
N LYS A 522 32.92 3.09 -5.93
CA LYS A 522 34.13 3.74 -5.44
C LYS A 522 34.97 4.23 -6.61
N SER A 523 35.08 3.43 -7.67
CA SER A 523 35.86 3.84 -8.84
C SER A 523 35.26 5.07 -9.50
N ILE A 524 33.92 5.10 -9.60
CA ILE A 524 33.25 6.23 -10.22
C ILE A 524 33.49 7.48 -9.38
N GLU A 525 33.41 7.36 -8.06
CA GLU A 525 33.63 8.52 -7.19
C GLU A 525 35.06 9.01 -7.33
N VAL A 526 36.03 8.09 -7.42
CA VAL A 526 37.42 8.48 -7.57
C VAL A 526 37.62 9.23 -8.88
N GLN A 527 37.00 8.73 -9.95
CA GLN A 527 37.13 9.40 -11.24
C GLN A 527 36.53 10.79 -11.18
N LEU A 528 35.38 10.94 -10.53
CA LEU A 528 34.74 12.24 -10.41
C LEU A 528 35.64 13.20 -9.65
N LEU A 529 36.25 12.73 -8.56
CA LEU A 529 37.14 13.59 -7.77
C LEU A 529 38.34 14.00 -8.60
N ARG A 530 38.89 13.07 -9.39
CA ARG A 530 40.05 13.38 -10.21
C ARG A 530 39.70 14.45 -11.23
N SER A 531 38.52 14.32 -11.86
CA SER A 531 38.12 15.32 -12.85
C SER A 531 37.90 16.67 -12.20
N SER A 532 37.30 16.68 -11.00
CA SER A 532 37.07 17.94 -10.29
C SER A 532 38.37 18.63 -9.93
N VAL A 533 39.33 17.89 -9.39
CA VAL A 533 40.60 18.52 -9.03
C VAL A 533 41.34 18.99 -10.28
N CYS A 534 41.25 18.22 -11.37
CA CYS A 534 41.93 18.64 -12.60
C CYS A 534 41.34 19.95 -13.11
N LEU A 535 40.01 20.06 -13.10
CA LEU A 535 39.37 21.28 -13.56
C LEU A 535 39.71 22.46 -12.66
N ALA A 536 39.73 22.23 -11.34
CA ALA A 536 40.06 23.30 -10.41
C ALA A 536 41.48 23.80 -10.63
N THR A 537 42.42 22.89 -10.87
CA THR A 537 43.80 23.30 -11.09
C THR A 537 43.97 23.97 -12.46
N ALA A 538 43.22 23.53 -13.45
CA ALA A 538 43.33 24.12 -14.78
C ALA A 538 42.74 25.52 -14.83
N LEU A 539 41.67 25.76 -14.05
CA LEU A 539 41.06 27.09 -14.05
C LEU A 539 42.02 28.15 -13.56
N ASN A 540 42.73 27.87 -12.46
CA ASN A 540 43.68 28.82 -11.90
C ASN A 540 44.65 28.12 -10.95
N TRP A 548 39.71 28.04 -24.63
CA TRP A 548 39.22 27.10 -23.62
C TRP A 548 39.24 25.68 -24.19
N GLN A 549 40.32 25.35 -24.91
CA GLN A 549 40.48 24.03 -25.51
C GLN A 549 41.85 23.43 -25.18
N SER A 550 42.47 23.85 -24.08
CA SER A 550 43.77 23.32 -23.69
C SER A 550 43.64 22.16 -22.72
N ILE A 551 42.97 22.38 -21.58
CA ILE A 551 42.79 21.34 -20.58
C ILE A 551 41.29 21.05 -20.43
N THR A 552 40.55 21.18 -21.53
CA THR A 552 39.12 20.93 -21.54
C THR A 552 38.72 19.70 -22.33
N GLU A 553 39.33 19.47 -23.51
CA GLU A 553 38.98 18.31 -24.32
C GLU A 553 39.21 17.01 -23.55
N ASN A 554 40.36 16.89 -22.89
CA ASN A 554 40.65 15.67 -22.14
C ASN A 554 39.65 15.47 -21.01
N VAL A 555 39.31 16.55 -20.30
CA VAL A 555 38.35 16.44 -19.21
C VAL A 555 36.98 16.05 -19.75
N VAL A 556 36.61 16.61 -20.90
CA VAL A 556 35.31 16.29 -21.49
C VAL A 556 35.26 14.81 -21.86
N LYS A 557 36.32 14.29 -22.47
CA LYS A 557 36.34 12.87 -22.83
C LYS A 557 36.29 12.00 -21.59
N TYR A 558 37.03 12.38 -20.54
CA TYR A 558 37.05 11.61 -19.31
C TYR A 558 35.65 11.54 -18.69
N LEU A 559 34.97 12.70 -18.63
CA LEU A 559 33.64 12.74 -18.06
C LEU A 559 32.65 11.95 -18.93
N LYS A 560 32.81 12.00 -20.25
CA LYS A 560 31.91 11.26 -21.13
C LYS A 560 32.05 9.77 -20.87
N GLN A 561 33.30 9.29 -20.77
CA GLN A 561 33.51 7.87 -20.50
C GLN A 561 32.95 7.50 -19.14
N THR A 562 33.14 8.38 -18.15
CA THR A 562 32.62 8.11 -16.82
C THR A 562 31.11 7.96 -16.84
N SER A 563 30.43 8.84 -17.60
CA SER A 563 28.99 8.77 -17.70
C SER A 563 28.56 7.50 -18.41
N ARG A 564 29.35 7.07 -19.40
CA ARG A 564 29.02 5.85 -20.13
C ARG A 564 29.18 4.62 -19.25
N ILE A 565 30.09 4.66 -18.27
CA ILE A 565 30.29 3.52 -17.39
C ILE A 565 29.25 3.46 -16.27
N ALA A 566 28.78 4.60 -15.79
CA ALA A 566 27.79 4.64 -14.71
C ALA A 566 26.41 4.19 -15.13
N ILE A 567 26.14 4.00 -16.43
CA ILE A 567 24.83 3.57 -16.89
C ILE A 567 24.61 2.07 -16.72
N GLY A 568 25.65 1.32 -16.39
CA GLY A 568 25.55 -0.12 -16.20
C GLY A 568 24.56 -0.56 -15.15
N PRO A 569 24.62 0.02 -13.95
CA PRO A 569 23.66 -0.39 -12.90
C PRO A 569 22.21 -0.24 -13.32
N LEU A 570 21.87 0.83 -14.04
CA LEU A 570 20.49 1.02 -14.47
C LEU A 570 20.08 -0.09 -15.43
N ARG A 571 20.97 -0.45 -16.36
CA ARG A 571 20.66 -1.50 -17.31
C ARG A 571 20.47 -2.82 -16.57
N LEU A 572 21.32 -3.09 -15.58
CA LEU A 572 21.19 -4.33 -14.82
C LEU A 572 19.88 -4.35 -14.06
N SER A 573 19.48 -3.21 -13.49
CA SER A 573 18.24 -3.13 -12.75
C SER A 573 17.05 -3.36 -13.67
N THR A 574 17.15 -2.89 -14.92
CA THR A 574 16.06 -3.07 -15.87
C THR A 574 16.01 -4.50 -16.38
N LEU A 575 17.15 -5.20 -16.39
CA LEU A 575 17.20 -6.58 -16.86
C LEU A 575 16.21 -7.46 -16.09
N THR A 576 15.98 -7.16 -14.82
CA THR A 576 15.08 -7.91 -13.97
C THR A 576 13.92 -7.00 -13.59
N VAL A 577 12.76 -7.59 -13.30
CA VAL A 577 11.61 -6.78 -12.92
C VAL A 577 11.85 -6.26 -11.52
N SER A 578 12.30 -5.01 -11.42
CA SER A 578 12.59 -4.39 -10.14
C SER A 578 11.61 -3.29 -9.74
N GLN A 579 10.98 -2.63 -10.71
CA GLN A 579 10.01 -1.56 -10.49
C GLN A 579 10.62 -0.35 -9.80
N SER A 580 11.95 -0.31 -9.67
CA SER A 580 12.64 0.80 -9.03
C SER A 580 14.07 0.85 -9.56
N LEU A 581 14.68 2.03 -9.43
CA LEU A 581 16.05 2.24 -9.87
C LEU A 581 16.97 2.52 -8.70
N PRO A 582 18.24 2.12 -8.80
CA PRO A 582 19.17 2.38 -7.69
C PRO A 582 19.32 3.86 -7.43
N VAL A 583 19.44 4.23 -6.16
CA VAL A 583 19.58 5.64 -5.81
C VAL A 583 21.02 6.11 -5.95
N LEU A 584 21.97 5.32 -5.42
CA LEU A 584 23.38 5.69 -5.51
C LEU A 584 23.83 5.80 -6.97
N SER A 585 23.49 4.80 -7.79
CA SER A 585 23.89 4.82 -9.19
C SER A 585 23.27 5.99 -9.93
N THR A 586 21.98 6.25 -9.72
CA THR A 586 21.32 7.36 -10.39
C THR A 586 21.95 8.69 -9.99
N LEU A 587 22.22 8.87 -8.70
CA LEU A 587 22.83 10.11 -8.24
C LEU A 587 24.22 10.28 -8.85
N GLN A 588 24.99 9.19 -8.93
CA GLN A 588 26.32 9.28 -9.50
C GLN A 588 26.24 9.67 -10.97
N LEU A 589 25.28 9.09 -11.70
CA LEU A 589 25.13 9.41 -13.12
C LEU A 589 24.76 10.88 -13.31
N TYR A 590 23.84 11.37 -12.48
CA TYR A 590 23.44 12.78 -12.60
C TYR A 590 24.60 13.69 -12.25
N CYS A 591 25.39 13.33 -11.23
CA CYS A 591 26.53 14.16 -10.86
C CYS A 591 27.54 14.21 -11.99
N SER A 592 27.77 13.06 -12.63
CA SER A 592 28.73 13.02 -13.74
C SER A 592 28.24 13.90 -14.89
N SER A 593 26.94 13.83 -15.19
CA SER A 593 26.40 14.64 -16.27
C SER A 593 26.54 16.12 -15.94
N ALA A 594 26.26 16.49 -14.69
CA ALA A 594 26.37 17.89 -14.27
C ALA A 594 27.80 18.37 -14.42
N LEU A 595 28.77 17.54 -14.02
CA LEU A 595 30.17 17.93 -14.12
C LEU A 595 30.56 18.09 -15.59
N GLU A 596 30.10 17.17 -16.44
CA GLU A 596 30.43 17.24 -17.85
C GLU A 596 29.87 18.52 -18.47
N ASN A 597 28.66 18.91 -18.05
CA ASN A 597 28.06 20.13 -18.59
C ASN A 597 28.74 21.39 -18.06
N THR A 598 29.11 21.40 -16.77
CA THR A 598 29.76 22.57 -16.21
C THR A 598 31.18 22.77 -16.73
N VAL A 599 31.88 21.69 -17.10
CA VAL A 599 33.24 21.88 -17.60
C VAL A 599 33.22 22.53 -18.98
N SER A 600 32.28 22.12 -19.84
CA SER A 600 32.19 22.68 -21.17
C SER A 600 31.51 24.05 -21.19
N ASN A 601 30.51 24.28 -20.36
CA ASN A 601 29.81 25.56 -20.31
C ASN A 601 30.38 26.56 -19.31
N ARG A 602 31.31 26.13 -18.45
CA ARG A 602 31.91 27.02 -17.44
C ARG A 602 30.84 27.69 -16.57
N LEU A 603 29.83 26.91 -16.19
CA LEU A 603 28.72 27.38 -15.35
C LEU A 603 28.01 28.57 -16.00
N SER A 604 27.42 28.30 -17.17
CA SER A 604 26.69 29.32 -17.91
C SER A 604 25.27 28.91 -18.28
N THR A 605 24.89 27.66 -18.01
CA THR A 605 23.56 27.17 -18.32
C THR A 605 22.96 26.49 -17.10
N GLU A 606 21.62 26.45 -17.05
CA GLU A 606 20.92 25.83 -15.94
C GLU A 606 21.03 24.31 -15.93
N ASP A 607 21.56 23.71 -17.00
CA ASP A 607 21.70 22.26 -17.07
C ASP A 607 22.91 21.74 -16.31
N CYS A 608 23.75 22.63 -15.77
CA CYS A 608 24.92 22.21 -15.02
C CYS A 608 24.63 21.91 -13.56
N LEU A 609 23.40 22.12 -13.10
CA LEU A 609 23.01 21.86 -11.73
C LEU A 609 22.26 20.54 -11.61
N ILE A 610 22.39 19.90 -10.46
CA ILE A 610 21.72 18.62 -10.22
C ILE A 610 20.22 18.86 -10.11
N PRO A 611 19.38 18.03 -10.73
CA PRO A 611 17.93 18.22 -10.66
C PRO A 611 17.28 17.81 -9.34
N LEU A 612 18.05 17.63 -8.27
CA LEU A 612 17.48 17.24 -6.98
C LEU A 612 16.92 18.50 -6.32
N PHE A 613 15.61 18.69 -6.40
CA PHE A 613 14.93 19.83 -5.83
C PHE A 613 14.13 19.41 -4.60
N SER A 614 13.50 20.40 -3.96
CA SER A 614 12.70 20.15 -2.76
C SER A 614 11.41 19.39 -3.05
N GLU A 615 11.01 19.27 -4.33
CA GLU A 615 9.79 18.55 -4.66
C GLU A 615 9.84 17.10 -4.21
N ALA A 616 11.04 16.55 -3.99
CA ALA A 616 11.19 15.18 -3.55
C ALA A 616 10.78 14.98 -2.10
N LEU A 617 10.49 16.07 -1.37
CA LEU A 617 10.09 15.95 0.03
C LEU A 617 8.79 15.19 0.17
N ARG A 618 7.84 15.44 -0.73
CA ARG A 618 6.54 14.77 -0.70
C ARG A 618 6.47 13.55 -1.61
N SER A 619 7.57 13.15 -2.23
CA SER A 619 7.55 11.99 -3.11
C SER A 619 8.74 11.05 -2.93
N CYS A 620 9.66 11.33 -2.02
CA CYS A 620 10.83 10.47 -1.80
C CYS A 620 11.10 10.30 -0.31
N LYS A 621 10.04 10.06 0.47
CA LYS A 621 10.19 9.88 1.91
C LYS A 621 10.71 8.50 2.29
N GLN A 622 10.79 7.57 1.34
CA GLN A 622 11.27 6.22 1.61
C GLN A 622 12.77 6.06 1.38
N HIS A 623 13.49 7.13 1.08
CA HIS A 623 14.93 7.08 0.84
C HIS A 623 15.69 7.67 2.02
N ASP A 624 16.97 7.32 2.10
CA ASP A 624 17.84 7.81 3.17
C ASP A 624 18.31 9.22 2.84
N VAL A 625 19.30 9.71 3.59
CA VAL A 625 19.84 11.04 3.39
C VAL A 625 21.15 10.94 2.61
N ARG A 626 21.53 9.72 2.22
CA ARG A 626 22.76 9.52 1.47
C ARG A 626 22.77 10.26 0.13
N PRO A 627 21.74 10.17 -0.71
CA PRO A 627 21.79 10.91 -1.99
C PRO A 627 21.96 12.40 -1.79
N TRP A 628 21.37 12.95 -0.73
CA TRP A 628 21.50 14.37 -0.47
C TRP A 628 22.94 14.73 -0.19
N MET A 629 23.63 13.89 0.59
CA MET A 629 25.03 14.17 0.90
C MET A 629 25.87 14.08 -0.36
N GLN A 630 25.57 13.09 -1.21
CA GLN A 630 26.32 12.94 -2.45
C GLN A 630 26.15 14.17 -3.34
N ALA A 631 24.92 14.67 -3.46
CA ALA A 631 24.68 15.84 -4.28
C ALA A 631 25.34 17.08 -3.69
N LEU A 632 25.28 17.24 -2.36
CA LEU A 632 25.89 18.39 -1.71
C LEU A 632 27.41 18.39 -1.90
N ARG A 633 28.01 17.19 -1.94
CA ARG A 633 29.46 17.09 -2.12
C ARG A 633 29.92 17.85 -3.36
N TYR A 634 29.18 17.73 -4.46
CA TYR A 634 29.54 18.42 -5.69
C TYR A 634 28.96 19.82 -5.76
N THR A 635 27.79 20.05 -5.14
CA THR A 635 27.22 21.38 -5.18
C THR A 635 28.15 22.38 -4.48
N MET A 636 28.71 21.97 -3.33
CA MET A 636 29.61 22.85 -2.60
C MET A 636 30.86 23.11 -3.45
N TYR A 637 31.35 22.08 -4.14
CA TYR A 637 32.53 22.25 -4.98
C TYR A 637 32.26 23.28 -6.06
N GLN A 638 31.08 23.20 -6.69
CA GLN A 638 30.74 24.16 -7.73
C GLN A 638 30.64 25.57 -7.14
N ASN A 639 30.08 25.66 -5.93
CA ASN A 639 29.94 26.97 -5.29
C ASN A 639 31.31 27.60 -5.07
N GLN A 640 32.27 26.81 -4.57
CA GLN A 640 33.60 27.36 -4.33
C GLN A 640 34.29 27.69 -5.66
N LEU A 641 34.04 26.87 -6.69
CA LEU A 641 34.66 27.10 -7.99
C LEU A 641 34.11 28.36 -8.66
N LEU A 642 32.90 28.78 -8.28
CA LEU A 642 32.30 29.97 -8.85
C LEU A 642 33.18 31.21 -8.65
N GLU A 643 34.02 31.22 -7.62
CA GLU A 643 34.89 32.35 -7.35
C GLU A 643 36.02 32.51 -8.36
N LYS A 644 36.24 31.52 -9.22
CA LYS A 644 37.31 31.58 -10.22
C LYS A 644 36.78 31.88 -11.62
N ILE A 645 35.54 32.33 -11.73
CA ILE A 645 34.92 32.65 -13.02
C ILE A 645 34.52 34.12 -13.00
N LYS A 646 34.93 34.86 -14.04
CA LYS A 646 34.63 36.27 -14.15
C LYS A 646 33.39 36.55 -14.99
N GLU A 647 33.08 35.70 -15.98
CA GLU A 647 31.91 35.90 -16.81
C GLU A 647 30.64 35.62 -16.03
N GLN A 648 29.51 35.95 -16.66
CA GLN A 648 28.22 35.73 -16.02
C GLN A 648 27.99 34.25 -15.77
N THR A 649 27.48 33.92 -14.59
CA THR A 649 27.22 32.55 -14.21
C THR A 649 25.80 32.42 -13.65
N VAL A 650 25.34 31.18 -13.57
CA VAL A 650 24.00 30.87 -13.05
C VAL A 650 24.02 31.00 -11.53
N PRO A 651 22.89 31.26 -10.88
CA PRO A 651 22.88 31.40 -9.42
C PRO A 651 22.88 30.03 -8.75
N ILE A 652 23.96 29.73 -8.04
CA ILE A 652 24.10 28.45 -7.34
C ILE A 652 23.76 28.56 -5.86
N ARG A 653 23.78 29.77 -5.29
CA ARG A 653 23.48 29.94 -3.87
C ARG A 653 22.08 29.44 -3.54
N SER A 654 21.09 29.77 -4.38
CA SER A 654 19.73 29.31 -4.12
C SER A 654 19.65 27.79 -4.13
N HIS A 655 20.31 27.16 -5.10
CA HIS A 655 20.29 25.71 -5.19
C HIS A 655 20.96 25.09 -3.96
N LEU A 656 22.07 25.67 -3.52
CA LEU A 656 22.77 25.16 -2.34
C LEU A 656 21.88 25.27 -1.11
N MET A 657 21.19 26.40 -0.95
CA MET A 657 20.32 26.58 0.20
C MET A 657 19.19 25.57 0.18
N GLU A 658 18.59 25.36 -0.99
CA GLU A 658 17.48 24.40 -1.10
C GLU A 658 17.95 22.99 -0.76
N LEU A 659 19.09 22.57 -1.33
CA LEU A 659 19.61 21.24 -1.06
C LEU A 659 19.94 21.06 0.41
N GLY A 660 20.61 22.04 1.02
CA GLY A 660 20.95 21.93 2.42
C GLY A 660 19.73 21.87 3.31
N LEU A 661 18.73 22.70 3.04
CA LEU A 661 17.51 22.71 3.84
C LEU A 661 16.77 21.38 3.74
N THR A 662 16.62 20.86 2.52
CA THR A 662 15.92 19.59 2.35
C THR A 662 16.69 18.46 3.03
N ALA A 663 18.01 18.45 2.88
CA ALA A 663 18.81 17.40 3.50
C ALA A 663 18.69 17.48 5.01
N ALA A 664 18.67 18.69 5.55
CA ALA A 664 18.54 18.86 7.00
C ALA A 664 17.20 18.33 7.46
N LYS A 665 16.14 18.59 6.69
CA LYS A 665 14.82 18.10 7.08
C LYS A 665 14.81 16.57 7.08
N PHE A 666 15.41 15.97 6.05
CA PHE A 666 15.46 14.51 5.97
C PHE A 666 16.25 13.92 7.13
N ALA A 667 17.35 14.57 7.51
CA ALA A 667 18.15 14.09 8.62
C ALA A 667 17.41 14.20 9.94
N ARG A 668 16.74 15.34 10.17
CA ARG A 668 15.99 15.52 11.41
C ARG A 668 14.84 14.54 11.51
N LYS A 669 14.22 14.18 10.38
CA LYS A 669 13.11 13.24 10.43
C LYS A 669 13.56 11.80 10.75
N ARG A 670 14.83 11.55 11.09
CA ARG A 670 15.28 10.19 11.41
C ARG A 670 16.13 10.12 12.67
N GLY A 671 16.21 11.20 13.45
CA GLY A 671 16.99 11.21 14.66
C GLY A 671 18.46 11.58 14.54
N ASN A 672 18.93 11.96 13.35
CA ASN A 672 20.33 12.33 13.16
C ASN A 672 20.48 13.79 13.58
N VAL A 673 20.67 14.00 14.87
CA VAL A 673 20.82 15.36 15.40
C VAL A 673 22.15 15.97 15.00
N SER A 674 23.24 15.20 15.04
CA SER A 674 24.55 15.72 14.68
C SER A 674 24.59 16.19 13.23
N LEU A 675 24.18 15.34 12.30
CA LEU A 675 24.19 15.72 10.89
C LEU A 675 23.25 16.89 10.64
N ALA A 676 22.09 16.90 11.31
CA ALA A 676 21.14 17.99 11.12
C ALA A 676 21.74 19.31 11.57
N THR A 677 22.41 19.31 12.74
CA THR A 677 23.02 20.53 13.24
C THR A 677 24.11 20.99 12.28
N ARG A 678 24.89 20.04 11.75
CA ARG A 678 25.96 20.40 10.83
C ARG A 678 25.39 21.07 9.59
N LEU A 679 24.31 20.50 9.04
CA LEU A 679 23.69 21.09 7.85
C LEU A 679 23.11 22.47 8.15
N LEU A 680 22.46 22.63 9.31
CA LEU A 680 21.89 23.93 9.64
C LEU A 680 23.00 24.97 9.78
N ALA A 681 24.12 24.59 10.41
CA ALA A 681 25.22 25.52 10.57
C ALA A 681 25.79 25.90 9.21
N GLN A 682 25.88 24.93 8.31
CA GLN A 682 26.41 25.20 6.97
C GLN A 682 25.49 26.15 6.21
N CYS A 683 24.18 25.94 6.32
CA CYS A 683 23.22 26.80 5.63
C CYS A 683 23.23 28.22 6.20
N SER A 684 23.28 28.34 7.52
CA SER A 684 23.29 29.65 8.16
C SER A 684 24.64 30.35 8.06
N GLU A 685 25.69 29.64 7.67
CA GLU A 685 27.03 30.21 7.54
C GLU A 685 27.50 30.86 8.84
N THR A 692 27.92 19.14 21.55
CA THR A 692 27.36 17.83 21.84
C THR A 692 26.54 17.85 23.12
N THR A 693 25.92 18.99 23.40
CA THR A 693 25.10 19.16 24.59
C THR A 693 23.80 19.86 24.22
N ALA A 694 22.76 19.61 25.02
CA ALA A 694 21.46 20.22 24.76
C ALA A 694 21.52 21.73 24.93
N GLN A 695 22.26 22.21 25.93
CA GLN A 695 22.38 23.65 26.16
C GLN A 695 23.13 24.36 25.06
N ASP A 696 23.84 23.65 24.19
CA ASP A 696 24.58 24.29 23.11
C ASP A 696 23.66 24.69 21.96
N LEU A 697 22.65 23.85 21.68
CA LEU A 697 21.72 24.16 20.59
C LEU A 697 20.89 25.39 20.90
N VAL A 698 20.42 25.54 22.15
CA VAL A 698 19.62 26.70 22.51
C VAL A 698 20.44 27.98 22.45
N GLN A 699 21.77 27.87 22.49
CA GLN A 699 22.64 29.04 22.44
C GLN A 699 23.22 29.29 21.06
N HIS A 700 23.15 28.30 20.16
CA HIS A 700 23.68 28.43 18.82
C HIS A 700 22.61 28.64 17.75
N PHE A 701 21.33 28.49 18.10
CA PHE A 701 20.25 28.67 17.13
C PHE A 701 19.23 29.72 17.55
N LYS A 702 18.93 29.84 18.84
CA LYS A 702 17.95 30.82 19.30
C LYS A 702 18.46 32.25 19.10
N LYS A 713 14.10 34.49 0.91
CA LYS A 713 13.15 33.52 0.38
C LYS A 713 13.10 32.26 1.24
N TRP A 714 14.27 31.84 1.72
CA TRP A 714 14.39 30.66 2.55
C TRP A 714 14.44 30.99 4.04
N GLY A 715 14.24 32.25 4.41
CA GLY A 715 14.27 32.67 5.79
C GLY A 715 13.25 31.97 6.67
N PRO A 716 11.96 32.13 6.36
CA PRO A 716 10.93 31.46 7.19
C PRO A 716 11.13 29.96 7.27
N GLU A 717 11.49 29.32 6.16
CA GLU A 717 11.69 27.87 6.19
C GLU A 717 12.86 27.53 7.11
N LEU A 718 13.93 28.33 7.06
CA LEU A 718 15.09 28.07 7.91
C LEU A 718 14.71 28.20 9.38
N ASP A 719 13.93 29.23 9.71
CA ASP A 719 13.53 29.42 11.11
C ASP A 719 12.65 28.25 11.57
N ILE A 720 11.69 27.83 10.75
CA ILE A 720 10.82 26.73 11.13
C ILE A 720 11.65 25.46 11.33
N GLU A 721 12.63 25.24 10.44
CA GLU A 721 13.47 24.05 10.57
C GLU A 721 14.29 24.11 11.85
N LYS A 722 14.77 25.30 12.21
CA LYS A 722 15.56 25.42 13.43
C LYS A 722 14.69 25.08 14.64
N THR A 723 13.46 25.57 14.64
CA THR A 723 12.55 25.27 15.75
C THR A 723 12.28 23.78 15.83
N LYS A 724 12.05 23.14 14.68
CA LYS A 724 11.79 21.71 14.67
C LYS A 724 12.98 20.94 15.22
N LEU A 725 14.19 21.34 14.81
CA LEU A 725 15.39 20.65 15.29
C LEU A 725 15.51 20.79 16.80
N LEU A 726 15.23 21.99 17.32
CA LEU A 726 15.31 22.19 18.76
C LEU A 726 14.28 21.33 19.48
N TYR A 727 13.09 21.20 18.90
CA TYR A 727 12.05 20.39 19.51
C TYR A 727 12.44 18.91 19.54
N THR A 728 13.04 18.43 18.46
CA THR A 728 13.47 17.03 18.41
C THR A 728 14.54 16.70 19.44
N ALA A 729 15.31 17.70 19.87
CA ALA A 729 16.37 17.50 20.85
C ALA A 729 15.87 17.47 22.29
N GLY A 730 14.57 17.67 22.52
CA GLY A 730 14.01 17.66 23.84
C GLY A 730 13.68 19.03 24.42
N GLN A 731 14.19 20.10 23.81
CA GLN A 731 13.92 21.46 24.29
C GLN A 731 12.63 21.99 23.66
N SER A 732 11.52 21.44 24.15
CA SER A 732 10.21 21.83 23.65
C SER A 732 9.87 23.29 23.99
N THR A 733 10.21 23.72 25.21
CA THR A 733 9.92 25.09 25.62
C THR A 733 10.60 26.10 24.70
N HIS A 734 11.90 25.93 24.46
CA HIS A 734 12.62 26.86 23.60
C HIS A 734 12.06 26.83 22.18
N ALA A 735 11.72 25.65 21.68
CA ALA A 735 11.19 25.54 20.33
C ALA A 735 9.86 26.28 20.21
N MET A 736 8.98 26.14 21.22
CA MET A 736 7.70 26.82 21.17
C MET A 736 7.90 28.33 21.23
N GLU A 737 8.80 28.80 22.09
CA GLU A 737 9.03 30.24 22.18
C GLU A 737 9.55 30.78 20.87
N MET A 738 10.49 30.05 20.24
CA MET A 738 11.04 30.51 18.98
C MET A 738 9.97 30.54 17.90
N LEU A 739 9.08 29.52 17.86
CA LEU A 739 8.04 29.53 16.85
C LEU A 739 7.10 30.71 17.05
N SER A 740 6.75 31.00 18.30
CA SER A 740 5.86 32.13 18.55
C SER A 740 6.51 33.43 18.10
N SER A 741 7.80 33.60 18.41
CA SER A 741 8.50 34.81 18.01
C SER A 741 8.58 34.92 16.49
N CYS A 742 8.82 33.80 15.80
CA CYS A 742 8.90 33.83 14.34
C CYS A 742 7.55 34.15 13.73
N ALA A 743 6.48 33.59 14.29
CA ALA A 743 5.13 33.85 13.78
C ALA A 743 4.78 35.31 13.94
N ILE A 744 5.22 35.93 15.04
CA ILE A 744 4.92 37.34 15.26
C ILE A 744 5.49 38.18 14.12
N SER A 745 6.70 37.84 13.68
CA SER A 745 7.32 38.58 12.59
C SER A 745 6.69 38.23 11.26
N PHE A 746 6.30 36.95 11.08
CA PHE A 746 5.68 36.53 9.82
C PHE A 746 4.35 37.21 9.62
N CYS A 747 3.64 37.52 10.70
CA CYS A 747 2.34 38.19 10.58
C CYS A 747 2.45 39.58 9.99
N LYS A 748 3.66 40.14 9.90
CA LYS A 748 3.87 41.47 9.35
C LYS A 748 4.77 41.44 8.11
N SER A 749 4.90 40.28 7.47
CA SER A 749 5.72 40.15 6.29
C SER A 749 4.96 40.62 5.04
N VAL A 750 5.59 40.48 3.88
CA VAL A 750 4.96 40.89 2.63
C VAL A 750 3.98 39.83 2.16
N LYS A 751 4.48 38.65 1.81
CA LYS A 751 3.61 37.56 1.35
C LYS A 751 3.05 36.79 2.54
N ALA A 752 3.93 36.11 3.27
CA ALA A 752 3.60 35.32 4.45
C ALA A 752 2.28 34.55 4.28
N GLU A 753 2.25 33.72 3.25
CA GLU A 753 1.05 32.92 2.96
C GLU A 753 1.18 31.49 3.48
N TYR A 754 2.20 30.77 3.03
CA TYR A 754 2.40 29.39 3.47
C TYR A 754 3.23 29.28 4.74
N ALA A 755 3.92 30.35 5.15
CA ALA A 755 4.72 30.30 6.36
C ALA A 755 3.90 30.55 7.62
N VAL A 756 2.96 31.49 7.56
CA VAL A 756 2.12 31.80 8.72
C VAL A 756 1.28 30.58 9.12
N ALA A 757 0.65 29.94 8.14
CA ALA A 757 -0.17 28.78 8.43
C ALA A 757 0.65 27.66 9.05
N LYS A 758 1.84 27.40 8.51
CA LYS A 758 2.69 26.33 9.06
C LYS A 758 3.14 26.67 10.47
N SER A 759 3.63 27.90 10.69
CA SER A 759 4.09 28.29 12.01
C SER A 759 2.97 28.27 13.05
N ILE A 760 1.73 28.49 12.63
CA ILE A 760 0.63 28.46 13.59
C ILE A 760 0.14 27.05 13.84
N LEU A 761 -0.01 26.25 12.78
CA LEU A 761 -0.49 24.88 12.95
C LEU A 761 0.50 24.04 13.76
N THR A 762 1.80 24.19 13.49
CA THR A 762 2.79 23.42 14.24
C THR A 762 2.76 23.79 15.70
N LEU A 763 2.66 25.09 15.99
CA LEU A 763 2.62 25.54 17.39
C LEU A 763 1.38 25.00 18.08
N ALA A 764 0.24 25.02 17.39
CA ALA A 764 -1.00 24.51 17.99
C ALA A 764 -0.88 23.02 18.27
N LYS A 765 -0.29 22.27 17.34
CA LYS A 765 -0.14 20.84 17.55
C LYS A 765 0.76 20.55 18.73
N TRP A 766 1.89 21.26 18.83
CA TRP A 766 2.81 21.05 19.94
C TRP A 766 2.14 21.41 21.25
N ILE A 767 1.32 22.48 21.25
CA ILE A 767 0.64 22.88 22.48
C ILE A 767 -0.35 21.79 22.87
N GLN A 768 -1.02 21.18 21.88
CA GLN A 768 -1.98 20.13 22.16
C GLN A 768 -1.28 18.91 22.75
N ALA A 769 -0.06 18.63 22.30
CA ALA A 769 0.68 17.48 22.80
C ALA A 769 0.91 17.61 24.31
N GLU A 770 1.47 18.74 24.74
CA GLU A 770 1.75 19.00 26.15
C GLU A 770 0.62 19.80 26.79
N TRP A 771 -0.59 19.26 26.72
CA TRP A 771 -1.77 19.93 27.29
C TRP A 771 -1.67 20.06 28.80
N LYS A 772 -1.21 19.01 29.48
CA LYS A 772 -1.11 19.04 30.93
C LYS A 772 -0.13 20.11 31.41
N GLU A 773 1.00 20.27 30.72
CA GLU A 773 1.99 21.26 31.11
C GLU A 773 1.71 22.66 30.59
N ILE A 774 0.74 22.83 29.68
CA ILE A 774 0.41 24.14 29.14
C ILE A 774 -0.96 24.64 29.58
N SER A 775 -1.72 23.83 30.32
CA SER A 775 -3.04 24.27 30.77
C SER A 775 -2.96 25.52 31.63
N GLY A 776 -1.99 25.57 32.54
CA GLY A 776 -1.85 26.74 33.39
C GLY A 776 -1.51 27.98 32.60
N GLN A 777 -0.60 27.85 31.63
CA GLN A 777 -0.22 29.00 30.82
C GLN A 777 -1.40 29.49 30.00
N LEU A 778 -2.17 28.56 29.42
CA LEU A 778 -3.33 28.98 28.63
C LEU A 778 -4.35 29.67 29.51
N LYS A 779 -4.57 29.16 30.72
CA LYS A 779 -5.53 29.79 31.63
C LYS A 779 -5.05 31.19 32.00
N GLN A 780 -3.73 31.34 32.18
CA GLN A 780 -3.19 32.65 32.53
C GLN A 780 -3.40 33.62 31.39
N VAL A 781 -3.23 33.14 30.14
CA VAL A 781 -3.42 34.01 28.98
C VAL A 781 -4.88 34.46 28.92
N TYR A 782 -5.81 33.51 29.12
CA TYR A 782 -7.22 33.86 29.09
C TYR A 782 -7.56 34.87 30.17
N ARG A 783 -7.02 34.68 31.38
CA ARG A 783 -7.29 35.61 32.47
C ARG A 783 -6.73 36.99 32.16
N ALA A 784 -5.53 37.03 31.59
CA ALA A 784 -4.92 38.32 31.26
C ALA A 784 -5.69 39.04 30.16
N GLN A 785 -6.37 38.28 29.29
CA GLN A 785 -7.14 38.90 28.23
C GLN A 785 -8.28 39.77 28.76
N HIS A 786 -8.74 39.49 29.98
CA HIS A 786 -9.83 40.25 30.62
C HIS A 786 -9.32 40.70 31.98
N GLN A 787 -8.69 41.87 32.02
CA GLN A 787 -8.16 42.42 33.26
C GLN A 787 -7.97 43.93 33.17
N LEU A 793 3.45 36.47 34.09
CA LEU A 793 3.19 35.67 32.90
C LEU A 793 4.48 35.17 32.27
N SER A 794 4.45 33.92 31.80
CA SER A 794 5.62 33.33 31.17
C SER A 794 5.90 33.99 29.83
N THR A 795 7.11 33.76 29.31
CA THR A 795 7.48 34.35 28.03
C THR A 795 6.61 33.79 26.90
N LEU A 796 6.31 32.49 26.93
CA LEU A 796 5.47 31.91 25.89
C LEU A 796 4.06 32.47 25.94
N SER A 797 3.52 32.61 27.15
CA SER A 797 2.17 33.14 27.33
C SER A 797 2.10 34.59 26.85
N LYS A 798 3.09 35.40 27.24
CA LYS A 798 3.10 36.79 26.83
C LYS A 798 3.31 36.93 25.33
N ASN A 799 4.05 36.00 24.72
CA ASN A 799 4.29 36.05 23.29
C ASN A 799 3.04 35.63 22.53
N ILE A 800 2.27 34.69 23.07
CA ILE A 800 1.05 34.23 22.41
C ILE A 800 -0.04 35.28 22.54
N LEU A 801 -0.06 36.00 23.68
CA LEU A 801 -1.08 37.02 23.90
C LEU A 801 -1.01 38.08 22.81
N THR A 802 0.21 38.49 22.42
CA THR A 802 0.34 39.50 21.38
C THR A 802 -0.05 38.93 20.03
N LEU A 803 0.11 37.62 19.83
CA LEU A 803 -0.24 37.00 18.56
C LEU A 803 -1.76 36.94 18.39
N ILE A 804 -2.47 36.53 19.43
CA ILE A 804 -3.93 36.45 19.33
C ILE A 804 -4.54 37.85 19.27
N GLU A 805 -3.90 38.84 19.89
CA GLU A 805 -4.38 40.21 19.90
C GLU A 805 -3.96 41.00 18.66
N LEU A 806 -3.58 40.31 17.58
CA LEU A 806 -3.17 40.97 16.35
C LEU A 806 -4.34 41.72 15.72
N PRO A 807 -4.22 43.01 15.45
CA PRO A 807 -5.34 43.74 14.85
C PRO A 807 -5.63 43.25 13.44
N SER A 808 -6.91 43.32 13.07
CA SER A 808 -7.35 42.88 11.75
C SER A 808 -6.94 43.88 10.68
N ILE A 819 -15.06 37.13 15.52
CA ILE A 819 -16.10 36.16 15.22
C ILE A 819 -16.48 35.37 16.48
N GLU A 820 -15.51 34.68 17.05
CA GLU A 820 -15.73 33.89 18.26
C GLU A 820 -15.74 34.80 19.47
N SER A 821 -16.90 34.93 20.12
CA SER A 821 -17.06 35.76 21.30
C SER A 821 -17.03 34.90 22.56
N GLU A 822 -16.76 35.57 23.69
CA GLU A 822 -16.70 34.85 24.96
C GLU A 822 -18.09 34.44 25.44
N SER A 823 -19.14 35.04 24.89
CA SER A 823 -20.50 34.71 25.30
C SER A 823 -20.92 33.34 24.76
N THR A 824 -20.62 33.06 23.49
CA THR A 824 -20.99 31.78 22.91
C THR A 824 -20.16 30.62 23.42
N VAL A 825 -19.03 30.88 24.08
CA VAL A 825 -18.18 29.82 24.61
C VAL A 825 -18.20 29.78 26.13
N HIS A 826 -19.10 30.53 26.76
CA HIS A 826 -19.21 30.56 28.22
C HIS A 826 -20.14 29.48 28.75
N ILE A 827 -20.42 28.46 27.96
CA ILE A 827 -21.29 27.37 28.36
C ILE A 827 -20.69 26.01 28.00
N GLY A 828 -20.07 25.35 28.99
CA GLY A 828 -19.46 24.06 28.77
C GLY A 828 -18.15 24.04 28.01
N VAL A 829 -17.51 25.20 27.80
CA VAL A 829 -16.25 25.27 27.08
C VAL A 829 -15.16 25.69 28.06
N GLY A 830 -14.07 24.93 28.09
CA GLY A 830 -12.98 25.24 28.98
C GLY A 830 -12.18 26.44 28.54
N GLU A 831 -11.52 27.07 29.52
CA GLU A 831 -10.72 28.26 29.24
C GLU A 831 -9.53 27.97 28.33
N PRO A 832 -8.72 26.93 28.54
CA PRO A 832 -7.58 26.69 27.63
C PRO A 832 -7.99 26.36 26.20
N ASP A 833 -9.20 25.83 25.98
CA ASP A 833 -9.62 25.50 24.62
C ASP A 833 -9.92 26.75 23.80
N PHE A 834 -10.30 27.84 24.48
CA PHE A 834 -10.60 29.08 23.78
C PHE A 834 -9.36 29.59 23.08
N ILE A 835 -8.19 29.39 23.68
CA ILE A 835 -6.95 29.85 23.06
C ILE A 835 -6.71 29.09 21.76
N LEU A 836 -6.95 27.77 21.77
CA LEU A 836 -6.75 26.99 20.57
C LEU A 836 -7.73 27.44 19.48
N GLY A 837 -8.97 27.70 19.88
CA GLY A 837 -9.95 28.15 18.91
C GLY A 837 -9.54 29.47 18.30
N GLN A 838 -9.03 30.38 19.13
CA GLN A 838 -8.60 31.68 18.65
C GLN A 838 -7.43 31.52 17.69
N LEU A 839 -6.52 30.59 18.01
CA LEU A 839 -5.36 30.36 17.15
C LEU A 839 -5.83 29.86 15.78
N TYR A 840 -6.79 28.92 15.77
CA TYR A 840 -7.27 28.39 14.51
C TYR A 840 -7.94 29.50 13.70
N HIS A 841 -8.74 30.35 14.37
CA HIS A 841 -9.41 31.44 13.67
C HIS A 841 -8.39 32.41 13.09
N LEU A 842 -7.32 32.70 13.86
CA LEU A 842 -6.29 33.61 13.39
C LEU A 842 -5.59 33.03 12.17
N SER A 843 -5.27 31.74 12.21
CA SER A 843 -4.59 31.11 11.08
C SER A 843 -5.49 31.09 9.86
N SER A 844 -6.80 31.01 10.08
CA SER A 844 -7.75 30.99 8.96
C SER A 844 -7.89 32.37 8.34
N VAL A 845 -7.94 33.43 9.16
CA VAL A 845 -8.08 34.77 8.61
C VAL A 845 -6.76 35.28 8.05
N GLN A 846 -5.63 34.73 8.50
CA GLN A 846 -4.33 35.16 8.01
C GLN A 846 -3.92 34.48 6.71
N ALA A 847 -4.61 33.43 6.31
CA ALA A 847 -4.28 32.70 5.08
C ALA A 847 -5.55 32.04 4.56
N PRO A 848 -6.41 32.81 3.88
CA PRO A 848 -7.66 32.23 3.34
C PRO A 848 -7.45 31.26 2.19
N GLU A 849 -6.23 31.16 1.65
CA GLU A 849 -5.96 30.26 0.54
C GLU A 849 -5.49 28.88 0.99
N VAL A 850 -5.43 28.63 2.29
CA VAL A 850 -4.99 27.34 2.83
C VAL A 850 -6.22 26.60 3.34
N ALA A 851 -6.45 25.40 2.79
CA ALA A 851 -7.60 24.59 3.20
C ALA A 851 -7.44 24.07 4.62
N LYS A 852 -6.20 23.79 5.04
CA LYS A 852 -5.98 23.27 6.38
C LYS A 852 -6.40 24.28 7.45
N SER A 853 -6.15 25.56 7.21
CA SER A 853 -6.52 26.59 8.16
C SER A 853 -8.03 26.63 8.40
N TRP A 854 -8.82 26.21 7.42
CA TRP A 854 -10.26 26.18 7.54
C TRP A 854 -10.75 24.85 8.10
N ALA A 855 -10.10 23.75 7.69
CA ALA A 855 -10.49 22.44 8.17
C ALA A 855 -10.26 22.31 9.67
N ALA A 856 -9.14 22.81 10.16
CA ALA A 856 -8.86 22.72 11.60
C ALA A 856 -9.90 23.50 12.40
N LEU A 857 -10.21 24.71 11.95
CA LEU A 857 -11.20 25.53 12.64
C LEU A 857 -12.57 24.87 12.62
N ALA A 858 -12.95 24.30 11.47
CA ALA A 858 -14.24 23.65 11.34
C ALA A 858 -14.33 22.45 12.28
N SER A 859 -13.28 21.63 12.32
CA SER A 859 -13.30 20.46 13.19
C SER A 859 -13.40 20.87 14.66
N TRP A 860 -12.63 21.89 15.07
CA TRP A 860 -12.67 22.34 16.45
C TRP A 860 -14.05 22.87 16.80
N ALA A 861 -14.62 23.71 15.92
CA ALA A 861 -15.94 24.27 16.17
C ALA A 861 -17.00 23.19 16.25
N TYR A 862 -16.93 22.19 15.38
CA TYR A 862 -17.93 21.13 15.41
C TYR A 862 -17.80 20.27 16.66
N ARG A 863 -16.59 19.83 17.00
CA ARG A 863 -16.42 19.00 18.18
C ARG A 863 -16.84 19.74 19.44
N TRP A 864 -16.70 21.07 19.47
CA TRP A 864 -17.11 21.78 20.69
C TRP A 864 -18.62 22.07 20.67
N GLY A 865 -19.17 22.39 19.50
CA GLY A 865 -20.59 22.68 19.42
C GLY A 865 -21.43 21.47 19.74
N ARG A 866 -20.98 20.28 19.31
CA ARG A 866 -21.73 19.07 19.58
C ARG A 866 -21.88 18.86 21.07
N LYS A 867 -20.78 18.98 21.81
CA LYS A 867 -20.82 18.80 23.26
C LYS A 867 -21.61 19.92 23.92
N VAL A 868 -21.51 21.14 23.42
CA VAL A 868 -22.26 22.25 24.02
C VAL A 868 -23.76 22.03 23.88
N VAL A 869 -24.22 21.67 22.69
CA VAL A 869 -25.64 21.44 22.49
C VAL A 869 -26.10 20.21 23.27
N ASP A 870 -25.25 19.18 23.37
CA ASP A 870 -25.63 17.99 24.11
C ASP A 870 -25.80 18.30 25.59
N ASN A 871 -24.89 19.09 26.16
CA ASN A 871 -24.98 19.44 27.57
C ASN A 871 -26.06 20.48 27.84
N ALA A 872 -26.44 21.27 26.84
CA ALA A 872 -27.47 22.28 26.99
C ALA A 872 -28.88 21.75 26.70
N SER A 873 -29.07 20.44 26.80
CA SER A 873 -30.37 19.84 26.54
C SER A 873 -30.92 19.15 27.80
N UNK A 881 -26.61 38.57 30.62
CA UNK A 881 -27.22 39.52 31.54
C UNK A 881 -28.31 40.33 30.85
N UNK A 882 -28.20 40.48 29.53
CA UNK A 882 -29.20 41.23 28.78
C UNK A 882 -30.53 40.51 28.73
N UNK A 883 -30.51 39.17 28.80
CA UNK A 883 -31.76 38.41 28.76
C UNK A 883 -32.65 38.75 29.96
N UNK A 884 -32.05 38.84 31.15
CA UNK A 884 -32.83 39.15 32.33
C UNK A 884 -33.46 40.53 32.22
N UNK A 885 -32.69 41.51 31.75
CA UNK A 885 -33.23 42.86 31.61
C UNK A 885 -34.35 42.90 30.59
N UNK A 886 -34.17 42.20 29.46
CA UNK A 886 -35.21 42.18 28.44
C UNK A 886 -36.48 41.53 28.96
N UNK A 887 -36.34 40.42 29.70
CA UNK A 887 -37.51 39.73 30.23
C UNK A 887 -38.22 40.61 31.26
N UNK A 888 -37.46 41.30 32.10
CA UNK A 888 -38.06 42.16 33.11
C UNK A 888 -38.80 43.34 32.47
N UNK A 889 -38.21 43.92 31.42
CA UNK A 889 -38.85 45.04 30.74
C UNK A 889 -40.10 44.60 29.99
N UNK A 890 -40.06 43.42 29.36
CA UNK A 890 -41.20 42.92 28.61
C UNK A 890 -42.31 42.36 29.51
N UNK A 891 -42.02 42.10 30.78
CA UNK A 891 -43.00 41.57 31.73
C UNK A 891 -43.27 42.54 32.87
N UNK A 892 -43.39 43.82 32.55
CA UNK A 892 -43.65 44.84 33.55
C UNK A 892 -45.07 44.73 34.09
N UNK A 898 -40.98 38.00 42.70
CA UNK A 898 -39.60 37.54 42.70
C UNK A 898 -39.48 36.14 42.13
N UNK A 899 -40.30 35.23 42.65
CA UNK A 899 -40.28 33.85 42.16
C UNK A 899 -40.78 33.74 40.72
N UNK A 900 -41.68 34.64 40.32
CA UNK A 900 -42.19 34.60 38.96
C UNK A 900 -41.09 34.83 37.93
N UNK A 901 -40.21 35.81 38.20
CA UNK A 901 -39.13 36.10 37.27
C UNK A 901 -38.20 34.91 37.15
N UNK A 902 -37.84 34.28 38.28
CA UNK A 902 -36.95 33.13 38.25
C UNK A 902 -37.59 31.98 37.48
N UNK A 903 -38.88 31.73 37.72
CA UNK A 903 -39.56 30.65 37.03
C UNK A 903 -39.60 30.90 35.53
N UNK A 904 -39.89 32.15 35.13
CA UNK A 904 -39.94 32.46 33.71
C UNK A 904 -38.58 32.30 33.07
N UNK A 905 -37.52 32.75 33.76
CA UNK A 905 -36.18 32.63 33.21
C UNK A 905 -35.77 31.16 33.07
N UNK A 906 -36.13 30.34 34.06
CA UNK A 906 -35.79 28.92 33.99
C UNK A 906 -36.57 28.22 32.89
N UNK A 907 -37.84 28.59 32.71
CA UNK A 907 -38.65 27.97 31.67
C UNK A 907 -38.19 28.39 30.27
N UNK A 908 -37.73 29.63 30.13
CA UNK A 908 -37.28 30.10 28.82
C UNK A 908 -36.05 29.34 28.34
N UNK A 909 -35.17 28.94 29.26
CA UNK A 909 -33.95 28.20 28.92
C UNK A 909 -33.93 26.83 29.61
N UNK A 910 -35.07 26.15 29.62
CA UNK A 910 -35.15 24.83 30.25
C UNK A 910 -34.50 23.77 29.38
N UNK A 911 -35.02 23.57 28.16
CA UNK A 911 -34.49 22.58 27.24
C UNK A 911 -34.37 23.17 25.84
N UNK A 912 -34.02 24.46 25.76
CA UNK A 912 -33.88 25.14 24.48
C UNK A 912 -32.63 24.66 23.75
N UNK A 938 -42.68 21.28 17.10
CA UNK A 938 -43.62 21.23 18.21
C UNK A 938 -42.97 21.77 19.49
N UNK A 939 -42.00 22.67 19.32
CA UNK A 939 -41.31 23.27 20.46
C UNK A 939 -41.96 24.57 20.92
N UNK A 940 -42.43 25.39 19.97
CA UNK A 940 -43.07 26.65 20.34
C UNK A 940 -44.33 26.41 21.17
N UNK A 941 -45.15 25.44 20.77
CA UNK A 941 -46.37 25.16 21.53
C UNK A 941 -46.04 24.69 22.93
N UNK A 942 -45.06 23.80 23.06
CA UNK A 942 -44.68 23.29 24.39
C UNK A 942 -44.15 24.42 25.26
N UNK A 943 -43.31 25.28 24.69
CA UNK A 943 -42.76 26.39 25.47
C UNK A 943 -43.86 27.33 25.91
N UNK A 944 -44.80 27.64 25.03
CA UNK A 944 -45.89 28.54 25.38
C UNK A 944 -46.75 27.94 26.47
N UNK A 945 -47.06 26.63 26.36
CA UNK A 945 -47.87 25.98 27.38
C UNK A 945 -47.17 25.97 28.72
N UNK A 946 -45.86 25.68 28.73
CA UNK A 946 -45.12 25.66 29.98
C UNK A 946 -45.08 27.05 30.61
N UNK A 947 -44.85 28.08 29.80
CA UNK A 947 -44.80 29.44 30.33
C UNK A 947 -46.17 29.85 30.89
N UNK A 948 -47.25 29.50 30.19
CA UNK A 948 -48.57 29.85 30.66
C UNK A 948 -48.91 29.12 31.96
N UNK A 949 -48.51 27.85 32.07
CA UNK A 949 -48.80 27.09 33.29
C UNK A 949 -47.94 27.54 34.45
N UNK A 950 -46.73 28.07 34.18
CA UNK A 950 -45.86 28.52 35.25
C UNK A 950 -46.23 29.92 35.73
N UNK A 951 -46.22 30.90 34.81
CA UNK A 951 -46.56 32.27 35.19
C UNK A 951 -48.02 32.37 35.64
N UNK A 952 -48.93 31.72 34.92
CA UNK A 952 -50.34 31.75 35.26
C UNK A 952 -50.86 30.36 35.60
N GLU A 962 -46.62 39.06 24.14
CA GLU A 962 -45.70 38.03 24.57
C GLU A 962 -44.33 38.22 23.94
N GLY A 963 -43.35 38.60 24.77
CA GLY A 963 -41.99 38.83 24.33
C GLY A 963 -41.04 37.69 24.54
N VAL A 964 -41.51 36.54 25.02
CA VAL A 964 -40.64 35.39 25.25
C VAL A 964 -40.12 34.81 23.94
N ILE A 965 -40.80 35.09 22.82
CA ILE A 965 -40.35 34.58 21.53
C ILE A 965 -38.97 35.13 21.17
N LYS A 966 -38.77 36.43 21.39
CA LYS A 966 -37.48 37.05 21.08
C LYS A 966 -36.37 36.45 21.94
N VAL A 967 -36.64 36.25 23.23
CA VAL A 967 -35.63 35.69 24.13
C VAL A 967 -35.30 34.27 23.70
N TRP A 968 -36.31 33.47 23.37
CA TRP A 968 -36.07 32.09 22.94
C TRP A 968 -35.25 32.07 21.66
N ARG A 969 -35.58 32.95 20.71
CA ARG A 969 -34.84 32.99 19.46
C ARG A 969 -33.39 33.38 19.70
N LYS A 970 -33.17 34.36 20.58
CA LYS A 970 -31.80 34.81 20.86
C LYS A 970 -30.98 33.70 21.53
N VAL A 971 -31.57 33.00 22.50
CA VAL A 971 -30.83 31.94 23.17
C VAL A 971 -30.57 30.77 22.22
N VAL A 972 -31.55 30.40 21.38
CA VAL A 972 -31.34 29.30 20.45
C VAL A 972 -30.29 29.69 19.42
N ASP A 973 -30.21 30.98 19.08
CA ASP A 973 -29.22 31.41 18.10
C ASP A 973 -27.83 31.44 18.72
N ARG A 974 -27.75 31.76 20.02
CA ARG A 974 -26.46 31.79 20.68
C ARG A 974 -25.91 30.40 20.93
N ILE A 975 -26.79 29.45 21.26
CA ILE A 975 -26.33 28.08 21.52
C ILE A 975 -25.81 27.39 20.25
N PHE A 976 -26.41 27.68 19.10
CA PHE A 976 -26.00 27.08 17.83
C PHE A 976 -24.94 27.88 17.09
N SER A 977 -24.37 28.92 17.70
CA SER A 977 -23.34 29.72 17.02
C SER A 977 -22.17 28.85 16.57
N LEU A 978 -21.79 27.86 17.39
CA LEU A 978 -20.68 27.00 17.03
C LEU A 978 -20.99 26.24 15.74
N TYR A 979 -22.22 25.73 15.61
CA TYR A 979 -22.59 25.00 14.40
C TYR A 979 -22.56 25.92 13.19
N LYS A 980 -23.03 27.16 13.34
CA LYS A 980 -23.02 28.08 12.21
C LYS A 980 -21.59 28.35 11.75
N LEU A 981 -20.69 28.59 12.71
CA LEU A 981 -19.30 28.85 12.36
C LEU A 981 -18.69 27.62 11.70
N SER A 982 -18.98 26.44 12.23
CA SER A 982 -18.44 25.20 11.66
C SER A 982 -18.95 25.01 10.24
N CYS A 983 -20.23 25.27 10.00
CA CYS A 983 -20.79 25.12 8.66
C CYS A 983 -20.15 26.10 7.69
N SER A 984 -19.95 27.34 8.12
CA SER A 984 -19.32 28.32 7.22
C SER A 984 -17.90 27.89 6.88
N ALA A 985 -17.14 27.44 7.89
CA ALA A 985 -15.78 27.00 7.63
C ALA A 985 -15.75 25.79 6.72
N TYR A 986 -16.68 24.84 6.93
CA TYR A 986 -16.73 23.65 6.10
C TYR A 986 -17.07 24.01 4.67
N PHE A 987 -18.00 24.96 4.49
CA PHE A 987 -18.38 25.37 3.13
C PHE A 987 -17.20 26.02 2.44
N THR A 988 -16.44 26.86 3.17
CA THR A 988 -15.29 27.50 2.56
C THR A 988 -14.24 26.47 2.18
N PHE A 989 -14.01 25.48 3.06
CA PHE A 989 -13.03 24.45 2.77
C PHE A 989 -13.44 23.65 1.55
N LEU A 990 -14.73 23.34 1.43
CA LEU A 990 -15.22 22.57 0.29
C LEU A 990 -15.09 23.40 -0.99
N LYS A 991 -15.41 24.69 -0.92
CA LYS A 991 -15.31 25.56 -2.09
C LYS A 991 -13.86 25.69 -2.55
N LEU A 992 -12.91 25.64 -1.62
CA LEU A 992 -11.50 25.75 -1.95
C LEU A 992 -10.95 24.46 -2.55
N ASN A 993 -11.75 23.39 -2.57
CA ASN A 993 -11.35 22.11 -3.11
C ASN A 993 -12.11 21.76 -4.39
N ALA A 994 -12.67 22.76 -5.07
CA ALA A 994 -13.41 22.53 -6.30
C ALA A 994 -12.51 22.02 -7.41
N GLN A 1014 -5.64 19.38 -3.16
CA GLN A 1014 -5.09 20.19 -2.08
C GLN A 1014 -5.39 19.59 -0.72
N SER A 1015 -6.23 18.55 -0.71
CA SER A 1015 -6.61 17.87 0.52
C SER A 1015 -6.92 16.41 0.21
N THR A 1016 -6.86 15.59 1.25
CA THR A 1016 -7.14 14.17 1.08
C THR A 1016 -8.63 13.95 0.86
N ASP A 1017 -8.95 12.83 0.20
CA ASP A 1017 -10.34 12.51 -0.07
C ASP A 1017 -11.12 12.26 1.22
N ASP A 1018 -10.50 11.59 2.19
CA ASP A 1018 -11.19 11.32 3.46
C ASP A 1018 -11.43 12.62 4.21
N MET A 1019 -10.49 13.57 4.10
CA MET A 1019 -10.61 14.86 4.77
C MET A 1019 -11.85 15.60 4.27
N ILE A 1020 -12.26 15.33 3.04
CA ILE A 1020 -13.43 15.96 2.43
C ILE A 1020 -14.69 15.15 2.73
N VAL A 1021 -14.54 13.82 2.74
CA VAL A 1021 -15.66 12.94 3.01
C VAL A 1021 -16.19 13.20 4.42
N MET A 1022 -15.28 13.40 5.37
CA MET A 1022 -15.70 13.67 6.75
C MET A 1022 -16.50 14.96 6.82
N ALA A 1023 -16.06 16.00 6.10
CA ALA A 1023 -16.76 17.27 6.10
C ALA A 1023 -18.15 17.13 5.51
N THR A 1024 -18.25 16.42 4.38
CA THR A 1024 -19.55 16.22 3.73
C THR A 1024 -20.49 15.45 4.64
N LEU A 1025 -19.97 14.40 5.30
CA LEU A 1025 -20.80 13.61 6.20
C LEU A 1025 -21.28 14.46 7.37
N ARG A 1026 -20.40 15.30 7.92
CA ARG A 1026 -20.81 16.14 9.04
C ARG A 1026 -21.89 17.12 8.62
N LEU A 1027 -21.74 17.72 7.43
CA LEU A 1027 -22.75 18.66 6.95
C LEU A 1027 -24.08 17.96 6.75
N LEU A 1028 -24.06 16.76 6.17
CA LEU A 1028 -25.29 16.02 5.94
C LEU A 1028 -25.95 15.67 7.27
N ARG A 1029 -25.15 15.21 8.25
CA ARG A 1029 -25.70 14.86 9.54
C ARG A 1029 -26.33 16.07 10.21
N LEU A 1030 -25.69 17.23 10.08
CA LEU A 1030 -26.24 18.43 10.69
C LEU A 1030 -27.56 18.83 10.03
N LEU A 1031 -27.59 18.79 8.70
CA LEU A 1031 -28.83 19.15 8.00
C LEU A 1031 -29.95 18.17 8.30
N VAL A 1032 -29.61 16.91 8.58
CA VAL A 1032 -30.64 15.91 8.88
C VAL A 1032 -31.15 16.06 10.32
N LYS A 1033 -30.23 16.19 11.28
CA LYS A 1033 -30.63 16.33 12.67
C LYS A 1033 -31.22 17.70 12.97
N HIS A 1034 -30.43 18.77 12.79
CA HIS A 1034 -30.88 20.12 13.05
C HIS A 1034 -31.11 20.83 11.72
N ALA A 1035 -32.36 21.02 11.35
CA ALA A 1035 -32.73 21.68 10.10
C ALA A 1035 -33.31 23.07 10.34
N GLY A 1036 -34.23 23.22 11.30
CA GLY A 1036 -34.82 24.52 11.56
C GLY A 1036 -33.96 25.41 12.42
N GLU A 1037 -33.07 24.83 13.24
CA GLU A 1037 -32.22 25.64 14.10
C GLU A 1037 -31.26 26.48 13.29
N LEU A 1038 -30.70 25.91 12.23
CA LEU A 1038 -29.76 26.60 11.34
C LEU A 1038 -30.20 26.32 9.91
N ARG A 1039 -30.95 27.26 9.34
CA ARG A 1039 -31.46 27.14 7.98
C ARG A 1039 -30.88 28.17 7.02
N GLN A 1040 -30.72 29.43 7.45
CA GLN A 1040 -30.18 30.45 6.56
C GLN A 1040 -28.77 30.13 6.11
N TYR A 1041 -28.06 29.26 6.83
CA TYR A 1041 -26.70 28.91 6.46
C TYR A 1041 -26.66 27.79 5.43
N LEU A 1042 -27.25 26.63 5.78
CA LEU A 1042 -27.28 25.48 4.88
C LEU A 1042 -28.06 25.75 3.59
N GLU A 1043 -29.22 26.40 3.70
CA GLU A 1043 -30.02 26.68 2.51
C GLU A 1043 -29.22 27.43 1.46
N HIS A 1044 -28.55 28.50 1.86
CA HIS A 1044 -27.76 29.27 0.90
C HIS A 1044 -26.45 28.60 0.52
N GLY A 1045 -25.82 27.86 1.44
CA GLY A 1045 -24.57 27.20 1.11
C GLY A 1045 -24.73 26.09 0.09
N LEU A 1046 -25.76 25.27 0.24
CA LEU A 1046 -25.99 24.17 -0.70
C LEU A 1046 -26.33 24.64 -2.11
N GLU A 1047 -26.74 25.90 -2.28
CA GLU A 1047 -27.08 26.39 -3.61
C GLU A 1047 -25.84 26.77 -4.42
N THR A 1048 -24.69 26.94 -3.77
CA THR A 1048 -23.47 27.31 -4.47
C THR A 1048 -22.31 26.33 -4.30
N THR A 1049 -22.44 25.31 -3.46
CA THR A 1049 -21.36 24.37 -3.27
C THR A 1049 -21.09 23.58 -4.55
N PRO A 1050 -19.83 23.34 -4.91
CA PRO A 1050 -19.54 22.57 -6.13
C PRO A 1050 -19.96 21.13 -5.97
N THR A 1051 -20.30 20.50 -7.09
CA THR A 1051 -20.73 19.12 -7.11
C THR A 1051 -19.57 18.12 -7.10
N ALA A 1052 -18.35 18.58 -7.36
CA ALA A 1052 -17.21 17.66 -7.36
C ALA A 1052 -16.93 17.03 -6.01
N PRO A 1053 -16.89 17.76 -4.87
CA PRO A 1053 -16.62 17.09 -3.59
C PRO A 1053 -17.84 16.43 -2.95
N TRP A 1054 -18.91 16.24 -3.71
CA TRP A 1054 -20.13 15.62 -3.20
C TRP A 1054 -20.46 14.32 -3.91
N ARG A 1055 -19.49 13.71 -4.58
CA ARG A 1055 -19.69 12.47 -5.31
C ARG A 1055 -19.39 11.23 -4.48
N GLY A 1056 -19.08 11.39 -3.20
CA GLY A 1056 -18.78 10.23 -2.36
C GLY A 1056 -19.88 9.82 -1.40
N ILE A 1057 -20.93 10.64 -1.28
CA ILE A 1057 -22.02 10.33 -0.37
C ILE A 1057 -23.36 10.36 -1.09
N ILE A 1058 -23.36 10.04 -2.39
CA ILE A 1058 -24.61 10.06 -3.16
C ILE A 1058 -25.64 9.09 -2.58
N PRO A 1059 -25.31 7.83 -2.27
CA PRO A 1059 -26.35 6.94 -1.70
C PRO A 1059 -26.92 7.50 -0.42
N GLN A 1060 -26.10 8.18 0.38
CA GLN A 1060 -26.58 8.75 1.63
C GLN A 1060 -27.59 9.85 1.34
N LEU A 1061 -27.35 10.63 0.27
CA LEU A 1061 -28.27 11.70 -0.09
C LEU A 1061 -29.59 11.12 -0.57
N PHE A 1062 -29.53 10.03 -1.36
CA PHE A 1062 -30.76 9.41 -1.85
C PHE A 1062 -31.56 8.80 -0.71
N SER A 1063 -30.87 8.18 0.26
CA SER A 1063 -31.56 7.56 1.39
C SER A 1063 -32.26 8.58 2.28
N ARG A 1064 -31.84 9.85 2.24
CA ARG A 1064 -32.45 10.89 3.05
C ARG A 1064 -33.48 11.71 2.28
N LEU A 1065 -34.16 11.09 1.32
CA LEU A 1065 -35.17 11.78 0.51
C LEU A 1065 -36.55 11.75 1.15
N ASN A 1066 -36.71 11.09 2.30
CA ASN A 1066 -37.99 11.00 2.98
C ASN A 1066 -37.98 11.72 4.32
N HIS A 1067 -37.11 12.71 4.49
CA HIS A 1067 -37.06 13.45 5.74
C HIS A 1067 -38.36 14.22 5.94
N PRO A 1068 -38.91 14.25 7.17
CA PRO A 1068 -40.16 14.98 7.40
C PRO A 1068 -39.99 16.48 7.31
N GLU A 1069 -39.50 16.97 6.18
CA GLU A 1069 -39.28 18.38 5.95
C GLU A 1069 -39.49 18.69 4.48
N VAL A 1070 -39.92 19.90 4.18
CA VAL A 1070 -40.15 20.29 2.79
C VAL A 1070 -38.90 20.90 2.18
N TYR A 1071 -38.36 21.95 2.79
CA TYR A 1071 -37.16 22.58 2.25
C TYR A 1071 -35.97 21.63 2.25
N VAL A 1072 -35.90 20.71 3.21
CA VAL A 1072 -34.77 19.76 3.23
C VAL A 1072 -34.81 18.89 1.99
N ARG A 1073 -35.99 18.34 1.69
CA ARG A 1073 -36.12 17.48 0.51
C ARG A 1073 -35.87 18.29 -0.75
N GLN A 1074 -36.37 19.53 -0.79
CA GLN A 1074 -36.18 20.36 -1.97
C GLN A 1074 -34.70 20.63 -2.20
N SER A 1075 -33.95 20.92 -1.12
CA SER A 1075 -32.53 21.19 -1.24
C SER A 1075 -31.79 19.94 -1.72
N ILE A 1076 -32.15 18.77 -1.18
CA ILE A 1076 -31.49 17.54 -1.60
C ILE A 1076 -31.76 17.29 -3.08
N CYS A 1077 -33.00 17.51 -3.52
CA CYS A 1077 -33.35 17.30 -4.92
C CYS A 1077 -32.58 18.26 -5.81
N ASN A 1078 -32.47 19.52 -5.40
CA ASN A 1078 -31.75 20.51 -6.19
C ASN A 1078 -30.28 20.12 -6.29
N LEU A 1079 -29.68 19.68 -5.19
CA LEU A 1079 -28.28 19.29 -5.21
C LEU A 1079 -28.07 18.11 -6.14
N LEU A 1080 -28.96 17.11 -6.08
CA LEU A 1080 -28.83 15.95 -6.95
C LEU A 1080 -28.97 16.37 -8.40
N CYS A 1081 -29.92 17.26 -8.69
CA CYS A 1081 -30.11 17.71 -10.06
C CYS A 1081 -28.87 18.44 -10.56
N ARG A 1082 -28.26 19.25 -9.70
CA ARG A 1082 -27.05 19.96 -10.11
C ARG A 1082 -25.92 18.97 -10.37
N VAL A 1083 -25.84 17.92 -9.57
CA VAL A 1083 -24.80 16.91 -9.75
C VAL A 1083 -25.04 16.15 -11.04
N ALA A 1084 -26.30 16.04 -11.47
CA ALA A 1084 -26.61 15.33 -12.71
C ALA A 1084 -25.86 15.94 -13.90
N GLN A 1085 -25.84 17.27 -13.98
CA GLN A 1085 -25.15 17.93 -15.07
C GLN A 1085 -23.65 17.73 -14.91
N ASP A 1086 -22.97 17.42 -16.02
CA ASP A 1086 -21.54 17.17 -16.14
C ASP A 1086 -21.15 15.83 -15.53
N SER A 1087 -22.08 15.11 -14.90
CA SER A 1087 -21.84 13.82 -14.28
C SER A 1087 -23.16 13.07 -14.13
N PRO A 1088 -23.82 12.70 -15.24
CA PRO A 1088 -25.09 11.99 -15.13
C PRO A 1088 -24.92 10.47 -15.04
N HIS A 1089 -23.71 9.99 -15.30
CA HIS A 1089 -23.43 8.56 -15.26
C HIS A 1089 -23.28 8.04 -13.84
N LEU A 1090 -23.46 8.88 -12.82
CA LEU A 1090 -23.33 8.47 -11.43
C LEU A 1090 -24.65 8.36 -10.69
N ILE A 1091 -25.68 9.08 -11.12
CA ILE A 1091 -26.98 9.02 -10.45
C ILE A 1091 -28.06 8.57 -11.43
N LEU A 1092 -27.65 7.91 -12.51
CA LEU A 1092 -28.59 7.42 -13.52
C LEU A 1092 -29.28 6.14 -13.05
N TYR A 1093 -28.50 5.11 -12.77
CA TYR A 1093 -29.07 3.83 -12.33
C TYR A 1093 -29.87 3.96 -11.03
N PRO A 1094 -29.39 4.64 -9.98
CA PRO A 1094 -30.23 4.73 -8.76
C PRO A 1094 -31.57 5.39 -8.99
N ALA A 1095 -31.61 6.49 -9.73
CA ALA A 1095 -32.87 7.18 -10.00
C ALA A 1095 -33.79 6.32 -10.87
N ILE A 1096 -33.24 5.70 -11.92
CA ILE A 1096 -34.05 4.87 -12.80
C ILE A 1096 -34.65 3.70 -12.04
N VAL A 1097 -33.85 3.05 -11.19
CA VAL A 1097 -34.35 1.92 -10.42
C VAL A 1097 -35.38 2.39 -9.39
N GLY A 1098 -35.13 3.54 -8.77
CA GLY A 1098 -36.08 4.05 -7.78
C GLY A 1098 -37.43 4.38 -8.38
N THR A 1099 -37.45 4.87 -9.62
CA THR A 1099 -38.72 5.21 -10.25
C THR A 1099 -39.57 3.98 -10.54
N ILE A 1100 -38.98 2.78 -10.50
CA ILE A 1100 -39.70 1.56 -10.76
C ILE A 1100 -40.00 0.82 -9.46
N GLN A 1158 -44.02 6.32 -0.91
CA GLN A 1158 -45.22 7.10 -1.23
C GLN A 1158 -44.88 8.25 -2.15
N ALA A 1159 -45.71 9.30 -2.13
CA ALA A 1159 -45.47 10.46 -2.98
C ALA A 1159 -44.22 11.21 -2.57
N MET A 1160 -43.84 11.13 -1.29
CA MET A 1160 -42.64 11.83 -0.82
C MET A 1160 -41.39 11.28 -1.49
N MET A 1161 -41.31 9.97 -1.67
CA MET A 1161 -40.16 9.33 -2.30
C MET A 1161 -40.36 9.06 -3.79
N GLN A 1162 -41.43 9.60 -4.38
CA GLN A 1162 -41.71 9.41 -5.80
C GLN A 1162 -41.53 10.68 -6.62
N ASP A 1163 -42.02 11.82 -6.11
CA ASP A 1163 -41.88 13.08 -6.84
C ASP A 1163 -40.42 13.45 -7.02
N CYS A 1164 -39.60 13.18 -6.01
CA CYS A 1164 -38.18 13.50 -6.09
C CYS A 1164 -37.52 12.73 -7.23
N TYR A 1165 -37.76 11.41 -7.29
CA TYR A 1165 -37.18 10.58 -8.34
C TYR A 1165 -37.71 11.01 -9.70
N SER A 1166 -39.00 11.32 -9.79
CA SER A 1166 -39.57 11.74 -11.08
C SER A 1166 -38.92 13.02 -11.56
N LYS A 1167 -38.74 13.99 -10.65
CA LYS A 1167 -38.13 15.26 -11.03
C LYS A 1167 -36.68 15.06 -11.44
N ILE A 1168 -35.96 14.20 -10.73
CA ILE A 1168 -34.56 13.95 -11.07
C ILE A 1168 -34.47 13.30 -12.45
N VAL A 1169 -35.34 12.34 -12.72
CA VAL A 1169 -35.34 11.66 -14.02
C VAL A 1169 -35.66 12.65 -15.12
N ASP A 1170 -36.64 13.51 -14.90
CA ASP A 1170 -37.00 14.49 -15.92
C ASP A 1170 -35.84 15.45 -16.19
N LYS A 1171 -35.17 15.90 -15.12
CA LYS A 1171 -34.04 16.80 -15.29
C LYS A 1171 -32.92 16.13 -16.06
N LEU A 1172 -32.67 14.84 -15.77
CA LEU A 1172 -31.62 14.13 -16.48
C LEU A 1172 -31.98 13.91 -17.94
N SER A 1173 -33.27 13.70 -18.22
CA SER A 1173 -33.74 13.48 -19.58
C SER A 1173 -33.82 14.76 -20.39
N SER A 1174 -33.84 15.92 -19.73
CA SER A 1174 -33.90 17.19 -20.46
C SER A 1174 -32.69 17.37 -21.37
N ALA A 1175 -31.56 16.77 -21.01
CA ALA A 1175 -30.35 16.90 -21.82
C ALA A 1175 -30.31 15.85 -22.93
N ASN A 1176 -30.38 14.56 -22.56
CA ASN A 1176 -30.36 13.45 -23.50
C ASN A 1176 -31.52 12.52 -23.21
N PRO A 1177 -32.71 12.83 -23.74
CA PRO A 1177 -33.87 11.95 -23.49
C PRO A 1177 -33.71 10.56 -24.07
N THR A 1178 -32.98 10.43 -25.19
CA THR A 1178 -32.78 9.13 -25.80
C THR A 1178 -32.05 8.18 -24.85
N MET A 1179 -31.02 8.68 -24.17
CA MET A 1179 -30.27 7.84 -23.25
C MET A 1179 -31.16 7.37 -22.10
N VAL A 1180 -32.02 8.24 -21.58
CA VAL A 1180 -32.91 7.86 -20.49
C VAL A 1180 -33.90 6.81 -20.97
N LEU A 1181 -34.47 6.99 -22.15
CA LEU A 1181 -35.43 6.01 -22.65
C LEU A 1181 -34.76 4.67 -22.88
N GLN A 1182 -33.54 4.68 -23.45
CA GLN A 1182 -32.84 3.43 -23.69
C GLN A 1182 -32.46 2.73 -22.39
N VAL A 1183 -32.01 3.49 -21.39
CA VAL A 1183 -31.64 2.84 -20.13
C VAL A 1183 -32.89 2.28 -19.46
N GLN A 1184 -34.03 2.97 -19.58
CA GLN A 1184 -35.25 2.45 -18.98
C GLN A 1184 -35.65 1.15 -19.64
N MET A 1185 -35.55 1.10 -20.97
CA MET A 1185 -35.90 -0.12 -21.69
C MET A 1185 -34.96 -1.25 -21.30
N LEU A 1186 -33.66 -0.94 -21.16
CA LEU A 1186 -32.69 -1.96 -20.78
C LEU A 1186 -33.01 -2.50 -19.38
N VAL A 1187 -33.36 -1.62 -18.45
CA VAL A 1187 -33.66 -2.05 -17.09
C VAL A 1187 -34.90 -2.94 -17.11
N ALA A 1188 -35.92 -2.56 -17.89
CA ALA A 1188 -37.13 -3.36 -17.97
C ALA A 1188 -36.82 -4.74 -18.53
N GLU A 1189 -35.99 -4.79 -19.58
CA GLU A 1189 -35.63 -6.07 -20.18
C GLU A 1189 -34.87 -6.93 -19.19
N LEU A 1190 -33.93 -6.34 -18.45
CA LEU A 1190 -33.16 -7.08 -17.47
C LEU A 1190 -34.08 -7.66 -16.40
N ARG A 1191 -35.06 -6.85 -15.96
CA ARG A 1191 -35.99 -7.33 -14.93
C ARG A 1191 -36.85 -8.46 -15.47
N ARG A 1192 -37.25 -8.37 -16.74
CA ARG A 1192 -38.08 -9.40 -17.35
C ARG A 1192 -37.28 -10.66 -17.70
N VAL A 1193 -35.95 -10.58 -17.70
CA VAL A 1193 -35.11 -11.73 -18.01
C VAL A 1193 -34.62 -12.43 -16.75
N THR A 1194 -35.27 -12.18 -15.61
CA THR A 1194 -34.89 -12.81 -14.35
C THR A 1194 -35.53 -14.18 -14.19
N TRP A 1197 -39.38 -17.98 -16.58
CA TRP A 1197 -40.73 -18.51 -16.47
C TRP A 1197 -40.73 -19.93 -15.95
N ASP A 1198 -39.86 -20.76 -16.51
CA ASP A 1198 -39.77 -22.15 -16.08
C ASP A 1198 -39.30 -22.26 -14.64
N GLU A 1199 -38.32 -21.44 -14.25
CA GLU A 1199 -37.82 -21.48 -12.89
C GLU A 1199 -38.91 -21.12 -11.88
N LEU A 1200 -39.70 -20.09 -12.19
CA LEU A 1200 -40.77 -19.70 -11.28
C LEU A 1200 -41.80 -20.81 -11.14
N TRP A 1201 -42.17 -21.44 -12.26
CA TRP A 1201 -43.15 -22.52 -12.20
C TRP A 1201 -42.62 -23.69 -11.39
N LEU A 1202 -41.35 -24.05 -11.59
CA LEU A 1202 -40.77 -25.17 -10.85
C LEU A 1202 -40.73 -24.86 -9.35
N GLY A 1203 -40.32 -23.63 -8.99
CA GLY A 1203 -40.26 -23.26 -7.59
C GLY A 1203 -41.65 -23.28 -6.96
N VAL A 1204 -42.65 -22.75 -7.66
CA VAL A 1204 -44.00 -22.73 -7.13
C VAL A 1204 -44.53 -24.15 -6.94
N LEU A 1205 -44.27 -25.03 -7.92
CA LEU A 1205 -44.74 -26.41 -7.81
C LEU A 1205 -44.07 -27.10 -6.63
N LEU A 1206 -42.75 -26.91 -6.46
CA LEU A 1206 -42.05 -27.54 -5.35
C LEU A 1206 -42.58 -27.03 -4.02
N GLN A 1207 -42.80 -25.73 -3.90
CA GLN A 1207 -43.30 -25.17 -2.65
C GLN A 1207 -44.70 -25.69 -2.35
N GLN A 1208 -45.56 -25.77 -3.36
CA GLN A 1208 -46.92 -26.26 -3.15
C GLN A 1208 -46.90 -27.73 -2.74
N HIS A 1209 -46.06 -28.54 -3.39
CA HIS A 1209 -45.99 -29.96 -3.05
C HIS A 1209 -45.46 -30.16 -1.64
N MET A 1210 -44.45 -29.37 -1.24
CA MET A 1210 -43.89 -29.52 0.09
C MET A 1210 -44.91 -29.16 1.17
N TYR A 1211 -45.72 -28.12 0.93
CA TYR A 1211 -46.73 -27.69 1.88
C TYR A 1211 -48.10 -28.29 1.60
N VAL A 1212 -48.20 -29.22 0.66
CA VAL A 1212 -49.49 -29.83 0.33
C VAL A 1212 -50.04 -30.60 1.54
N LEU A 1213 -49.18 -31.34 2.23
CA LEU A 1213 -49.59 -32.11 3.39
C LEU A 1213 -49.29 -31.36 4.69
N UNK A 1241 -56.05 -27.18 -1.32
CA UNK A 1241 -57.10 -26.42 -0.66
C UNK A 1241 -57.32 -25.08 -1.37
N UNK A 1242 -57.98 -24.15 -0.66
CA UNK A 1242 -58.25 -22.84 -1.24
C UNK A 1242 -56.95 -22.07 -1.52
N UNK A 1243 -55.99 -22.14 -0.58
CA UNK A 1243 -54.73 -21.45 -0.77
C UNK A 1243 -53.98 -21.97 -1.98
N UNK A 1244 -53.93 -23.30 -2.14
CA UNK A 1244 -53.24 -23.88 -3.29
C UNK A 1244 -53.90 -23.47 -4.59
N UNK A 1245 -55.24 -23.50 -4.63
CA UNK A 1245 -55.95 -23.11 -5.85
C UNK A 1245 -55.70 -21.66 -6.18
N UNK A 1246 -55.72 -20.78 -5.17
CA UNK A 1246 -55.48 -19.37 -5.41
C UNK A 1246 -54.07 -19.14 -5.93
N UNK A 1247 -53.09 -19.82 -5.33
CA UNK A 1247 -51.70 -19.66 -5.78
C UNK A 1247 -51.54 -20.14 -7.21
N UNK A 1248 -52.14 -21.29 -7.54
CA UNK A 1248 -52.04 -21.80 -8.90
C UNK A 1248 -52.69 -20.86 -9.89
N UNK A 1249 -53.85 -20.30 -9.54
CA UNK A 1249 -54.53 -19.37 -10.43
C UNK A 1249 -53.70 -18.13 -10.65
N UNK A 1250 -53.09 -17.60 -9.58
CA UNK A 1250 -52.27 -16.41 -9.71
C UNK A 1250 -51.06 -16.69 -10.59
N UNK A 1251 -50.42 -17.84 -10.40
CA UNK A 1251 -49.25 -18.19 -11.20
C UNK A 1251 -49.63 -18.34 -12.67
N UNK A 1252 -50.78 -18.97 -12.94
CA UNK A 1252 -51.21 -19.14 -14.32
C UNK A 1252 -51.52 -17.81 -14.96
N UNK A 1253 -52.18 -16.91 -14.21
CA UNK A 1253 -52.50 -15.59 -14.75
C UNK A 1253 -51.25 -14.78 -15.03
N UNK A 1254 -50.24 -14.88 -14.16
CA UNK A 1254 -49.01 -14.14 -14.37
C UNK A 1254 -48.26 -14.62 -15.61
N UNK A 1255 -48.46 -15.88 -15.99
CA UNK A 1255 -47.79 -16.44 -17.17
C UNK A 1255 -48.61 -16.27 -18.45
N UNK A 1256 -49.82 -15.74 -18.36
CA UNK A 1256 -50.69 -15.52 -19.51
C UNK A 1256 -50.90 -16.80 -20.31
N PRO A 1270 -40.11 -15.37 -27.83
CA PRO A 1270 -39.36 -16.53 -28.30
C PRO A 1270 -39.38 -17.68 -27.30
N HIS A 1271 -38.68 -17.50 -26.17
CA HIS A 1271 -38.65 -18.55 -25.16
C HIS A 1271 -40.04 -18.81 -24.59
N GLU A 1272 -40.80 -17.73 -24.34
CA GLU A 1272 -42.14 -17.89 -23.79
C GLU A 1272 -43.04 -18.66 -24.76
N LYS A 1273 -42.91 -18.37 -26.06
CA LYS A 1273 -43.73 -19.07 -27.05
C LYS A 1273 -43.43 -20.55 -27.04
N TRP A 1274 -42.15 -20.92 -27.01
CA TRP A 1274 -41.79 -22.33 -26.99
C TRP A 1274 -42.27 -23.01 -25.72
N PHE A 1275 -42.11 -22.34 -24.57
CA PHE A 1275 -42.56 -22.91 -23.31
C PHE A 1275 -44.06 -23.15 -23.33
N GLN A 1276 -44.82 -22.20 -23.89
CA GLN A 1276 -46.27 -22.35 -23.95
C GLN A 1276 -46.65 -23.49 -24.89
N ASP A 1277 -46.07 -23.51 -26.09
CA ASP A 1277 -46.38 -24.56 -27.05
C ASP A 1277 -45.95 -25.93 -26.55
N ASN A 1278 -45.04 -26.00 -25.58
CA ASN A 1278 -44.58 -27.27 -25.06
C ASN A 1278 -45.30 -27.72 -23.79
N TYR A 1279 -45.80 -26.79 -22.97
CA TYR A 1279 -46.49 -27.19 -21.75
C TYR A 1279 -47.75 -26.36 -21.50
N GLY A 1280 -48.55 -26.13 -22.55
CA GLY A 1280 -49.75 -25.34 -22.37
C GLY A 1280 -50.92 -26.07 -21.75
N ASP A 1281 -50.78 -27.36 -21.48
CA ASP A 1281 -51.85 -28.15 -20.88
C ASP A 1281 -51.88 -28.05 -19.35
N ALA A 1282 -50.97 -27.27 -18.77
CA ALA A 1282 -50.93 -27.13 -17.31
C ALA A 1282 -52.23 -26.52 -16.78
N ILE A 1283 -52.75 -25.50 -17.47
CA ILE A 1283 -53.97 -24.85 -17.02
C ILE A 1283 -55.13 -25.85 -17.05
N GLU A 1284 -55.24 -26.61 -18.14
CA GLU A 1284 -56.32 -27.59 -18.25
C GLU A 1284 -56.19 -28.66 -17.17
N ASN A 1285 -54.96 -29.13 -16.94
CA ASN A 1285 -54.75 -30.15 -15.92
C ASN A 1285 -55.13 -29.63 -14.54
N ALA A 1286 -54.74 -28.40 -14.23
CA ALA A 1286 -55.05 -27.82 -12.92
C ALA A 1286 -56.56 -27.66 -12.76
N LEU A 1287 -57.24 -27.20 -13.83
CA LEU A 1287 -58.69 -27.02 -13.75
C LEU A 1287 -59.39 -28.36 -13.56
N GLU A 1288 -58.92 -29.41 -14.25
CA GLU A 1288 -59.53 -30.72 -14.11
C GLU A 1288 -59.29 -31.30 -12.72
N LYS A 1289 -58.09 -31.10 -12.17
CA LYS A 1289 -57.77 -31.61 -10.84
C LYS A 1289 -58.38 -30.78 -9.72
N LEU A 1290 -58.84 -29.56 -10.03
CA LEU A 1290 -59.45 -28.72 -9.01
C LEU A 1290 -60.71 -29.35 -8.44
N LYS A 1291 -61.53 -29.94 -9.29
CA LYS A 1291 -62.77 -30.57 -8.84
C LYS A 1291 -62.49 -31.88 -8.13
N UNK A 1303 -54.62 -35.19 -8.17
CA UNK A 1303 -53.57 -34.19 -7.99
C UNK A 1303 -52.26 -34.64 -8.63
N UNK A 1304 -52.35 -35.69 -9.47
CA UNK A 1304 -51.16 -36.20 -10.14
C UNK A 1304 -50.61 -35.23 -11.17
N UNK A 1305 -51.42 -34.27 -11.63
CA UNK A 1305 -50.95 -33.32 -12.63
C UNK A 1305 -49.80 -32.48 -12.09
N UNK A 1306 -49.91 -32.01 -10.84
CA UNK A 1306 -48.86 -31.20 -10.26
C UNK A 1306 -47.57 -32.01 -10.13
N UNK A 1307 -47.68 -33.26 -9.68
CA UNK A 1307 -46.49 -34.09 -9.53
C UNK A 1307 -45.84 -34.35 -10.88
N UNK A 1308 -46.65 -34.63 -11.90
CA UNK A 1308 -46.10 -34.88 -13.23
C UNK A 1308 -45.40 -33.65 -13.77
N UNK A 1309 -46.02 -32.46 -13.59
CA UNK A 1309 -45.40 -31.23 -14.07
C UNK A 1309 -44.09 -30.96 -13.35
N UNK A 1310 -44.06 -31.17 -12.02
CA UNK A 1310 -42.85 -30.93 -11.26
C UNK A 1310 -41.75 -31.89 -11.70
N UNK A 1311 -42.09 -33.17 -11.90
CA UNK A 1311 -41.09 -34.14 -12.33
C UNK A 1311 -40.54 -33.78 -13.71
N UNK A 1312 -41.43 -33.38 -14.63
CA UNK A 1312 -40.99 -33.02 -15.97
C UNK A 1312 -40.06 -31.80 -15.92
N UNK A 1313 -40.42 -30.79 -15.12
CA UNK A 1313 -39.59 -29.61 -15.02
C UNK A 1313 -38.23 -29.94 -14.43
N UNK A 1314 -38.21 -30.77 -13.39
CA UNK A 1314 -36.94 -31.15 -12.77
C UNK A 1314 -36.07 -31.93 -13.74
N UNK A 1315 -36.67 -32.84 -14.51
CA UNK A 1315 -35.91 -33.63 -15.47
C UNK A 1315 -35.35 -32.75 -16.58
N UNK A 1316 -36.15 -31.80 -17.06
CA UNK A 1316 -35.70 -30.91 -18.13
C UNK A 1316 -34.69 -29.89 -17.63
N UNK A 1317 -34.66 -29.61 -16.33
CA UNK A 1317 -33.72 -28.63 -15.80
C UNK A 1317 -32.28 -29.09 -15.99
N UNK A 1318 -32.02 -30.36 -15.74
CA UNK A 1318 -30.67 -30.91 -15.88
C UNK A 1318 -30.29 -31.05 -17.36
N TYR A 1323 -28.42 -24.72 -19.17
CA TYR A 1323 -27.46 -23.84 -18.52
C TYR A 1323 -27.04 -22.69 -19.44
N ILE A 1324 -26.91 -23.00 -20.72
CA ILE A 1324 -26.52 -22.01 -21.72
C ILE A 1324 -27.77 -21.47 -22.39
N LEU A 1325 -27.89 -20.14 -22.44
CA LEU A 1325 -29.02 -19.47 -23.06
C LEU A 1325 -28.54 -18.62 -24.23
N ARG A 1326 -29.46 -17.85 -24.80
CA ARG A 1326 -29.17 -16.97 -25.92
C ARG A 1326 -29.88 -15.66 -25.72
N LEU A 1327 -29.14 -14.54 -25.81
CA LEU A 1327 -29.74 -13.23 -25.62
C LEU A 1327 -30.82 -12.96 -26.66
N GLU A 1328 -30.61 -13.43 -27.89
CA GLU A 1328 -31.59 -13.21 -28.95
C GLU A 1328 -32.90 -13.93 -28.64
N GLU A 1329 -32.81 -15.14 -28.08
CA GLU A 1329 -33.99 -15.93 -27.75
C GLU A 1329 -34.58 -15.57 -26.39
N ILE A 1330 -33.89 -14.75 -25.60
CA ILE A 1330 -34.39 -14.37 -24.28
C ILE A 1330 -34.35 -12.86 -24.11
N ALA A 1335 -34.90 -5.82 -27.08
CA ALA A 1335 -34.13 -7.04 -26.88
C ALA A 1335 -32.64 -6.73 -26.78
N ALA A 1336 -31.91 -6.98 -27.88
CA ALA A 1336 -30.48 -6.74 -27.94
C ALA A 1336 -30.24 -5.45 -28.72
N MET A 1337 -29.63 -4.46 -28.08
CA MET A 1337 -29.34 -3.18 -28.68
C MET A 1337 -27.85 -3.08 -29.02
N THR A 1338 -27.52 -2.07 -29.82
CA THR A 1338 -26.14 -1.84 -30.22
C THR A 1338 -25.91 -0.34 -30.37
N ASN A 1339 -24.63 0.04 -30.30
CA ASN A 1339 -24.20 1.44 -30.41
C ASN A 1339 -24.90 2.32 -29.37
N THR A 1340 -25.10 1.79 -28.17
CA THR A 1340 -25.76 2.54 -27.11
C THR A 1340 -24.81 3.60 -26.53
N GLU A 1341 -25.41 4.57 -25.85
CA GLU A 1341 -24.66 5.66 -25.23
C GLU A 1341 -24.84 5.68 -23.72
N ILE A 1342 -25.26 4.57 -23.13
CA ILE A 1342 -25.46 4.46 -21.69
C ILE A 1342 -24.17 3.99 -21.03
N ALA A 1343 -23.87 4.56 -19.87
CA ALA A 1343 -22.67 4.19 -19.15
C ALA A 1343 -22.75 2.77 -18.61
N LEU A 1344 -21.60 2.24 -18.22
CA LEU A 1344 -21.52 0.90 -17.69
C LEU A 1344 -22.16 0.83 -16.31
N PRO A 1345 -22.51 -0.38 -15.85
CA PRO A 1345 -23.13 -0.51 -14.53
C PRO A 1345 -22.14 -0.31 -13.40
N GLY A 1346 -21.86 0.95 -13.06
CA GLY A 1346 -20.93 1.29 -12.01
C GLY A 1346 -19.59 1.74 -12.53
N GLU A 1347 -19.40 3.06 -12.58
CA GLU A 1347 -18.15 3.66 -13.07
C GLU A 1347 -17.76 4.85 -12.19
N VAL A 1348 -17.83 4.67 -10.87
CA VAL A 1348 -17.49 5.75 -9.95
C VAL A 1348 -16.03 6.17 -10.13
N SER A 1349 -15.13 5.19 -10.23
CA SER A 1349 -13.71 5.47 -10.41
C SER A 1349 -13.35 5.38 -11.89
N ALA A 1350 -13.85 6.36 -12.65
CA ALA A 1350 -13.59 6.41 -14.09
C ALA A 1350 -13.77 7.85 -14.55
N ARG A 1351 -12.65 8.51 -14.89
CA ARG A 1351 -12.71 9.89 -15.34
C ARG A 1351 -13.47 10.00 -16.66
N ASP A 1352 -13.24 9.07 -17.58
CA ASP A 1352 -13.89 9.04 -18.89
C ASP A 1352 -14.80 7.82 -18.90
N THR A 1353 -16.10 8.06 -18.88
CA THR A 1353 -17.06 6.96 -18.89
C THR A 1353 -17.00 6.19 -20.20
N VAL A 1354 -17.17 4.88 -20.11
CA VAL A 1354 -17.14 3.99 -21.27
C VAL A 1354 -18.59 3.54 -21.52
N THR A 1355 -19.22 4.14 -22.53
CA THR A 1355 -20.59 3.80 -22.86
C THR A 1355 -20.69 2.35 -23.34
N ILE A 1356 -21.83 1.72 -23.02
CA ILE A 1356 -22.05 0.34 -23.43
C ILE A 1356 -22.25 0.28 -24.93
N HIS A 1357 -21.53 -0.62 -25.59
CA HIS A 1357 -21.62 -0.79 -27.04
C HIS A 1357 -22.42 -2.00 -27.46
N SER A 1358 -22.27 -3.13 -26.77
CA SER A 1358 -23.01 -4.34 -27.14
C SER A 1358 -23.30 -5.15 -25.88
N VAL A 1359 -23.96 -6.29 -26.07
CA VAL A 1359 -24.33 -7.21 -25.00
C VAL A 1359 -23.94 -8.62 -25.44
N GLY A 1360 -23.56 -9.45 -24.46
CA GLY A 1360 -23.15 -10.82 -24.75
C GLY A 1360 -24.28 -11.59 -25.41
N GLY A 1361 -23.93 -12.37 -26.44
CA GLY A 1361 -24.94 -13.15 -27.14
C GLY A 1361 -25.40 -14.38 -26.37
N THR A 1362 -24.52 -14.92 -25.53
CA THR A 1362 -24.84 -16.10 -24.74
C THR A 1362 -24.71 -15.79 -23.25
N ILE A 1363 -25.47 -16.54 -22.45
CA ILE A 1363 -25.47 -16.40 -20.99
C ILE A 1363 -25.32 -17.77 -20.37
N THR A 1364 -24.46 -17.85 -19.36
CA THR A 1364 -24.20 -19.09 -18.65
C THR A 1364 -24.80 -19.03 -17.25
N ILE A 1365 -25.23 -20.19 -16.76
CA ILE A 1365 -25.84 -20.31 -15.43
C ILE A 1365 -24.93 -21.16 -14.57
N LEU A 1366 -24.53 -20.61 -13.39
CA LEU A 1366 -23.66 -21.29 -12.44
C LEU A 1366 -24.46 -22.21 -11.52
N PRO A 1367 -23.84 -23.26 -10.99
CA PRO A 1367 -24.56 -24.19 -10.09
C PRO A 1367 -24.48 -23.86 -8.61
N THR A 1368 -24.04 -22.66 -8.23
CA THR A 1368 -23.93 -22.29 -6.82
C THR A 1368 -25.27 -21.78 -6.30
N LYS A 1369 -25.96 -22.61 -5.51
CA LYS A 1369 -27.25 -22.28 -4.91
C LYS A 1369 -28.21 -21.67 -5.92
N THR A 1370 -28.68 -20.46 -5.63
CA THR A 1370 -29.61 -19.77 -6.52
C THR A 1370 -28.95 -19.59 -7.89
N LYS A 1371 -29.65 -20.00 -8.94
CA LYS A 1371 -29.19 -19.93 -10.32
C LYS A 1371 -28.83 -18.51 -10.77
N PRO A 1372 -27.54 -18.19 -10.91
CA PRO A 1372 -27.14 -16.86 -11.34
C PRO A 1372 -26.87 -16.84 -12.84
N LYS A 1373 -27.02 -15.67 -13.43
CA LYS A 1373 -26.79 -15.51 -14.86
C LYS A 1373 -25.52 -14.72 -15.11
N LYS A 1374 -24.50 -15.38 -15.65
CA LYS A 1374 -23.23 -14.74 -15.95
C LYS A 1374 -23.30 -14.14 -17.34
N LEU A 1375 -23.38 -12.82 -17.43
CA LEU A 1375 -23.46 -12.11 -18.70
C LEU A 1375 -22.17 -11.35 -18.93
N LEU A 1376 -22.05 -10.77 -20.12
CA LEU A 1376 -20.87 -10.01 -20.49
C LEU A 1376 -21.30 -8.76 -21.25
N PHE A 1377 -20.51 -7.70 -21.14
CA PHE A 1377 -20.79 -6.44 -21.81
C PHE A 1377 -19.59 -5.97 -22.61
N LEU A 1378 -19.87 -5.35 -23.75
CA LEU A 1378 -18.85 -4.83 -24.65
C LEU A 1378 -18.95 -3.31 -24.62
N GLY A 1379 -17.90 -2.66 -24.10
CA GLY A 1379 -17.88 -1.22 -24.01
C GLY A 1379 -17.37 -0.55 -25.27
N SER A 1380 -17.40 0.79 -25.24
CA SER A 1380 -16.94 1.57 -26.39
C SER A 1380 -15.45 1.41 -26.62
N ASP A 1381 -14.68 1.22 -25.56
CA ASP A 1381 -13.22 1.04 -25.64
C ASP A 1381 -12.81 -0.35 -26.09
N GLY A 1382 -13.73 -1.15 -26.61
CA GLY A 1382 -13.54 -2.51 -27.09
C GLY A 1382 -13.22 -3.48 -25.96
N LYS A 1383 -13.21 -3.03 -24.71
CA LYS A 1383 -12.92 -3.91 -23.59
C LYS A 1383 -14.14 -4.75 -23.24
N SER A 1384 -13.88 -5.88 -22.58
CA SER A 1384 -14.90 -6.82 -22.16
C SER A 1384 -15.10 -6.73 -20.65
N TYR A 1385 -16.35 -6.59 -20.22
CA TYR A 1385 -16.67 -6.48 -18.79
C TYR A 1385 -17.69 -7.54 -18.39
N PRO A 1386 -17.29 -8.57 -17.65
CA PRO A 1386 -18.26 -9.59 -17.25
C PRO A 1386 -19.03 -9.16 -16.00
N TYR A 1387 -20.28 -9.61 -15.91
CA TYR A 1387 -21.14 -9.29 -14.79
C TYR A 1387 -21.91 -10.52 -14.40
N LEU A 1388 -22.38 -10.55 -13.16
CA LEU A 1388 -23.16 -11.65 -12.60
C LEU A 1388 -24.50 -11.10 -12.14
N PHE A 1389 -25.56 -11.54 -12.79
CA PHE A 1389 -26.92 -11.11 -12.48
C PHE A 1389 -27.58 -12.09 -11.51
N LYS A 1390 -28.03 -11.56 -10.37
CA LYS A 1390 -28.70 -12.33 -9.33
C LYS A 1390 -30.11 -11.81 -9.15
N GLY A 1391 -31.05 -12.74 -8.96
CA GLY A 1391 -32.44 -12.38 -8.79
C GLY A 1391 -33.01 -13.04 -7.55
N LEU A 1392 -34.14 -12.49 -7.09
CA LEU A 1392 -34.89 -12.95 -5.92
C LEU A 1392 -34.16 -12.76 -4.60
N GLU A 1393 -33.13 -11.91 -4.54
CA GLU A 1393 -32.43 -11.70 -3.28
C GLU A 1393 -32.07 -10.23 -3.13
N ASP A 1394 -32.14 -9.73 -1.91
CA ASP A 1394 -31.82 -8.34 -1.68
C ASP A 1394 -30.30 -8.15 -1.73
N LEU A 1395 -29.87 -7.01 -2.28
CA LEU A 1395 -28.44 -6.73 -2.37
C LEU A 1395 -28.10 -5.30 -1.96
N HIS A 1396 -28.98 -4.66 -1.18
CA HIS A 1396 -28.71 -3.28 -0.75
C HIS A 1396 -27.62 -3.21 0.31
N LEU A 1397 -27.42 -4.29 1.07
CA LEU A 1397 -26.38 -4.29 2.11
C LEU A 1397 -24.99 -4.41 1.50
N ASP A 1398 -24.87 -5.16 0.40
CA ASP A 1398 -23.58 -5.32 -0.25
C ASP A 1398 -23.06 -3.99 -0.76
N GLU A 1399 -23.95 -3.15 -1.29
CA GLU A 1399 -23.53 -1.85 -1.80
C GLU A 1399 -22.97 -1.00 -0.66
N ARG A 1400 -23.63 -1.02 0.50
CA ARG A 1400 -23.16 -0.25 1.63
C ARG A 1400 -21.81 -0.78 2.10
N ILE A 1401 -21.65 -2.11 2.09
CA ILE A 1401 -20.38 -2.69 2.52
C ILE A 1401 -19.26 -2.25 1.58
N MET A 1402 -19.54 -2.25 0.27
CA MET A 1402 -18.52 -1.84 -0.70
C MET A 1402 -18.16 -0.37 -0.49
N GLN A 1403 -19.18 0.47 -0.23
CA GLN A 1403 -18.91 1.89 -0.01
C GLN A 1403 -18.04 2.06 1.22
N PHE A 1404 -18.32 1.28 2.27
CA PHE A 1404 -17.53 1.36 3.49
C PHE A 1404 -16.09 0.97 3.21
N LEU A 1405 -15.90 -0.08 2.41
CA LEU A 1405 -14.56 -0.53 2.08
C LEU A 1405 -13.82 0.56 1.32
N SER A 1406 -14.52 1.24 0.39
CA SER A 1406 -13.87 2.29 -0.38
C SER A 1406 -13.45 3.43 0.55
N ILE A 1407 -14.32 3.78 1.50
CA ILE A 1407 -14.01 4.85 2.43
C ILE A 1407 -12.79 4.47 3.26
N VAL A 1408 -12.71 3.21 3.68
CA VAL A 1408 -11.57 2.75 4.47
C VAL A 1408 -10.30 2.83 3.64
N ASN A 1409 -10.36 2.37 2.39
CA ASN A 1409 -9.19 2.40 1.51
C ASN A 1409 -8.72 3.83 1.29
N THR A 1410 -9.65 4.78 1.31
CA THR A 1410 -9.29 6.19 1.10
C THR A 1410 -8.35 6.70 2.19
N MET A 1411 -8.44 6.16 3.40
CA MET A 1411 -7.60 6.58 4.52
C MET A 1411 -6.14 6.17 4.37
N PHE A 1412 -5.82 5.31 3.41
CA PHE A 1412 -4.45 4.88 3.18
C PHE A 1412 -3.73 5.67 2.10
N ALA A 1413 -4.33 6.77 1.62
CA ALA A 1413 -3.69 7.56 0.58
C ALA A 1413 -2.39 8.21 1.05
N THR A 1414 -2.36 8.71 2.29
CA THR A 1414 -1.14 9.34 2.80
C THR A 1414 -0.05 8.31 3.10
N ILE A 1415 -0.40 7.22 3.77
CA ILE A 1415 0.59 6.20 4.11
C ILE A 1415 1.14 5.51 2.86
N ASN A 1416 0.38 5.50 1.76
CA ASN A 1416 0.84 4.85 0.54
C ASN A 1416 1.84 5.69 -0.25
N ARG A 1417 2.11 6.92 0.17
CA ARG A 1417 3.06 7.77 -0.55
C ARG A 1417 4.51 7.54 -0.15
N GLN A 1418 4.78 6.77 0.90
CA GLN A 1418 6.15 6.53 1.34
C GLN A 1418 6.35 5.07 1.73
N GLU A 1419 5.68 4.16 1.05
CA GLU A 1419 5.82 2.73 1.35
C GLU A 1419 5.66 1.93 0.07
N THR A 1420 6.61 1.02 -0.17
CA THR A 1420 6.55 0.19 -1.38
C THR A 1420 5.29 -0.68 -1.40
N PRO A 1421 4.97 -1.46 -0.35
CA PRO A 1421 3.75 -2.29 -0.40
C PRO A 1421 2.54 -1.41 -0.07
N ARG A 1422 1.71 -1.16 -1.07
CA ARG A 1422 0.53 -0.35 -0.89
C ARG A 1422 -0.51 -1.01 0.00
N PHE A 1423 -1.18 -0.19 0.81
CA PHE A 1423 -2.23 -0.63 1.73
C PHE A 1423 -3.53 -0.52 0.97
N HIS A 1424 -4.02 -1.63 0.44
CA HIS A 1424 -5.26 -1.62 -0.33
C HIS A 1424 -6.14 -2.81 0.05
N ALA A 1425 -7.44 -2.62 -0.14
CA ALA A 1425 -8.46 -3.63 0.15
C ALA A 1425 -9.23 -3.85 -1.15
N ARG A 1426 -8.90 -4.93 -1.85
CA ARG A 1426 -9.58 -5.23 -3.12
C ARG A 1426 -11.07 -5.46 -2.90
N HIS A 1427 -11.88 -4.85 -3.75
CA HIS A 1427 -13.32 -4.97 -3.67
C HIS A 1427 -13.92 -4.70 -5.05
N TYR A 1428 -15.07 -5.31 -5.30
CA TYR A 1428 -15.79 -5.18 -6.56
C TYR A 1428 -16.94 -4.19 -6.38
N SER A 1429 -17.78 -4.09 -7.40
CA SER A 1429 -18.92 -3.18 -7.38
C SER A 1429 -20.22 -3.96 -7.57
N VAL A 1430 -21.25 -3.53 -6.85
CA VAL A 1430 -22.57 -4.14 -6.90
C VAL A 1430 -23.60 -3.04 -7.10
N THR A 1431 -24.60 -3.31 -7.93
CA THR A 1431 -25.67 -2.35 -8.22
C THR A 1431 -27.02 -3.06 -8.21
N PRO A 1432 -27.84 -2.84 -7.17
CA PRO A 1432 -29.15 -3.50 -7.14
C PRO A 1432 -30.07 -2.97 -8.23
N LEU A 1433 -30.92 -3.86 -8.73
CA LEU A 1433 -31.87 -3.51 -9.78
C LEU A 1433 -33.29 -3.72 -9.31
N GLY A 1434 -33.59 -3.30 -8.09
CA GLY A 1434 -34.92 -3.43 -7.52
C GLY A 1434 -34.82 -3.96 -6.12
N THR A 1435 -35.95 -4.47 -5.62
CA THR A 1435 -36.01 -5.01 -4.27
C THR A 1435 -35.36 -6.39 -4.17
N ARG A 1436 -35.48 -7.21 -5.21
CA ARG A 1436 -34.89 -8.55 -5.20
C ARG A 1436 -33.93 -8.85 -6.33
N SER A 1437 -33.70 -7.92 -7.26
CA SER A 1437 -32.77 -8.17 -8.35
C SER A 1437 -31.40 -7.58 -8.03
N GLY A 1438 -30.47 -7.69 -8.97
CA GLY A 1438 -29.13 -7.16 -8.74
C GLY A 1438 -28.05 -7.58 -9.71
N LEU A 1439 -27.06 -6.71 -9.90
CA LEU A 1439 -25.93 -6.95 -10.80
C LEU A 1439 -24.65 -6.77 -10.00
N ILE A 1440 -23.74 -7.74 -10.10
CA ILE A 1440 -22.47 -7.72 -9.39
C ILE A 1440 -21.31 -7.78 -10.39
N GLN A 1441 -20.30 -6.96 -10.16
CA GLN A 1441 -19.15 -6.93 -11.05
C GLN A 1441 -18.32 -8.20 -10.86
N TRP A 1442 -17.78 -8.72 -11.95
CA TRP A 1442 -16.96 -9.92 -11.96
C TRP A 1442 -15.49 -9.54 -11.98
N VAL A 1443 -14.72 -10.11 -11.06
CA VAL A 1443 -13.29 -9.86 -10.93
C VAL A 1443 -12.54 -11.01 -11.60
N ASP A 1444 -11.70 -10.67 -12.58
CA ASP A 1444 -10.91 -11.65 -13.31
C ASP A 1444 -9.48 -11.69 -12.80
N GLY A 1445 -8.81 -12.80 -13.07
CA GLY A 1445 -7.44 -13.00 -12.64
C GLY A 1445 -7.26 -13.53 -11.25
N ALA A 1446 -8.35 -13.73 -10.51
CA ALA A 1446 -8.30 -14.24 -9.14
C ALA A 1446 -8.63 -15.72 -9.14
N THR A 1447 -7.81 -16.51 -8.43
CA THR A 1447 -7.99 -17.95 -8.33
C THR A 1447 -8.36 -18.33 -6.91
N PRO A 1448 -9.38 -19.17 -6.70
CA PRO A 1448 -9.75 -19.55 -5.34
C PRO A 1448 -8.71 -20.47 -4.71
N LEU A 1449 -8.65 -20.43 -3.38
CA LEU A 1449 -7.69 -21.26 -2.65
C LEU A 1449 -8.11 -22.72 -2.64
N PHE A 1450 -9.37 -23.03 -2.90
CA PHE A 1450 -9.81 -24.42 -2.90
C PHE A 1450 -9.23 -25.19 -4.08
N GLY A 1451 -8.90 -24.47 -5.16
CA GLY A 1451 -8.34 -25.14 -6.33
C GLY A 1451 -7.01 -25.79 -6.03
N LEU A 1452 -6.17 -25.14 -5.23
CA LEU A 1452 -4.87 -25.71 -4.88
C LEU A 1452 -5.05 -27.02 -4.12
N TYR A 1453 -5.97 -27.03 -3.15
CA TYR A 1453 -6.21 -28.23 -2.37
C TYR A 1453 -6.76 -29.34 -3.26
N LYS A 1454 -7.68 -29.00 -4.17
CA LYS A 1454 -8.25 -30.01 -5.06
C LYS A 1454 -7.17 -30.60 -5.96
N ARG A 1455 -6.30 -29.75 -6.49
CA ARG A 1455 -5.23 -30.25 -7.36
C ARG A 1455 -4.28 -31.13 -6.57
N TRP A 1456 -3.96 -30.74 -5.34
CA TRP A 1456 -3.05 -31.55 -4.52
C TRP A 1456 -3.67 -32.91 -4.25
N GLN A 1457 -4.98 -32.93 -3.96
CA GLN A 1457 -5.66 -34.19 -3.69
C GLN A 1457 -5.62 -35.08 -4.93
N GLN A 1458 -5.85 -34.49 -6.11
CA GLN A 1458 -5.82 -35.27 -7.34
C GLN A 1458 -4.43 -35.84 -7.58
N ARG A 1459 -3.39 -35.03 -7.35
CA ARG A 1459 -2.03 -35.50 -7.54
C ARG A 1459 -1.70 -36.63 -6.58
N GLU A 1460 -2.11 -36.50 -5.31
CA GLU A 1460 -1.85 -37.54 -4.33
C GLU A 1460 -2.57 -38.82 -4.71
N ALA A 1461 -3.83 -38.70 -5.16
CA ALA A 1461 -4.58 -39.89 -5.56
C ALA A 1461 -3.91 -40.59 -6.74
N ALA A 1462 -3.46 -39.80 -7.72
CA ALA A 1462 -2.80 -40.39 -8.88
C ALA A 1462 -1.50 -41.07 -8.48
N LEU A 1463 -0.74 -40.44 -7.58
CA LEU A 1463 0.53 -41.02 -7.14
C LEU A 1463 0.28 -42.33 -6.40
N GLN A 1464 -0.75 -42.36 -5.54
CA GLN A 1464 -1.04 -43.57 -4.79
C GLN A 1464 -1.53 -44.68 -5.72
N ALA A 1465 -2.32 -44.32 -6.72
CA ALA A 1465 -2.83 -45.33 -7.66
C ALA A 1465 -1.71 -45.87 -8.55
N GLN A 1466 -0.73 -45.03 -8.88
CA GLN A 1466 0.37 -45.47 -9.72
C GLN A 1466 1.19 -46.57 -9.05
N LYS A 1467 1.47 -46.42 -7.75
CA LYS A 1467 2.23 -47.40 -7.00
C LYS A 1467 1.93 -47.31 -5.51
N ILE A 1480 -13.20 -39.73 -8.18
CA ILE A 1480 -13.05 -38.39 -7.61
C ILE A 1480 -12.29 -38.48 -6.29
N VAL A 1481 -12.12 -37.32 -5.64
CA VAL A 1481 -11.42 -37.26 -4.37
C VAL A 1481 -12.44 -37.00 -3.26
N PRO A 1482 -12.16 -37.44 -2.03
CA PRO A 1482 -13.12 -37.21 -0.94
C PRO A 1482 -13.44 -35.74 -0.71
N ARG A 1483 -14.67 -35.46 -0.32
CA ARG A 1483 -15.15 -34.12 -0.05
C ARG A 1483 -14.79 -33.69 1.36
N PRO A 1484 -14.83 -32.39 1.67
CA PRO A 1484 -14.48 -31.94 3.02
C PRO A 1484 -15.40 -32.45 4.11
N SER A 1485 -16.41 -33.24 3.75
CA SER A 1485 -17.36 -33.80 4.71
C SER A 1485 -17.20 -35.30 4.89
N GLU A 1486 -16.93 -36.03 3.81
CA GLU A 1486 -16.76 -37.48 3.93
C GLU A 1486 -15.44 -37.83 4.59
N LEU A 1487 -14.36 -37.14 4.21
CA LEU A 1487 -13.05 -37.41 4.80
C LEU A 1487 -13.06 -37.11 6.30
N TYR A 1488 -13.73 -36.03 6.70
CA TYR A 1488 -13.78 -35.68 8.12
C TYR A 1488 -14.51 -36.76 8.91
N TYR A 1489 -15.64 -37.25 8.39
CA TYR A 1489 -16.40 -38.27 9.09
C TYR A 1489 -15.63 -39.59 9.13
N SER A 1490 -14.84 -39.88 8.10
CA SER A 1490 -14.06 -41.13 8.07
C SER A 1490 -13.16 -41.23 9.29
N LYS A 1491 -12.75 -40.10 9.85
CA LYS A 1491 -11.88 -40.05 11.02
C LYS A 1491 -12.66 -39.79 12.30
N ILE A 1492 -13.75 -39.02 12.23
CA ILE A 1492 -14.53 -38.73 13.43
C ILE A 1492 -15.36 -39.94 13.87
N GLY A 1493 -15.58 -40.90 12.98
CA GLY A 1493 -16.35 -42.08 13.33
C GLY A 1493 -15.63 -42.97 14.31
N PRO A 1494 -14.51 -43.58 13.87
CA PRO A 1494 -13.77 -44.45 14.78
C PRO A 1494 -13.30 -43.75 16.04
N ALA A 1495 -12.93 -42.46 15.93
CA ALA A 1495 -12.48 -41.73 17.10
C ALA A 1495 -13.59 -41.63 18.15
N LEU A 1496 -14.81 -41.32 17.71
CA LEU A 1496 -15.93 -41.21 18.65
C LEU A 1496 -16.32 -42.58 19.17
N LYS A 1497 -16.19 -43.62 18.35
CA LYS A 1497 -16.54 -44.96 18.81
C LYS A 1497 -15.55 -45.51 19.81
N THR A 1498 -14.28 -45.07 19.73
CA THR A 1498 -13.27 -45.54 20.66
C THR A 1498 -13.58 -45.13 22.10
N VAL A 1499 -14.01 -43.88 22.31
CA VAL A 1499 -14.33 -43.42 23.66
C VAL A 1499 -15.62 -44.03 24.18
N GLY A 1500 -16.44 -44.60 23.31
CA GLY A 1500 -17.70 -45.20 23.70
C GLY A 1500 -18.94 -44.52 23.16
N LEU A 1501 -18.81 -43.31 22.65
CA LEU A 1501 -19.97 -42.59 22.11
C LEU A 1501 -20.27 -43.08 20.69
N SER A 1502 -21.37 -42.58 20.13
CA SER A 1502 -21.79 -42.94 18.79
C SER A 1502 -22.03 -41.69 17.97
N LEU A 1503 -22.07 -41.87 16.65
CA LEU A 1503 -22.29 -40.73 15.75
C LEU A 1503 -23.69 -40.15 15.89
N ASP A 1504 -24.63 -40.91 16.46
CA ASP A 1504 -25.99 -40.41 16.63
C ASP A 1504 -26.08 -39.28 17.65
N VAL A 1505 -25.07 -39.13 18.51
CA VAL A 1505 -25.10 -38.08 19.52
C VAL A 1505 -24.99 -36.71 18.83
N SER A 1506 -25.60 -35.70 19.42
CA SER A 1506 -25.57 -34.36 18.87
C SER A 1506 -24.15 -33.82 18.87
N ARG A 1507 -23.87 -32.93 17.92
CA ARG A 1507 -22.54 -32.33 17.81
C ARG A 1507 -22.20 -31.52 19.04
N ARG A 1508 -23.19 -30.98 19.74
CA ARG A 1508 -22.92 -30.19 20.94
C ARG A 1508 -22.28 -31.03 22.03
N ASP A 1509 -22.74 -32.27 22.21
CA ASP A 1509 -22.19 -33.17 23.22
C ASP A 1509 -21.12 -34.06 22.60
N TRP A 1510 -20.00 -33.42 22.27
CA TRP A 1510 -18.86 -34.08 21.66
C TRP A 1510 -17.61 -33.75 22.46
N PRO A 1511 -16.78 -34.73 22.80
CA PRO A 1511 -15.57 -34.44 23.57
C PRO A 1511 -14.61 -33.54 22.79
N LEU A 1512 -13.93 -32.66 23.52
CA LEU A 1512 -12.99 -31.75 22.90
C LEU A 1512 -11.68 -32.44 22.51
N HIS A 1513 -11.22 -33.39 23.33
CA HIS A 1513 -9.97 -34.09 23.02
C HIS A 1513 -10.08 -34.87 21.72
N VAL A 1514 -11.24 -35.50 21.48
CA VAL A 1514 -11.42 -36.27 20.24
C VAL A 1514 -11.33 -35.35 19.03
N MET A 1515 -12.01 -34.19 19.10
CA MET A 1515 -11.97 -33.25 17.99
C MET A 1515 -10.56 -32.73 17.77
N LYS A 1516 -9.84 -32.43 18.86
CA LYS A 1516 -8.48 -31.93 18.71
C LYS A 1516 -7.58 -32.98 18.07
N ALA A 1517 -7.75 -34.25 18.49
CA ALA A 1517 -6.94 -35.32 17.92
C ALA A 1517 -7.22 -35.48 16.43
N VAL A 1518 -8.49 -35.43 16.04
CA VAL A 1518 -8.84 -35.56 14.63
C VAL A 1518 -8.25 -34.42 13.83
N LEU A 1519 -8.35 -33.19 14.36
CA LEU A 1519 -7.81 -32.04 13.66
C LEU A 1519 -6.30 -32.17 13.49
N GLU A 1520 -5.61 -32.60 14.54
CA GLU A 1520 -4.16 -32.76 14.47
C GLU A 1520 -3.79 -33.83 13.45
N GLU A 1521 -4.54 -34.93 13.42
CA GLU A 1521 -4.25 -35.99 12.47
C GLU A 1521 -4.47 -35.52 11.05
N LEU A 1522 -5.48 -34.67 10.83
CA LEU A 1522 -5.74 -34.17 9.50
C LEU A 1522 -4.72 -33.13 9.06
N MET A 1523 -4.21 -32.32 9.99
CA MET A 1523 -3.21 -31.31 9.63
C MET A 1523 -1.87 -31.95 9.27
N GLU A 1524 -1.53 -33.07 9.92
CA GLU A 1524 -0.26 -33.73 9.63
C GLU A 1524 -0.23 -34.36 8.25
N ALA A 1525 -1.39 -34.56 7.61
CA ALA A 1525 -1.41 -35.17 6.29
C ALA A 1525 -1.22 -34.13 5.20
N THR A 1526 -2.00 -33.04 5.23
CA THR A 1526 -1.87 -32.01 4.21
C THR A 1526 -0.57 -31.22 4.42
N PRO A 1527 0.10 -30.84 3.34
CA PRO A 1527 1.35 -30.09 3.48
C PRO A 1527 1.10 -28.59 3.45
N PRO A 1528 1.94 -27.81 4.11
CA PRO A 1528 1.76 -26.34 4.13
C PRO A 1528 2.48 -25.59 3.02
N ASN A 1529 2.99 -26.27 2.01
CA ASN A 1529 3.71 -25.63 0.91
C ASN A 1529 2.85 -25.43 -0.34
N LEU A 1530 1.52 -25.42 -0.20
CA LEU A 1530 0.69 -25.23 -1.38
C LEU A 1530 0.75 -23.78 -1.87
N LEU A 1531 0.28 -22.84 -1.06
CA LEU A 1531 0.30 -21.44 -1.45
C LEU A 1531 1.72 -20.88 -1.52
N ALA A 1532 2.58 -21.27 -0.57
CA ALA A 1532 3.95 -20.79 -0.57
C ALA A 1532 4.66 -21.15 -1.86
N LYS A 1533 4.62 -22.43 -2.25
CA LYS A 1533 5.28 -22.84 -3.48
C LYS A 1533 4.55 -22.34 -4.71
N GLU A 1534 3.23 -22.18 -4.64
CA GLU A 1534 2.48 -21.70 -5.79
C GLU A 1534 2.89 -20.28 -6.15
N LEU A 1535 2.98 -19.40 -5.14
CA LEU A 1535 3.37 -18.01 -5.41
C LEU A 1535 4.80 -17.96 -5.93
N TRP A 1536 5.68 -18.79 -5.36
CA TRP A 1536 7.08 -18.81 -5.78
C TRP A 1536 7.20 -19.26 -7.23
N SER A 1537 6.44 -20.28 -7.63
CA SER A 1537 6.50 -20.76 -9.01
C SER A 1537 5.85 -19.78 -9.97
N SER A 1538 4.87 -19.00 -9.50
CA SER A 1538 4.22 -18.05 -10.39
C SER A 1538 5.12 -16.87 -10.75
N CYS A 1539 6.01 -16.47 -9.84
CA CYS A 1539 6.90 -15.35 -10.12
C CYS A 1539 7.94 -15.74 -11.17
N THR A 1540 8.64 -14.72 -11.68
CA THR A 1540 9.67 -14.91 -12.69
C THR A 1540 11.09 -14.75 -12.17
N THR A 1541 11.35 -13.73 -11.34
CA THR A 1541 12.67 -13.48 -10.78
C THR A 1541 12.59 -13.34 -9.27
N PRO A 1542 13.70 -13.60 -8.57
CA PRO A 1542 13.67 -13.46 -7.10
C PRO A 1542 13.28 -12.06 -6.66
N ASP A 1543 13.70 -11.05 -7.42
CA ASP A 1543 13.35 -9.67 -7.07
C ASP A 1543 11.84 -9.50 -7.11
N GLU A 1544 11.17 -10.13 -8.08
CA GLU A 1544 9.73 -10.02 -8.20
C GLU A 1544 9.07 -10.88 -7.12
N TRP A 1545 9.72 -11.99 -6.75
CA TRP A 1545 9.16 -12.87 -5.72
C TRP A 1545 9.11 -12.13 -4.39
N TRP A 1546 10.14 -11.35 -4.08
CA TRP A 1546 10.15 -10.61 -2.83
C TRP A 1546 9.00 -9.61 -2.79
N ARG A 1547 8.78 -8.90 -3.90
CA ARG A 1547 7.70 -7.92 -3.96
C ARG A 1547 6.34 -8.60 -3.82
N VAL A 1548 6.16 -9.73 -4.50
CA VAL A 1548 4.89 -10.45 -4.42
C VAL A 1548 4.64 -10.93 -2.99
N THR A 1549 5.68 -11.46 -2.34
CA THR A 1549 5.52 -11.94 -0.97
C THR A 1549 5.15 -10.81 -0.03
N GLN A 1550 5.84 -9.67 -0.14
CA GLN A 1550 5.54 -8.54 0.73
C GLN A 1550 4.12 -8.04 0.48
N SER A 1551 3.72 -7.96 -0.78
CA SER A 1551 2.37 -7.50 -1.11
C SER A 1551 1.33 -8.44 -0.53
N TYR A 1552 1.58 -9.75 -0.63
CA TYR A 1552 0.64 -10.72 -0.10
C TYR A 1552 0.52 -10.59 1.41
N ALA A 1553 1.64 -10.41 2.09
CA ALA A 1553 1.61 -10.26 3.54
C ALA A 1553 0.82 -9.03 3.95
N ARG A 1554 1.08 -7.89 3.29
CA ARG A 1554 0.37 -6.67 3.63
C ARG A 1554 -1.12 -6.80 3.32
N SER A 1555 -1.45 -7.39 2.17
CA SER A 1555 -2.85 -7.56 1.81
C SER A 1555 -3.58 -8.45 2.80
N THR A 1556 -2.93 -9.55 3.21
CA THR A 1556 -3.54 -10.46 4.17
C THR A 1556 -3.78 -9.77 5.49
N ALA A 1557 -2.80 -8.98 5.96
CA ALA A 1557 -2.96 -8.29 7.23
C ALA A 1557 -4.09 -7.27 7.17
N VAL A 1558 -4.14 -6.48 6.09
CA VAL A 1558 -5.20 -5.48 5.94
C VAL A 1558 -6.57 -6.14 5.89
N MET A 1559 -6.70 -7.19 5.09
CA MET A 1559 -7.98 -7.87 4.98
C MET A 1559 -8.39 -8.52 6.29
N SER A 1560 -7.43 -9.10 7.02
CA SER A 1560 -7.76 -9.73 8.28
C SER A 1560 -8.26 -8.71 9.28
N MET A 1561 -7.60 -7.55 9.36
CA MET A 1561 -8.04 -6.51 10.29
C MET A 1561 -9.42 -5.98 9.90
N VAL A 1562 -9.64 -5.76 8.60
CA VAL A 1562 -10.94 -5.26 8.16
C VAL A 1562 -12.04 -6.27 8.48
N GLY A 1563 -11.78 -7.54 8.21
CA GLY A 1563 -12.78 -8.56 8.51
C GLY A 1563 -13.08 -8.67 9.99
N TYR A 1564 -12.04 -8.56 10.83
CA TYR A 1564 -12.25 -8.66 12.27
C TYR A 1564 -13.06 -7.48 12.77
N ILE A 1565 -12.75 -6.27 12.31
CA ILE A 1565 -13.50 -5.10 12.76
C ILE A 1565 -14.94 -5.16 12.28
N ILE A 1566 -15.15 -5.51 11.01
CA ILE A 1566 -16.51 -5.58 10.47
C ILE A 1566 -17.22 -6.83 10.97
N GLY A 1567 -16.54 -7.97 10.99
CA GLY A 1567 -17.12 -9.20 11.45
C GLY A 1567 -17.46 -10.18 10.35
N LEU A 1568 -16.66 -10.24 9.29
CA LEU A 1568 -16.91 -11.16 8.19
C LEU A 1568 -16.78 -12.61 8.63
N GLY A 1569 -17.71 -13.45 8.15
CA GLY A 1569 -17.72 -14.85 8.47
C GLY A 1569 -17.78 -15.71 7.23
N ASP A 1570 -17.84 -17.03 7.46
CA ASP A 1570 -17.91 -18.01 6.36
C ASP A 1570 -16.76 -17.81 5.39
N ARG A 1571 -15.56 -17.62 5.93
CA ARG A 1571 -14.36 -17.42 5.12
C ARG A 1571 -13.73 -18.76 4.74
N HIS A 1572 -14.43 -19.51 3.90
CA HIS A 1572 -13.89 -20.79 3.49
C HIS A 1572 -12.94 -20.59 2.30
N LEU A 1573 -12.38 -21.70 1.82
CA LEU A 1573 -11.46 -21.63 0.69
C LEU A 1573 -12.12 -21.07 -0.57
N ASP A 1574 -13.36 -21.48 -0.84
CA ASP A 1574 -14.05 -20.99 -2.03
C ASP A 1574 -14.40 -19.51 -1.94
N ASN A 1575 -14.41 -18.93 -0.74
CA ASN A 1575 -14.74 -17.52 -0.56
C ASN A 1575 -13.51 -16.61 -0.56
N VAL A 1576 -12.32 -17.17 -0.72
CA VAL A 1576 -11.09 -16.38 -0.73
C VAL A 1576 -10.39 -16.60 -2.07
N LEU A 1577 -10.11 -15.51 -2.77
CA LEU A 1577 -9.46 -15.53 -4.07
C LEU A 1577 -8.10 -14.87 -3.93
N ILE A 1578 -7.16 -15.24 -4.80
CA ILE A 1578 -5.82 -14.67 -4.77
C ILE A 1578 -5.41 -14.26 -6.18
N ASP A 1579 -4.76 -13.10 -6.27
CA ASP A 1579 -4.28 -12.54 -7.53
C ASP A 1579 -2.78 -12.84 -7.54
N MET A 1580 -2.39 -13.78 -8.41
CA MET A 1580 -0.98 -14.17 -8.52
C MET A 1580 -0.15 -13.14 -9.25
N THR A 1581 -0.76 -12.35 -10.14
CA THR A 1581 0.00 -11.33 -10.86
C THR A 1581 0.61 -10.33 -9.89
N THR A 1582 -0.17 -9.94 -8.87
CA THR A 1582 0.27 -9.00 -7.86
C THR A 1582 0.25 -9.61 -6.47
N GLY A 1583 -0.22 -10.84 -6.33
CA GLY A 1583 -0.28 -11.50 -5.03
C GLY A 1583 -1.15 -10.79 -4.03
N GLU A 1584 -2.42 -10.55 -4.36
CA GLU A 1584 -3.34 -9.87 -3.45
C GLU A 1584 -4.50 -10.78 -3.07
N VAL A 1585 -5.03 -10.56 -1.86
CA VAL A 1585 -6.15 -11.34 -1.34
C VAL A 1585 -7.44 -10.61 -1.64
N VAL A 1586 -8.45 -11.33 -2.12
CA VAL A 1586 -9.76 -10.78 -2.46
C VAL A 1586 -10.86 -11.64 -1.86
N HIS A 1587 -11.93 -11.01 -1.43
CA HIS A 1587 -13.09 -11.68 -0.83
C HIS A 1587 -14.30 -11.35 -1.69
N ILE A 1588 -15.17 -12.33 -1.92
CA ILE A 1588 -16.37 -12.13 -2.74
C ILE A 1588 -17.65 -12.21 -1.92
N ASP A 1589 -17.94 -13.36 -1.30
CA ASP A 1589 -19.16 -13.49 -0.52
C ASP A 1589 -19.15 -12.61 0.72
N TYR A 1590 -20.31 -12.00 1.00
CA TYR A 1590 -20.47 -11.12 2.15
C TYR A 1590 -21.83 -11.32 2.82
N ASN A 1591 -22.48 -12.47 2.60
CA ASN A 1591 -23.78 -12.72 3.22
C ASN A 1591 -23.65 -12.79 4.74
N VAL A 1592 -22.75 -13.64 5.22
CA VAL A 1592 -22.55 -13.78 6.66
C VAL A 1592 -21.61 -12.66 7.11
N CYS A 1593 -22.15 -11.69 7.82
CA CYS A 1593 -21.36 -10.57 8.30
C CYS A 1593 -22.04 -9.97 9.53
N PHE A 1594 -21.30 -9.08 10.20
CA PHE A 1594 -21.78 -8.39 11.40
C PHE A 1594 -22.07 -9.38 12.53
N GLU A 1595 -21.10 -10.24 12.82
CA GLU A 1595 -21.19 -11.26 13.85
C GLU A 1595 -22.32 -12.25 13.62
N LYS A 1596 -22.71 -12.46 12.37
CA LYS A 1596 -23.79 -13.40 12.07
C LYS A 1596 -23.36 -14.86 12.18
N GLY A 1597 -22.06 -15.13 12.01
CA GLY A 1597 -21.57 -16.49 12.09
C GLY A 1597 -21.63 -17.11 13.48
N LYS A 1598 -21.66 -16.29 14.53
CA LYS A 1598 -21.72 -16.82 15.88
C LYS A 1598 -23.09 -17.40 16.22
N SER A 1599 -24.13 -17.06 15.47
CA SER A 1599 -25.48 -17.56 15.71
C SER A 1599 -25.87 -18.68 14.77
N LEU A 1600 -24.94 -19.22 14.00
CA LEU A 1600 -25.27 -20.30 13.07
C LEU A 1600 -25.38 -21.62 13.83
N ARG A 1601 -25.71 -22.68 13.08
CA ARG A 1601 -25.86 -23.99 13.69
C ARG A 1601 -24.53 -24.46 14.28
N VAL A 1602 -23.43 -24.14 13.63
CA VAL A 1602 -22.08 -24.49 14.07
C VAL A 1602 -21.36 -23.16 14.19
N PRO A 1603 -21.44 -22.50 15.35
CA PRO A 1603 -20.76 -21.21 15.53
C PRO A 1603 -19.26 -21.22 15.27
N GLU A 1604 -18.72 -20.05 14.97
CA GLU A 1604 -17.31 -19.86 14.70
C GLU A 1604 -16.75 -18.88 15.72
N LYS A 1605 -15.58 -19.19 16.27
CA LYS A 1605 -14.95 -18.34 17.26
C LYS A 1605 -13.75 -17.56 16.73
N VAL A 1606 -13.10 -18.03 15.68
CA VAL A 1606 -11.94 -17.31 15.15
C VAL A 1606 -12.40 -16.02 14.49
N PRO A 1607 -11.64 -14.92 14.61
CA PRO A 1607 -12.09 -13.68 13.97
C PRO A 1607 -11.89 -13.69 12.47
N PHE A 1608 -10.76 -14.22 11.99
CA PHE A 1608 -10.46 -14.30 10.58
C PHE A 1608 -9.83 -15.65 10.30
N ARG A 1609 -9.66 -15.97 9.02
CA ARG A 1609 -9.08 -17.25 8.63
C ARG A 1609 -7.56 -17.16 8.67
N MET A 1610 -6.95 -18.05 9.46
CA MET A 1610 -5.49 -18.11 9.61
C MET A 1610 -5.18 -19.58 9.89
N THR A 1611 -4.87 -20.31 8.83
CA THR A 1611 -4.56 -21.72 8.92
C THR A 1611 -3.09 -21.99 8.64
N GLN A 1612 -2.76 -23.28 8.56
CA GLN A 1612 -1.40 -23.72 8.30
C GLN A 1612 -0.81 -23.11 7.02
N ASN A 1613 -1.53 -23.23 5.90
CA ASN A 1613 -1.05 -22.68 4.64
C ASN A 1613 -1.02 -21.15 4.63
N ILE A 1614 -2.06 -20.51 5.17
CA ILE A 1614 -2.10 -19.05 5.21
C ILE A 1614 -0.92 -18.50 5.98
N GLU A 1615 -0.59 -19.12 7.12
CA GLU A 1615 0.53 -18.65 7.92
C GLU A 1615 1.87 -19.02 7.29
N THR A 1616 1.96 -20.20 6.68
CA THR A 1616 3.20 -20.63 6.05
C THR A 1616 3.56 -19.76 4.85
N ALA A 1617 2.56 -19.22 4.13
CA ALA A 1617 2.85 -18.39 2.98
C ALA A 1617 3.41 -17.03 3.34
N LEU A 1618 3.41 -16.65 4.62
CA LEU A 1618 3.94 -15.36 5.04
C LEU A 1618 5.46 -15.35 5.23
N GLY A 1619 6.08 -16.52 5.31
CA GLY A 1619 7.52 -16.61 5.49
C GLY A 1619 7.88 -17.53 6.63
N VAL A 1620 9.18 -17.57 6.93
CA VAL A 1620 9.67 -18.42 8.02
C VAL A 1620 9.28 -17.86 9.37
N THR A 1621 9.21 -16.53 9.49
CA THR A 1621 8.84 -15.92 10.77
C THR A 1621 7.40 -16.23 11.14
N GLY A 1622 6.47 -16.00 10.21
CA GLY A 1622 5.08 -16.27 10.48
C GLY A 1622 4.24 -15.02 10.65
N VAL A 1623 3.68 -14.82 11.84
CA VAL A 1623 2.85 -13.66 12.12
C VAL A 1623 3.59 -12.70 13.04
N GLU A 1624 4.90 -12.85 13.14
CA GLU A 1624 5.73 -11.99 13.99
C GLU A 1624 6.54 -10.97 13.21
N GLY A 1625 6.46 -10.97 11.89
CA GLY A 1625 7.21 -10.01 11.11
C GLY A 1625 6.43 -8.86 10.52
N VAL A 1626 6.34 -8.81 9.20
CA VAL A 1626 5.60 -7.74 8.53
C VAL A 1626 4.11 -7.84 8.79
N PHE A 1627 3.60 -9.06 9.05
CA PHE A 1627 2.17 -9.24 9.31
C PHE A 1627 1.72 -8.48 10.56
N ARG A 1628 2.41 -8.69 11.69
CA ARG A 1628 2.03 -8.01 12.92
C ARG A 1628 2.17 -6.50 12.81
N LEU A 1629 3.27 -6.02 12.21
CA LEU A 1629 3.45 -4.57 12.08
C LEU A 1629 2.37 -3.98 11.19
N SER A 1630 2.02 -4.67 10.10
CA SER A 1630 1.00 -4.16 9.21
C SER A 1630 -0.35 -4.12 9.92
N CYS A 1631 -0.65 -5.15 10.71
CA CYS A 1631 -1.91 -5.16 11.45
C CYS A 1631 -1.97 -4.01 12.43
N GLU A 1632 -0.85 -3.75 13.12
CA GLU A 1632 -0.81 -2.65 14.08
C GLU A 1632 -1.02 -1.31 13.39
N GLN A 1633 -0.37 -1.12 12.23
CA GLN A 1633 -0.52 0.13 11.50
C GLN A 1633 -1.96 0.31 11.03
N VAL A 1634 -2.58 -0.78 10.55
CA VAL A 1634 -3.97 -0.69 10.09
C VAL A 1634 -4.88 -0.33 11.23
N LEU A 1635 -4.68 -0.95 12.40
CA LEU A 1635 -5.53 -0.63 13.54
C LEU A 1635 -5.32 0.81 13.99
N HIS A 1636 -4.08 1.30 13.92
CA HIS A 1636 -3.82 2.67 14.33
C HIS A 1636 -4.56 3.65 13.42
N ILE A 1637 -4.50 3.39 12.10
CA ILE A 1637 -5.18 4.24 11.14
C ILE A 1637 -6.69 4.20 11.37
N MET A 1638 -7.23 3.00 11.61
CA MET A 1638 -8.67 2.87 11.84
C MET A 1638 -9.10 3.60 13.12
N ARG A 1639 -8.29 3.49 14.17
CA ARG A 1639 -8.62 4.15 15.43
C ARG A 1639 -8.59 5.67 15.28
N ARG A 1640 -7.62 6.18 14.52
CA ARG A 1640 -7.53 7.62 14.34
C ARG A 1640 -8.76 8.18 13.63
N GLY A 1641 -9.23 7.50 12.59
CA GLY A 1641 -10.41 7.94 11.86
C GLY A 1641 -11.67 7.14 12.09
N ARG A 1642 -11.95 6.79 13.35
CA ARG A 1642 -13.14 6.02 13.66
C ARG A 1642 -14.42 6.86 13.67
N GLU A 1643 -14.32 8.17 13.78
CA GLU A 1643 -15.51 9.02 13.78
C GLU A 1643 -16.26 8.92 12.46
N THR A 1644 -15.54 9.03 11.34
CA THR A 1644 -16.20 8.95 10.04
C THR A 1644 -16.79 7.56 9.82
N LEU A 1645 -16.08 6.51 10.26
CA LEU A 1645 -16.59 5.15 10.08
C LEU A 1645 -17.88 4.97 10.87
N LEU A 1646 -17.90 5.47 12.11
CA LEU A 1646 -19.10 5.35 12.93
C LEU A 1646 -20.25 6.12 12.31
N THR A 1647 -19.96 7.30 11.76
CA THR A 1647 -21.01 8.10 11.14
C THR A 1647 -21.58 7.38 9.93
N LEU A 1648 -20.70 6.78 9.12
CA LEU A 1648 -21.16 6.05 7.93
C LEU A 1648 -22.02 4.87 8.35
N LEU A 1649 -21.60 4.14 9.39
CA LEU A 1649 -22.38 2.99 9.84
C LEU A 1649 -23.75 3.46 10.34
N GLU A 1650 -23.77 4.58 11.08
CA GLU A 1650 -25.04 5.09 11.58
C GLU A 1650 -25.95 5.44 10.43
N ALA A 1651 -25.39 6.02 9.36
CA ALA A 1651 -26.20 6.37 8.21
C ALA A 1651 -26.75 5.11 7.56
N PHE A 1652 -25.93 4.05 7.52
CA PHE A 1652 -26.37 2.80 6.93
C PHE A 1652 -27.52 2.20 7.73
N VAL A 1653 -27.48 2.38 9.06
CA VAL A 1653 -28.53 1.84 9.92
C VAL A 1653 -29.88 2.47 9.57
N TYR A 1654 -29.92 3.79 9.46
CA TYR A 1654 -31.16 4.50 9.12
C TYR A 1654 -31.30 4.61 7.60
N ASP A 1655 -31.53 3.46 6.98
CA ASP A 1655 -31.70 3.37 5.54
C ASP A 1655 -32.98 2.58 5.28
N PRO A 1656 -34.02 3.19 4.69
CA PRO A 1656 -35.26 2.44 4.43
C PRO A 1656 -35.12 1.37 3.37
N LEU A 1657 -34.07 1.41 2.55
CA LEU A 1657 -33.87 0.41 1.50
C LEU A 1657 -32.96 -0.73 1.94
N VAL A 1658 -32.53 -0.75 3.21
CA VAL A 1658 -31.66 -1.79 3.73
C VAL A 1658 -32.48 -2.70 4.63
N ASP A 1659 -32.49 -3.99 4.31
CA ASP A 1659 -33.23 -5.00 5.07
C ASP A 1659 -32.22 -5.74 5.94
N TRP A 1660 -32.18 -5.38 7.23
CA TRP A 1660 -31.24 -6.02 8.15
C TRP A 1660 -31.67 -7.45 8.47
N THR A 1661 -32.96 -7.65 8.73
CA THR A 1661 -33.48 -8.98 9.06
C THR A 1661 -33.75 -9.76 7.76
N ALA A 1662 -32.67 -10.13 7.10
CA ALA A 1662 -32.74 -10.88 5.85
C ALA A 1662 -31.46 -11.67 5.61
N SER A 2842 -34.14 -4.14 17.17
CA SER A 2842 -32.98 -3.33 17.47
C SER A 2842 -31.70 -4.06 17.08
N TYR A 2843 -31.75 -4.76 15.95
CA TYR A 2843 -30.58 -5.50 15.48
C TYR A 2843 -29.50 -4.56 14.97
N ALA A 2844 -29.90 -3.53 14.21
CA ALA A 2844 -28.94 -2.57 13.67
C ALA A 2844 -28.22 -1.83 14.79
N VAL A 2845 -28.97 -1.47 15.85
CA VAL A 2845 -28.36 -0.76 16.97
C VAL A 2845 -27.31 -1.64 17.63
N SER A 2846 -27.63 -2.93 17.81
CA SER A 2846 -26.68 -3.84 18.43
C SER A 2846 -25.44 -3.99 17.57
N VAL A 2847 -25.61 -4.06 16.25
CA VAL A 2847 -24.47 -4.20 15.35
C VAL A 2847 -23.58 -2.96 15.45
N TRP A 2848 -24.21 -1.78 15.46
CA TRP A 2848 -23.45 -0.54 15.57
C TRP A 2848 -22.69 -0.48 16.88
N LYS A 2849 -23.34 -0.90 17.97
CA LYS A 2849 -22.68 -0.88 19.27
C LYS A 2849 -21.48 -1.83 19.28
N ARG A 2850 -21.63 -3.01 18.68
CA ARG A 2850 -20.53 -3.97 18.64
C ARG A 2850 -19.36 -3.41 17.85
N VAL A 2851 -19.65 -2.78 16.70
CA VAL A 2851 -18.58 -2.21 15.88
C VAL A 2851 -17.87 -1.10 16.64
N LYS A 2852 -18.64 -0.25 17.33
CA LYS A 2852 -18.05 0.84 18.08
C LYS A 2852 -17.17 0.31 19.20
N ALA A 2853 -17.64 -0.74 19.89
CA ALA A 2853 -16.85 -1.32 20.98
C ALA A 2853 -15.54 -1.91 20.44
N LYS A 2854 -15.60 -2.57 19.30
CA LYS A 2854 -14.40 -3.15 18.72
C LYS A 2854 -13.41 -2.06 18.31
N LEU A 2855 -13.92 -0.97 17.72
CA LEU A 2855 -13.04 0.12 17.29
C LEU A 2855 -12.46 0.87 18.49
N GLU A 2856 -13.18 0.95 19.59
CA GLU A 2856 -12.70 1.65 20.78
C GLU A 2856 -11.71 0.83 21.61
N GLY A 2857 -11.58 -0.46 21.35
CA GLY A 2857 -10.67 -1.30 22.10
C GLY A 2857 -11.27 -2.00 23.29
N ARG A 2858 -12.60 -2.05 23.40
CA ARG A 2858 -13.29 -2.71 24.51
C ARG A 2858 -14.12 -3.89 24.02
N ASP A 2859 -13.55 -4.69 23.11
CA ASP A 2859 -14.27 -5.84 22.59
C ASP A 2859 -14.36 -6.97 23.60
N VAL A 2860 -13.27 -7.28 24.30
CA VAL A 2860 -13.30 -8.35 25.29
C VAL A 2860 -13.75 -7.84 26.64
N ASP A 2861 -13.19 -6.74 27.12
CA ASP A 2861 -13.56 -6.17 28.41
C ASP A 2861 -13.93 -4.71 28.25
N PRO A 2862 -15.16 -4.31 28.58
CA PRO A 2862 -15.53 -2.90 28.43
C PRO A 2862 -14.92 -1.99 29.49
N ASN A 2863 -14.49 -2.55 30.63
CA ASN A 2863 -13.90 -1.73 31.68
C ASN A 2863 -12.48 -1.29 31.34
N ARG A 2864 -11.68 -2.17 30.75
CA ARG A 2864 -10.31 -1.85 30.38
C ARG A 2864 -10.18 -1.73 28.86
N ARG A 2865 -9.46 -0.71 28.41
CA ARG A 2865 -9.25 -0.46 26.98
C ARG A 2865 -7.86 -0.95 26.61
N MET A 2866 -7.80 -1.99 25.79
CA MET A 2866 -6.51 -2.52 25.37
C MET A 2866 -5.86 -1.61 24.32
N SER A 2867 -4.56 -1.80 24.14
CA SER A 2867 -3.80 -1.03 23.19
C SER A 2867 -3.81 -1.74 21.84
N VAL A 2868 -3.18 -1.10 20.85
CA VAL A 2868 -3.14 -1.70 19.52
C VAL A 2868 -2.35 -3.02 19.55
N ALA A 2869 -1.19 -3.01 20.22
CA ALA A 2869 -0.38 -4.22 20.30
C ALA A 2869 -1.12 -5.33 21.05
N GLU A 2870 -1.75 -4.98 22.17
CA GLU A 2870 -2.48 -5.98 22.94
C GLU A 2870 -3.64 -6.55 22.13
N GLN A 2871 -4.38 -5.70 21.43
CA GLN A 2871 -5.50 -6.16 20.63
C GLN A 2871 -5.03 -7.09 19.51
N VAL A 2872 -3.94 -6.71 18.84
CA VAL A 2872 -3.43 -7.54 17.76
C VAL A 2872 -2.98 -8.90 18.29
N ASP A 2873 -2.27 -8.90 19.42
CA ASP A 2873 -1.80 -10.15 20.00
C ASP A 2873 -2.96 -11.04 20.42
N TYR A 2874 -3.98 -10.45 21.06
CA TYR A 2874 -5.13 -11.23 21.50
C TYR A 2874 -5.88 -11.83 20.32
N VAL A 2875 -6.09 -11.03 19.26
CA VAL A 2875 -6.79 -11.54 18.09
C VAL A 2875 -5.99 -12.64 17.41
N ILE A 2876 -4.66 -12.46 17.29
CA ILE A 2876 -3.84 -13.48 16.66
C ILE A 2876 -3.87 -14.77 17.46
N LYS A 2877 -3.78 -14.67 18.79
CA LYS A 2877 -3.81 -15.87 19.61
C LYS A 2877 -5.16 -16.57 19.51
N GLU A 2878 -6.24 -15.79 19.45
CA GLU A 2878 -7.56 -16.40 19.34
C GLU A 2878 -7.78 -17.06 17.98
N ALA A 2879 -7.17 -16.52 16.93
CA ALA A 2879 -7.32 -17.09 15.59
C ALA A 2879 -6.30 -18.17 15.27
N THR A 2880 -5.25 -18.34 16.08
CA THR A 2880 -4.24 -19.35 15.83
C THR A 2880 -4.27 -20.54 16.78
N ASN A 2881 -5.04 -20.47 17.87
CA ASN A 2881 -5.08 -21.59 18.80
C ASN A 2881 -5.85 -22.78 18.19
N LEU A 2882 -5.45 -23.99 18.58
CA LEU A 2882 -6.09 -25.19 18.09
C LEU A 2882 -7.42 -25.50 18.76
N ASP A 2883 -7.66 -24.96 19.96
CA ASP A 2883 -8.92 -25.22 20.65
C ASP A 2883 -10.12 -24.71 19.86
N ASN A 2884 -10.01 -23.51 19.28
CA ASN A 2884 -11.11 -22.95 18.51
C ASN A 2884 -11.22 -23.60 17.13
N LEU A 2885 -10.08 -23.97 16.54
CA LEU A 2885 -10.09 -24.59 15.22
C LEU A 2885 -10.66 -26.00 15.28
N ALA A 2886 -10.49 -26.69 16.41
CA ALA A 2886 -11.00 -28.05 16.54
C ALA A 2886 -12.52 -28.10 16.46
N GLN A 2887 -13.21 -27.16 17.12
CA GLN A 2887 -14.67 -27.10 17.12
C GLN A 2887 -15.12 -26.09 16.08
N LEU A 2888 -15.21 -26.54 14.83
CA LEU A 2888 -15.63 -25.69 13.72
C LEU A 2888 -16.32 -26.55 12.67
N TYR A 2889 -17.03 -25.89 11.77
CA TYR A 2889 -17.74 -26.60 10.71
C TYR A 2889 -16.74 -27.29 9.79
N GLU A 2890 -17.08 -28.51 9.39
CA GLU A 2890 -16.22 -29.27 8.50
C GLU A 2890 -16.07 -28.60 7.14
N GLY A 2891 -17.05 -27.80 6.74
CA GLY A 2891 -16.97 -27.12 5.47
C GLY A 2891 -15.98 -25.99 5.40
N TRP A 2892 -15.55 -25.47 6.56
CA TRP A 2892 -14.59 -24.37 6.57
C TRP A 2892 -13.19 -24.87 6.23
N THR A 2893 -12.96 -26.18 6.36
CA THR A 2893 -11.70 -26.87 6.07
C THR A 2893 -10.52 -26.22 6.82
N ALA A 2894 -10.55 -26.41 8.14
CA ALA A 2894 -9.52 -25.87 9.02
C ALA A 2894 -8.17 -26.58 8.90
N TRP A 2895 -8.11 -27.74 8.24
CA TRP A 2895 -6.86 -28.47 8.11
C TRP A 2895 -6.02 -28.02 6.92
N VAL A 2896 -6.26 -26.83 6.38
CA VAL A 2896 -5.48 -26.35 5.23
C VAL A 2896 -5.58 -24.83 5.16
C1 IHP B . 4.95 16.78 9.31
C2 IHP B . 4.98 17.78 8.15
C3 IHP B . 3.84 17.58 7.15
C4 IHP B . 2.52 17.20 7.84
C5 IHP B . 2.65 15.81 8.49
C6 IHP B . 4.05 15.53 9.07
O11 IHP B . 6.27 16.33 9.53
P1 IHP B . 6.81 16.19 11.08
O21 IHP B . 6.50 17.46 11.84
O31 IHP B . 6.14 15.01 11.75
O41 IHP B . 8.31 15.97 11.06
O12 IHP B . 6.20 17.64 7.46
P2 IHP B . 7.17 18.96 7.29
O22 IHP B . 7.43 19.58 8.64
O32 IHP B . 8.49 18.54 6.68
O42 IHP B . 6.50 19.97 6.39
O13 IHP B . 3.73 18.68 6.26
P3 IHP B . 3.08 20.15 6.69
O23 IHP B . 3.42 20.51 8.12
O33 IHP B . 3.64 21.21 5.78
O43 IHP B . 1.58 20.10 6.53
O14 IHP B . 2.18 18.14 8.85
P4 IHP B . 0.60 18.55 9.07
O24 IHP B . 0.06 17.83 10.28
O34 IHP B . 0.48 20.04 9.26
O44 IHP B . -0.20 18.13 7.86
O15 IHP B . 1.62 15.66 9.44
P5 IHP B . 1.80 14.96 10.93
O25 IHP B . 2.65 15.83 11.83
O35 IHP B . 0.43 14.82 11.55
O45 IHP B . 2.40 13.58 10.81
O16 IHP B . 4.73 14.65 8.22
P6 IHP B . 4.73 13.04 8.59
O26 IHP B . 3.36 12.47 8.34
O36 IHP B . 5.74 12.32 7.73
O46 IHP B . 5.09 12.88 10.05
C10 88C C . -15.47 -16.21 -9.18
N12 88C C . -14.73 -13.79 -9.17
C13 88C C . -15.85 -13.15 -8.57
C15 88C C . -16.92 -11.16 -8.12
C17 88C C . -17.86 -13.19 -7.39
C20 88C C . -20.14 -15.90 -6.16
C22 88C C . -20.84 -13.93 -5.16
C24 88C C . -21.64 -12.02 -3.70
C26 88C C . -23.75 -12.13 -2.45
C28 88C C . -25.55 -12.29 -0.56
C01 88C C . -17.21 -19.45 -5.64
C02 88C C . -15.91 -19.44 -6.44
C04 88C C . -15.97 -21.36 -8.02
C05 88C C . -14.57 -21.99 -7.93
C09 88C C . -15.28 -17.59 -9.41
C11 88C C . -14.51 -15.20 -9.44
C16 88C C . -17.95 -11.80 -7.45
C18 88C C . -18.95 -13.90 -6.67
C19 88C C . -19.10 -15.26 -6.85
C23 88C C . -21.81 -13.30 -4.24
C25 88C C . -22.58 -11.46 -2.84
C31 88C C . -26.74 -10.16 0.10
C32 88C C . -23.91 -13.41 -3.00
C33 88C C . -22.97 -13.98 -3.87
C34 88C C . -19.82 -13.22 -5.82
C36 88C C . -13.27 -15.59 -9.97
C37 88C C . -13.05 -16.95 -10.23
C38 88C C . -14.03 -17.89 -9.95
N03 88C C . -16.01 -19.87 -7.86
N14 88C C . -15.85 -11.77 -8.69
N21 88C C . -21.00 -15.27 -5.33
N27 88C C . -24.77 -11.58 -1.55
N30 88C C . -26.51 -11.62 0.23
N35 88C C . -16.84 -13.89 -7.93
O07 88C C . -16.63 -19.62 -10.27
O08 88C C . -17.73 -18.25 -8.64
O29 88C C . -25.40 -13.50 -0.41
S06 88C C . -16.52 -18.85 -9.08
CL39 88C C . -13.61 -19.53 -10.31
#